data_8BDN
#
_entry.id   8BDN
#
_cell.length_a   93.173
_cell.length_b   93.173
_cell.length_c   358.850
_cell.angle_alpha   90.000
_cell.angle_beta   90.000
_cell.angle_gamma   90.000
#
_symmetry.space_group_name_H-M   'P 41 2 2'
#
loop_
_entity.id
_entity.type
_entity.pdbx_description
1 polymer Elongin-B
2 polymer Elongin-C
3 polymer 'von Hippel-Lindau disease tumor suppressor'
4 non-polymer (2~{R})-3-methyl-1-[(2~{S},4~{R})-2-[(5~{R})-5-methyl-5-[4-(4-methyl-1,3-thiazol-5-yl)phenyl]-4~{H}-1,2,4-oxadiazol-3-yl]-4-oxidanyl-pyrrolidin-1-yl]-2-(3-methyl-1,2-oxazol-5-yl)butan-1-one
5 water water
#
loop_
_entity_poly.entity_id
_entity_poly.type
_entity_poly.pdbx_seq_one_letter_code
_entity_poly.pdbx_strand_id
1 'polypeptide(L)'
;MDVFLMIRRHKTTIFTDAKESSTVFELKRIVEGILKRPPDEQRLYKDDQLLDDGKTLGECGFTSQTARPQAPATVGLAFR
ADDTFEAL(CAS)IEPFSSPPELPDVMK
;
A,D,G,J
2 'polypeptide(L)'
;MMYVKLISSDGHEFIVKREHALTSGTIKAMLSGPGQFAENETNEVNFREIPSHVLSKVCMYFTYKVRYTNSSTEIPEFPI
APEIALELLMAANFLDC
;
B,E,H,K
3 'polypeptide(L)'
;GSMEAGRPRPVLRSVNSREPSQVIF(CAS)NRSPRVVLPVWLNFDGEPQPYPTLPPGTGRRIHSYRGHLWLFRDAGTHDG
LLVNQTELFVPSLNVDGQPIFANITLPVYTLKERCLQVVRSLVKPENYRRLDIVRSLYEDLEDHPNVQKDLERLTQERIA
HQRMGD
;
C,F,I,L
#
# COMPACT_ATOMS: atom_id res chain seq x y z
N MET A 1 23.40 -11.20 -0.09
CA MET A 1 22.20 -10.99 0.73
C MET A 1 22.13 -12.11 1.78
N ASP A 2 22.29 -11.71 3.04
CA ASP A 2 21.83 -12.49 4.17
C ASP A 2 20.32 -12.50 4.30
N VAL A 3 19.79 -13.68 4.61
CA VAL A 3 18.42 -13.87 5.05
C VAL A 3 18.41 -14.35 6.50
N PHE A 4 17.37 -13.95 7.24
CA PHE A 4 17.26 -14.19 8.67
C PHE A 4 16.09 -15.11 9.00
N LEU A 5 16.34 -16.19 9.75
CA LEU A 5 15.40 -17.31 9.80
C LEU A 5 15.03 -17.64 11.22
N MET A 6 13.85 -18.23 11.37
CA MET A 6 13.44 -18.97 12.57
C MET A 6 13.21 -20.41 12.18
N ILE A 7 14.03 -21.32 12.70
CA ILE A 7 13.86 -22.75 12.49
C ILE A 7 13.10 -23.31 13.69
N ARG A 8 11.90 -23.82 13.46
CA ARG A 8 10.96 -24.07 14.55
C ARG A 8 10.50 -25.52 14.53
N ARG A 9 10.55 -26.17 15.69
CA ARG A 9 10.00 -27.50 15.88
C ARG A 9 9.50 -27.65 17.31
N HIS A 10 8.23 -28.04 17.46
CA HIS A 10 7.57 -28.18 18.75
C HIS A 10 7.71 -26.89 19.55
N LYS A 11 8.45 -26.89 20.67
CA LYS A 11 8.63 -25.64 21.41
C LYS A 11 10.03 -25.08 21.28
N THR A 12 10.76 -25.44 20.24
CA THR A 12 12.10 -24.93 20.02
C THR A 12 12.09 -24.02 18.80
N THR A 13 12.73 -22.87 18.94
CA THR A 13 12.85 -21.90 17.86
C THR A 13 14.29 -21.44 17.84
N ILE A 14 14.95 -21.68 16.71
CA ILE A 14 16.34 -21.25 16.48
C ILE A 14 16.35 -19.96 15.66
N PHE A 15 17.01 -18.94 16.20
CA PHE A 15 17.26 -17.71 15.44
C PHE A 15 18.62 -17.83 14.77
N THR A 16 18.64 -17.72 13.44
CA THR A 16 19.90 -17.79 12.71
C THR A 16 19.78 -17.08 11.36
N ASP A 17 20.93 -16.84 10.74
CA ASP A 17 21.03 -16.27 9.40
C ASP A 17 21.81 -17.16 8.45
N ALA A 18 21.64 -16.91 7.16
CA ALA A 18 22.35 -17.64 6.12
C ALA A 18 22.37 -16.79 4.86
N LYS A 19 23.23 -17.17 3.92
CA LYS A 19 23.25 -16.49 2.64
C LYS A 19 22.07 -16.99 1.82
N GLU A 20 21.42 -16.06 1.13
CA GLU A 20 20.37 -16.41 0.17
C GLU A 20 20.87 -17.47 -0.82
N SER A 21 22.16 -17.44 -1.15
CA SER A 21 22.76 -18.40 -2.08
C SER A 21 23.10 -19.74 -1.45
N SER A 22 23.04 -19.88 -0.13
CA SER A 22 23.32 -21.18 0.46
C SER A 22 22.14 -22.13 0.26
N THR A 23 22.39 -23.42 0.44
CA THR A 23 21.41 -24.45 0.12
C THR A 23 20.71 -24.91 1.38
N VAL A 24 19.58 -25.61 1.19
CA VAL A 24 18.90 -26.26 2.31
C VAL A 24 19.84 -27.19 3.05
N PHE A 25 20.63 -27.96 2.32
CA PHE A 25 21.56 -28.87 2.99
C PHE A 25 22.52 -28.11 3.89
N GLU A 26 23.06 -26.97 3.43
CA GLU A 26 23.97 -26.20 4.27
C GLU A 26 23.26 -25.70 5.52
N LEU A 27 21.97 -25.35 5.38
CA LEU A 27 21.19 -24.99 6.54
C LEU A 27 21.01 -26.18 7.44
N LYS A 28 20.88 -27.38 6.87
CA LYS A 28 20.80 -28.57 7.72
C LYS A 28 22.09 -28.74 8.51
N ARG A 29 23.23 -28.38 7.94
CA ARG A 29 24.46 -28.47 8.72
C ARG A 29 24.46 -27.51 9.91
N ILE A 30 23.89 -26.31 9.75
CA ILE A 30 23.80 -25.39 10.89
C ILE A 30 22.98 -25.96 12.03
N VAL A 31 21.76 -26.47 11.74
CA VAL A 31 20.98 -27.04 12.84
C VAL A 31 21.68 -28.25 13.46
N GLU A 32 22.26 -29.17 12.68
CA GLU A 32 22.97 -30.24 13.41
C GLU A 32 24.09 -29.69 14.26
N GLY A 33 24.80 -28.66 13.83
CA GLY A 33 25.79 -28.14 14.75
C GLY A 33 25.16 -27.64 16.05
N ILE A 34 23.88 -27.24 16.02
CA ILE A 34 23.16 -26.67 17.18
C ILE A 34 22.36 -27.73 17.93
N LEU A 35 21.55 -28.52 17.23
CA LEU A 35 20.61 -29.46 17.84
C LEU A 35 21.12 -30.89 17.80
N LYS A 36 22.29 -31.10 17.24
CA LYS A 36 23.03 -32.36 17.27
C LYS A 36 22.23 -33.51 16.62
N ARG A 37 21.71 -33.29 15.39
CA ARG A 37 20.96 -34.32 14.57
C ARG A 37 21.36 -34.29 13.08
N PRO A 38 21.77 -35.41 12.49
CA PRO A 38 22.34 -35.35 11.09
C PRO A 38 21.31 -34.94 10.02
N PRO A 39 21.73 -34.41 8.85
CA PRO A 39 20.74 -33.93 7.85
C PRO A 39 19.75 -34.97 7.43
N ASP A 40 20.23 -36.22 7.36
CA ASP A 40 19.33 -37.26 6.95
C ASP A 40 18.36 -37.62 8.00
N GLU A 41 18.51 -37.01 9.17
CA GLU A 41 17.55 -37.12 10.23
C GLU A 41 16.71 -35.85 10.34
N GLN A 42 16.83 -34.92 9.39
CA GLN A 42 16.15 -33.65 9.45
C GLN A 42 15.28 -33.48 8.21
N ARG A 43 14.16 -32.87 8.40
CA ARG A 43 13.39 -32.36 7.29
C ARG A 43 13.09 -30.90 7.48
N LEU A 44 13.36 -30.09 6.47
CA LEU A 44 13.09 -28.65 6.52
C LEU A 44 11.88 -28.32 5.65
N TYR A 45 11.06 -27.37 6.12
CA TYR A 45 9.81 -27.04 5.48
C TYR A 45 9.74 -25.54 5.27
N LYS A 46 9.09 -25.14 4.18
CA LYS A 46 8.55 -23.80 4.04
C LYS A 46 7.04 -23.96 3.98
N ASP A 47 6.34 -23.42 4.99
CA ASP A 47 4.90 -23.70 5.17
C ASP A 47 4.80 -25.23 5.24
N ASP A 48 3.94 -25.86 4.43
CA ASP A 48 3.70 -27.30 4.47
C ASP A 48 4.56 -28.07 3.47
N GLN A 49 5.56 -27.42 2.88
CA GLN A 49 6.40 -27.93 1.78
C GLN A 49 7.80 -28.35 2.12
N LEU A 50 8.09 -29.62 1.84
CA LEU A 50 9.42 -30.18 1.97
C LEU A 50 10.35 -29.59 0.92
N LEU A 51 11.53 -29.22 1.37
CA LEU A 51 12.61 -28.60 0.62
C LEU A 51 13.72 -29.56 0.23
N ASP A 52 14.19 -29.41 -1.00
CA ASP A 52 15.28 -30.22 -1.51
C ASP A 52 16.62 -29.72 -1.00
N ASP A 53 17.48 -30.68 -0.62
CA ASP A 53 18.78 -30.35 -0.03
C ASP A 53 19.58 -29.42 -0.94
N GLY A 54 19.50 -29.65 -2.25
CA GLY A 54 20.30 -28.96 -3.24
C GLY A 54 19.81 -27.61 -3.66
N LYS A 55 18.60 -27.24 -3.24
CA LYS A 55 18.05 -25.96 -3.65
C LYS A 55 18.61 -24.82 -2.80
N THR A 56 18.76 -23.64 -3.40
CA THR A 56 19.14 -22.50 -2.58
C THR A 56 17.95 -21.97 -1.76
N LEU A 57 18.30 -21.22 -0.71
CA LEU A 57 17.27 -20.60 0.13
C LEU A 57 16.42 -19.63 -0.67
N GLY A 58 17.06 -18.88 -1.57
CA GLY A 58 16.32 -17.96 -2.43
C GLY A 58 15.36 -18.69 -3.34
N GLU A 59 15.79 -19.86 -3.87
CA GLU A 59 14.91 -20.66 -4.70
C GLU A 59 13.73 -21.19 -3.88
N CYS A 60 13.93 -21.41 -2.59
CA CYS A 60 12.87 -21.84 -1.70
C CYS A 60 12.02 -20.67 -1.20
N GLY A 61 12.26 -19.45 -1.70
CA GLY A 61 11.45 -18.32 -1.30
C GLY A 61 11.92 -17.55 -0.08
N PHE A 62 13.15 -17.79 0.39
CA PHE A 62 13.78 -17.04 1.48
C PHE A 62 14.68 -15.99 0.87
N THR A 63 14.21 -14.75 0.86
CA THR A 63 14.91 -13.62 0.28
C THR A 63 15.04 -12.54 1.34
N SER A 64 15.92 -11.58 1.07
CA SER A 64 16.04 -10.46 1.99
C SER A 64 14.73 -9.73 2.13
N GLN A 65 13.89 -9.75 1.09
CA GLN A 65 12.65 -8.98 1.20
C GLN A 65 11.71 -9.63 2.22
N THR A 66 11.82 -10.94 2.42
CA THR A 66 10.84 -11.67 3.19
C THR A 66 11.42 -12.32 4.42
N ALA A 67 12.72 -12.14 4.68
CA ALA A 67 13.38 -12.74 5.81
C ALA A 67 14.30 -11.71 6.47
N ARG A 68 13.72 -10.77 7.17
CA ARG A 68 14.43 -9.62 7.66
C ARG A 68 14.78 -9.84 9.12
N PRO A 69 15.83 -9.17 9.61
CA PRO A 69 16.21 -9.34 11.02
C PRO A 69 15.07 -9.12 11.97
N GLN A 70 14.29 -8.08 11.75
CA GLN A 70 13.20 -7.75 12.64
C GLN A 70 11.93 -8.53 12.32
N ALA A 71 11.96 -9.38 11.32
CA ALA A 71 10.79 -10.15 10.91
C ALA A 71 11.24 -11.38 10.14
N PRO A 72 11.82 -12.37 10.83
CA PRO A 72 12.43 -13.49 10.10
C PRO A 72 11.40 -14.42 9.49
N ALA A 73 11.83 -15.13 8.46
CA ALA A 73 10.99 -16.12 7.79
C ALA A 73 11.11 -17.44 8.55
N THR A 74 10.03 -18.21 8.59
CA THR A 74 9.98 -19.41 9.41
C THR A 74 10.30 -20.68 8.63
N VAL A 75 11.22 -21.49 9.17
CA VAL A 75 11.53 -22.82 8.64
C VAL A 75 11.05 -23.87 9.62
N GLY A 76 10.19 -24.78 9.13
CA GLY A 76 9.78 -25.92 9.91
C GLY A 76 10.83 -27.01 9.89
N LEU A 77 10.95 -27.72 11.01
CA LEU A 77 11.93 -28.79 11.14
C LEU A 77 11.26 -30.01 11.76
N ALA A 78 11.49 -31.19 11.18
CA ALA A 78 10.98 -32.44 11.75
C ALA A 78 12.10 -33.46 11.85
N PHE A 79 12.11 -34.24 12.93
CA PHE A 79 13.17 -35.23 13.11
C PHE A 79 12.74 -36.67 12.81
N ARG A 80 13.71 -37.44 12.32
CA ARG A 80 13.57 -38.88 12.13
C ARG A 80 14.02 -39.56 13.41
N ALA A 81 13.09 -40.09 14.20
CA ALA A 81 13.51 -40.76 15.43
C ALA A 81 14.27 -42.04 15.09
N ASP A 82 13.59 -43.02 14.50
CA ASP A 82 14.29 -44.21 14.01
C ASP A 82 13.94 -44.44 12.55
N ASP A 83 12.73 -44.06 12.16
CA ASP A 83 12.22 -44.28 10.80
C ASP A 83 10.82 -43.70 10.67
N THR A 84 10.39 -43.55 9.43
CA THR A 84 9.26 -42.70 8.99
C THR A 84 9.27 -41.26 9.55
N PHE A 85 10.38 -40.71 10.01
CA PHE A 85 10.37 -39.32 10.51
C PHE A 85 9.25 -39.11 11.52
N GLU A 86 8.76 -37.87 11.55
CA GLU A 86 7.55 -37.47 12.28
C GLU A 86 6.87 -36.35 11.48
N ALA A 87 5.57 -36.19 11.70
CA ALA A 87 4.87 -35.07 11.10
C ALA A 87 5.38 -33.77 11.71
N LEU A 88 5.41 -32.75 10.85
CA LEU A 88 5.83 -31.42 11.25
C LEU A 88 4.88 -30.84 12.30
N ILE A 90 4.94 -27.44 14.74
CA ILE A 90 5.61 -26.25 15.15
C ILE A 90 4.71 -25.70 16.20
N GLU A 91 5.05 -25.68 17.45
CA GLU A 91 4.09 -25.03 18.34
C GLU A 91 3.94 -23.54 18.33
N PRO A 92 2.68 -23.03 18.20
CA PRO A 92 2.54 -21.60 18.25
C PRO A 92 2.80 -21.08 19.64
N PHE A 93 3.23 -19.83 19.63
CA PHE A 93 3.42 -18.95 20.75
C PHE A 93 2.11 -18.61 21.42
N SER A 94 2.27 -18.03 22.60
CA SER A 94 1.17 -17.60 23.44
C SER A 94 0.38 -16.48 22.76
N SER A 95 -0.82 -16.27 23.25
CA SER A 95 -1.79 -15.28 22.79
C SER A 95 -1.62 -13.95 23.53
N PRO A 96 -1.62 -12.82 22.84
CA PRO A 96 -1.63 -11.54 23.53
C PRO A 96 -2.94 -11.32 24.23
N PRO A 97 -2.97 -10.54 25.32
CA PRO A 97 -4.23 -10.24 26.01
C PRO A 97 -5.11 -9.32 25.18
N GLU A 98 -6.36 -9.17 25.63
CA GLU A 98 -7.25 -8.22 24.97
C GLU A 98 -6.64 -6.84 25.13
N LEU A 99 -6.70 -6.05 24.06
CA LEU A 99 -6.26 -4.66 24.12
C LEU A 99 -6.92 -3.95 25.29
N PRO A 100 -6.15 -3.29 26.16
CA PRO A 100 -6.77 -2.48 27.21
C PRO A 100 -7.68 -1.42 26.60
N ASP A 101 -8.62 -0.96 27.43
CA ASP A 101 -9.63 -0.01 26.97
C ASP A 101 -8.95 1.19 26.34
N VAL A 102 -7.95 1.74 27.02
CA VAL A 102 -7.27 2.94 26.57
C VAL A 102 -6.47 2.79 25.29
N MET A 103 -6.31 1.57 24.78
CA MET A 103 -5.63 1.42 23.49
C MET A 103 -6.57 1.09 22.34
N LYS A 104 -7.70 0.45 22.61
CA LYS A 104 -8.66 0.08 21.58
C LYS A 104 -9.36 1.31 21.01
N MET B 1 29.28 -20.73 16.07
CA MET B 1 29.48 -19.83 17.20
C MET B 1 28.93 -20.46 18.48
N MET B 2 28.84 -19.69 19.55
CA MET B 2 28.18 -20.16 20.76
C MET B 2 26.74 -19.70 20.77
N TYR B 3 25.84 -20.57 21.21
CA TYR B 3 24.43 -20.23 21.38
C TYR B 3 23.99 -20.32 22.83
N VAL B 4 22.90 -19.62 23.15
CA VAL B 4 22.26 -19.76 24.45
C VAL B 4 20.80 -20.10 24.20
N LYS B 5 20.17 -20.70 25.21
CA LYS B 5 18.78 -21.09 25.18
C LYS B 5 18.02 -20.16 26.11
N LEU B 6 17.01 -19.49 25.58
CA LEU B 6 16.16 -18.58 26.34
C LEU B 6 14.76 -19.18 26.41
N ILE B 7 14.29 -19.42 27.63
CA ILE B 7 13.06 -20.16 27.84
C ILE B 7 12.00 -19.20 28.39
N SER B 8 10.88 -19.11 27.69
CA SER B 8 9.78 -18.25 28.06
C SER B 8 8.99 -18.83 29.24
N SER B 9 8.01 -18.08 29.72
CA SER B 9 7.23 -18.54 30.86
C SER B 9 6.39 -19.75 30.50
N ASP B 10 5.93 -19.85 29.26
CA ASP B 10 5.16 -20.99 28.81
C ASP B 10 6.02 -22.11 28.24
N GLY B 11 7.34 -22.05 28.42
CA GLY B 11 8.20 -23.17 28.08
C GLY B 11 8.76 -23.21 26.68
N HIS B 12 8.54 -22.18 25.86
CA HIS B 12 9.19 -22.14 24.56
C HIS B 12 10.68 -21.85 24.72
N GLU B 13 11.50 -22.56 23.97
CA GLU B 13 12.95 -22.43 24.05
C GLU B 13 13.46 -21.74 22.78
N PHE B 14 14.07 -20.57 22.98
CA PHE B 14 14.62 -19.76 21.91
C PHE B 14 16.14 -19.86 21.97
N ILE B 15 16.75 -20.31 20.88
CA ILE B 15 18.20 -20.49 20.79
C ILE B 15 18.74 -19.36 19.92
N VAL B 16 19.58 -18.51 20.51
CA VAL B 16 20.09 -17.33 19.84
C VAL B 16 21.60 -17.30 20.00
N LYS B 17 22.26 -16.61 19.07
CA LYS B 17 23.70 -16.43 19.17
C LYS B 17 24.02 -15.77 20.50
N ARG B 18 25.07 -16.26 21.15
CA ARG B 18 25.43 -15.77 22.48
C ARG B 18 25.66 -14.27 22.40
N GLU B 19 26.42 -13.85 21.39
CA GLU B 19 26.69 -12.43 21.16
C GLU B 19 25.42 -11.63 21.00
N HIS B 20 24.40 -12.21 20.36
CA HIS B 20 23.14 -11.49 20.22
C HIS B 20 22.47 -11.34 21.58
N ALA B 21 22.43 -12.44 22.34
CA ALA B 21 21.79 -12.39 23.65
C ALA B 21 22.49 -11.43 24.59
N LEU B 22 23.82 -11.35 24.51
CA LEU B 22 24.57 -10.45 25.39
C LEU B 22 24.29 -8.98 25.13
N THR B 23 23.47 -8.65 24.13
CA THR B 23 22.91 -7.31 24.02
C THR B 23 22.27 -6.83 25.31
N SER B 24 21.60 -7.73 26.02
CA SER B 24 20.95 -7.37 27.28
C SER B 24 21.94 -7.58 28.41
N GLY B 25 22.22 -6.49 29.14
CA GLY B 25 23.00 -6.61 30.35
C GLY B 25 22.36 -7.48 31.42
N THR B 26 21.02 -7.49 31.48
CA THR B 26 20.34 -8.36 32.44
C THR B 26 20.68 -9.82 32.14
N ILE B 27 20.59 -10.21 30.87
CA ILE B 27 20.92 -11.57 30.47
C ILE B 27 22.38 -11.85 30.73
N LYS B 28 23.26 -10.88 30.45
CA LYS B 28 24.68 -11.06 30.73
C LYS B 28 24.89 -11.46 32.19
N ALA B 29 24.14 -10.84 33.10
CA ALA B 29 24.25 -11.17 34.52
C ALA B 29 23.66 -12.54 34.81
N MET B 30 22.55 -12.88 34.16
CA MET B 30 21.99 -14.22 34.34
C MET B 30 22.93 -15.34 33.86
N LEU B 31 23.87 -15.06 32.93
CA LEU B 31 24.78 -16.09 32.45
C LEU B 31 26.03 -16.24 33.30
N SER B 32 26.44 -15.17 33.99
CA SER B 32 27.70 -15.22 34.71
C SER B 32 27.53 -15.44 36.20
N GLY B 33 26.39 -15.04 36.76
CA GLY B 33 26.07 -15.33 38.13
C GLY B 33 24.76 -16.09 38.23
N PRO B 34 23.93 -15.73 39.22
CA PRO B 34 22.60 -16.30 39.44
C PRO B 34 21.48 -15.47 38.81
N GLU B 41 22.80 -26.62 31.76
CA GLU B 41 21.99 -25.47 32.16
C GLU B 41 22.83 -24.19 32.16
N THR B 42 24.13 -24.32 31.85
CA THR B 42 25.04 -23.18 31.88
C THR B 42 24.68 -22.12 30.84
N ASN B 43 23.99 -22.54 29.77
CA ASN B 43 23.63 -21.63 28.70
C ASN B 43 22.12 -21.49 28.55
N GLU B 44 21.36 -21.78 29.61
CA GLU B 44 19.92 -21.60 29.59
C GLU B 44 19.48 -20.56 30.62
N VAL B 45 18.51 -19.75 30.26
CA VAL B 45 17.86 -18.80 31.17
C VAL B 45 16.35 -18.97 31.12
N ASN B 46 15.71 -19.13 32.28
CA ASN B 46 14.25 -19.19 32.33
C ASN B 46 13.70 -17.84 32.76
N PHE B 47 12.66 -17.39 32.06
CA PHE B 47 12.01 -16.12 32.33
C PHE B 47 10.58 -16.43 32.76
N ARG B 48 10.37 -16.49 34.08
CA ARG B 48 9.07 -16.74 34.67
C ARG B 48 8.03 -15.68 34.30
N GLU B 49 8.45 -14.53 33.76
CA GLU B 49 7.55 -13.42 33.51
C GLU B 49 7.36 -13.06 32.04
N ILE B 50 8.13 -13.65 31.13
CA ILE B 50 8.09 -13.23 29.73
C ILE B 50 7.48 -14.38 28.92
N PRO B 51 6.27 -14.22 28.42
CA PRO B 51 5.66 -15.28 27.61
C PRO B 51 6.26 -15.32 26.22
N SER B 52 5.97 -16.41 25.51
CA SER B 52 6.66 -16.66 24.25
C SER B 52 6.35 -15.60 23.20
N HIS B 53 5.14 -15.04 23.19
CA HIS B 53 4.86 -13.99 22.22
C HIS B 53 5.61 -12.68 22.49
N VAL B 54 6.21 -12.53 23.67
CA VAL B 54 7.08 -11.39 23.97
C VAL B 54 8.54 -11.74 23.77
N LEU B 55 8.96 -12.90 24.27
CA LEU B 55 10.37 -13.28 24.19
C LEU B 55 10.78 -13.47 22.74
N SER B 56 9.86 -13.93 21.89
CA SER B 56 10.15 -14.06 20.46
C SER B 56 10.49 -12.70 19.84
N LYS B 57 9.74 -11.65 20.20
CA LYS B 57 10.00 -10.33 19.64
C LYS B 57 11.34 -9.79 20.15
N VAL B 58 11.68 -10.07 21.40
CA VAL B 58 12.96 -9.65 21.98
C VAL B 58 14.12 -10.23 21.20
N CYS B 59 14.05 -11.53 20.85
CA CYS B 59 15.10 -12.15 20.05
C CYS B 59 15.18 -11.53 18.68
N MET B 60 14.02 -11.22 18.11
CA MET B 60 14.02 -10.49 16.84
C MET B 60 14.68 -9.13 17.01
N TYR B 61 14.46 -8.47 18.15
CA TYR B 61 15.12 -7.19 18.40
C TYR B 61 16.64 -7.35 18.43
N PHE B 62 17.15 -8.36 19.16
CA PHE B 62 18.60 -8.61 19.19
C PHE B 62 19.17 -8.73 17.79
N THR B 63 18.53 -9.54 16.94
CA THR B 63 19.01 -9.67 15.55
C THR B 63 18.99 -8.32 14.84
N TYR B 64 17.87 -7.60 14.98
CA TYR B 64 17.73 -6.29 14.35
C TYR B 64 18.79 -5.31 14.84
N LYS B 65 19.02 -5.27 16.15
CA LYS B 65 20.00 -4.34 16.71
C LYS B 65 21.41 -4.67 16.22
N VAL B 66 21.79 -5.94 16.28
CA VAL B 66 23.13 -6.32 15.87
C VAL B 66 23.33 -6.04 14.37
N ARG B 67 22.29 -6.24 13.56
CA ARG B 67 22.46 -6.02 12.12
C ARG B 67 22.60 -4.55 11.77
N TYR B 68 21.82 -3.68 12.39
CA TYR B 68 21.72 -2.33 11.87
C TYR B 68 22.50 -1.31 12.68
N THR B 69 23.03 -1.70 13.83
CA THR B 69 23.84 -0.76 14.59
C THR B 69 25.12 -0.52 13.81
N ASN B 70 25.51 0.75 13.67
CA ASN B 70 26.73 1.10 12.95
C ASN B 70 26.76 0.58 11.51
N SER B 71 25.64 0.75 10.80
CA SER B 71 25.56 0.40 9.39
C SER B 71 25.12 1.61 8.59
N SER B 72 25.54 1.68 7.32
CA SER B 72 25.22 2.82 6.49
C SER B 72 24.03 2.57 5.57
N THR B 73 23.61 1.33 5.44
CA THR B 73 22.27 0.92 5.02
C THR B 73 21.14 1.61 5.76
N GLU B 74 20.15 2.07 5.00
CA GLU B 74 18.97 2.71 5.56
C GLU B 74 18.28 1.78 6.56
N ILE B 75 17.93 2.32 7.73
CA ILE B 75 17.45 1.49 8.83
C ILE B 75 15.93 1.41 8.82
N PRO B 76 15.36 0.20 8.83
CA PRO B 76 13.91 0.06 8.90
C PRO B 76 13.34 0.23 10.29
N GLU B 77 12.05 0.54 10.33
CA GLU B 77 11.37 0.62 11.60
C GLU B 77 11.27 -0.77 12.23
N PHE B 78 11.49 -0.84 13.53
CA PHE B 78 11.24 -2.07 14.25
C PHE B 78 9.75 -2.17 14.53
N PRO B 79 9.06 -3.19 14.02
CA PRO B 79 7.60 -3.20 14.14
C PRO B 79 7.18 -3.76 15.49
N ILE B 80 6.14 -3.16 16.08
CA ILE B 80 5.57 -3.63 17.33
C ILE B 80 4.05 -3.61 17.23
N ALA B 81 3.44 -4.78 17.20
CA ALA B 81 1.99 -4.83 17.18
C ALA B 81 1.43 -4.25 18.47
N PRO B 82 0.37 -3.45 18.40
CA PRO B 82 -0.22 -2.85 19.60
C PRO B 82 -0.56 -3.86 20.70
N GLU B 83 -0.93 -5.09 20.33
CA GLU B 83 -1.42 -6.05 21.30
C GLU B 83 -0.31 -6.51 22.25
N ILE B 84 0.94 -6.37 21.83
CA ILE B 84 2.09 -6.78 22.62
C ILE B 84 2.91 -5.60 23.12
N ALA B 85 2.55 -4.37 22.74
CA ALA B 85 3.41 -3.24 23.06
C ALA B 85 3.62 -3.14 24.58
N LEU B 86 2.57 -3.37 25.35
CA LEU B 86 2.65 -3.17 26.80
C LEU B 86 3.55 -4.22 27.45
N GLU B 87 3.39 -5.50 27.09
CA GLU B 87 4.27 -6.49 27.67
C GLU B 87 5.69 -6.31 27.18
N LEU B 88 5.88 -5.97 25.91
CA LEU B 88 7.23 -5.73 25.43
C LEU B 88 7.90 -4.59 26.19
N LEU B 89 7.14 -3.53 26.53
CA LEU B 89 7.74 -2.43 27.28
C LEU B 89 8.28 -2.90 28.62
N MET B 90 7.50 -3.66 29.37
CA MET B 90 7.99 -4.14 30.65
C MET B 90 9.16 -5.11 30.46
N ALA B 91 9.07 -5.99 29.46
CA ALA B 91 10.19 -6.87 29.20
C ALA B 91 11.44 -6.08 28.81
N ALA B 92 11.31 -5.12 27.91
CA ALA B 92 12.49 -4.34 27.50
C ALA B 92 13.09 -3.59 28.67
N ASN B 93 12.24 -3.03 29.54
CA ASN B 93 12.70 -2.35 30.74
C ASN B 93 13.49 -3.28 31.63
N PHE B 94 12.97 -4.49 31.84
CA PHE B 94 13.62 -5.46 32.71
C PHE B 94 14.95 -5.90 32.13
N LEU B 95 15.01 -6.10 30.82
CA LEU B 95 16.20 -6.63 30.16
C LEU B 95 17.24 -5.56 29.86
N ASP B 96 16.91 -4.27 30.02
CA ASP B 96 17.84 -3.17 29.76
C ASP B 96 18.41 -3.22 28.34
N CYS B 97 17.50 -3.24 27.38
CA CYS B 97 17.90 -3.27 25.98
C CYS B 97 16.96 -2.38 25.18
N VAL C 11 26.85 26.80 24.00
CA VAL C 11 28.03 26.08 23.53
C VAL C 11 27.76 25.69 22.06
N LEU C 12 26.60 25.07 21.84
CA LEU C 12 26.17 24.46 20.58
C LEU C 12 25.52 25.54 19.73
N ARG C 13 26.26 26.17 18.83
CA ARG C 13 25.65 27.18 17.97
C ARG C 13 26.35 27.17 16.62
N SER C 14 25.63 27.68 15.62
CA SER C 14 26.21 27.79 14.30
C SER C 14 27.27 28.87 14.26
N VAL C 15 28.32 28.60 13.48
CA VAL C 15 29.34 29.58 13.18
C VAL C 15 28.90 30.45 12.01
N ASN C 16 29.05 31.76 12.15
CA ASN C 16 28.69 32.69 11.09
C ASN C 16 29.86 32.74 10.09
N SER C 17 30.03 31.63 9.39
CA SER C 17 31.12 31.52 8.42
C SER C 17 30.91 32.38 7.19
N ARG C 18 29.66 32.63 6.81
CA ARG C 18 29.33 33.27 5.54
C ARG C 18 29.86 32.52 4.32
N GLU C 19 30.10 31.21 4.43
CA GLU C 19 30.48 30.40 3.28
C GLU C 19 29.31 29.54 2.85
N PRO C 20 28.68 29.82 1.71
CA PRO C 20 27.52 29.02 1.30
C PRO C 20 27.93 27.57 1.11
N SER C 21 27.05 26.65 1.48
CA SER C 21 27.28 25.23 1.30
C SER C 21 25.98 24.54 0.91
N GLN C 22 25.93 23.95 -0.27
CA GLN C 22 24.71 23.30 -0.74
C GLN C 22 24.59 21.89 -0.21
N VAL C 23 23.39 21.55 0.23
CA VAL C 23 23.13 20.29 0.92
C VAL C 23 21.89 19.63 0.34
N ILE C 24 21.88 18.30 0.27
CA ILE C 24 20.66 17.54 0.01
C ILE C 24 20.23 16.91 1.33
N PHE C 25 19.10 17.35 1.85
CA PHE C 25 18.45 16.65 2.96
C PHE C 25 17.71 15.44 2.40
N ASN C 27 15.69 12.15 3.21
CA ASN C 27 14.98 11.46 4.29
C ASN C 27 14.88 9.94 4.01
N ARG C 28 15.83 9.17 4.54
CA ARG C 28 15.80 7.71 4.41
C ARG C 28 15.14 7.07 5.61
N SER C 29 14.03 7.64 6.04
CA SER C 29 13.28 7.15 7.18
C SER C 29 11.82 7.09 6.81
N PRO C 30 11.00 6.38 7.58
CA PRO C 30 9.55 6.40 7.35
C PRO C 30 8.82 7.50 8.11
N ARG C 31 9.53 8.37 8.80
CA ARG C 31 8.91 9.45 9.55
C ARG C 31 8.84 10.71 8.69
N VAL C 32 7.87 11.58 9.00
CA VAL C 32 7.98 12.95 8.54
C VAL C 32 9.10 13.62 9.34
N VAL C 33 10.06 14.21 8.63
CA VAL C 33 11.29 14.71 9.26
C VAL C 33 11.19 16.22 9.44
N LEU C 34 11.49 16.70 10.65
CA LEU C 34 11.65 18.12 10.91
C LEU C 34 13.13 18.51 10.97
N PRO C 35 13.66 19.23 10.00
CA PRO C 35 15.02 19.77 10.18
C PRO C 35 15.04 20.93 11.15
N VAL C 36 16.05 20.94 12.00
CA VAL C 36 16.18 21.94 13.05
C VAL C 36 17.57 22.55 12.96
N TRP C 37 17.63 23.85 12.71
CA TRP C 37 18.87 24.61 12.67
C TRP C 37 19.13 25.27 14.01
N LEU C 38 20.32 25.05 14.55
CA LEU C 38 20.74 25.78 15.74
C LEU C 38 21.33 27.11 15.29
N ASN C 39 20.67 28.20 15.67
CA ASN C 39 21.04 29.53 15.19
C ASN C 39 22.25 30.07 15.94
N PHE C 40 22.60 31.31 15.64
CA PHE C 40 23.85 31.87 16.16
C PHE C 40 23.78 32.10 17.67
N ASP C 41 22.60 32.15 18.26
CA ASP C 41 22.44 32.19 19.71
C ASP C 41 22.32 30.81 20.33
N GLY C 42 22.23 29.76 19.53
CA GLY C 42 21.99 28.45 20.08
C GLY C 42 20.52 28.09 20.18
N GLU C 43 19.62 28.94 19.69
CA GLU C 43 18.19 28.64 19.73
C GLU C 43 17.83 27.67 18.60
N PRO C 44 17.10 26.60 18.88
CA PRO C 44 16.67 25.70 17.81
C PRO C 44 15.66 26.38 16.91
N GLN C 45 15.95 26.38 15.61
CA GLN C 45 15.06 26.96 14.62
C GLN C 45 14.44 25.84 13.78
N PRO C 46 13.14 25.63 13.80
CA PRO C 46 12.55 24.60 12.94
C PRO C 46 12.43 25.12 11.51
N TYR C 47 12.58 24.18 10.57
CA TYR C 47 12.50 24.42 9.13
C TYR C 47 11.40 23.55 8.53
N PRO C 48 11.01 23.77 7.26
CA PRO C 48 9.91 22.98 6.69
C PRO C 48 10.19 21.48 6.72
N THR C 49 9.12 20.70 6.85
CA THR C 49 9.25 19.27 7.06
C THR C 49 9.45 18.53 5.75
N LEU C 50 9.99 17.31 5.87
CA LEU C 50 10.20 16.42 4.75
C LEU C 50 9.30 15.20 4.92
N PRO C 51 8.42 14.91 3.96
CA PRO C 51 7.63 13.67 3.98
C PRO C 51 8.56 12.47 3.90
N PRO C 52 8.11 11.29 4.36
CA PRO C 52 8.99 10.13 4.31
C PRO C 52 9.55 9.90 2.91
N GLY C 53 10.84 9.59 2.88
CA GLY C 53 11.54 9.20 1.68
C GLY C 53 11.79 10.30 0.69
N THR C 54 11.54 11.56 1.05
CA THR C 54 11.74 12.60 0.06
C THR C 54 12.97 13.40 0.44
N GLY C 55 13.44 14.15 -0.55
CA GLY C 55 14.57 15.00 -0.36
C GLY C 55 14.36 16.40 -0.88
N ARG C 56 15.15 17.29 -0.31
CA ARG C 56 15.17 18.69 -0.64
C ARG C 56 16.62 19.12 -0.76
N ARG C 57 16.89 19.94 -1.76
CA ARG C 57 18.19 20.58 -1.85
C ARG C 57 18.03 21.88 -1.08
N ILE C 58 18.75 21.98 0.03
CA ILE C 58 18.59 23.14 0.88
C ILE C 58 19.81 23.96 0.59
N HIS C 59 19.64 25.23 0.78
CA HIS C 59 20.66 26.18 0.51
C HIS C 59 21.24 26.52 1.89
N SER C 60 22.50 26.17 2.20
CA SER C 60 23.03 26.49 3.53
C SER C 60 24.42 27.14 3.55
N TYR C 61 25.09 27.00 4.70
CA TYR C 61 26.37 27.65 4.96
C TYR C 61 27.27 26.75 5.79
N ARG C 62 28.57 26.85 5.51
CA ARG C 62 29.61 26.11 6.23
C ARG C 62 29.62 26.42 7.71
N GLY C 63 29.77 25.37 8.53
CA GLY C 63 29.85 25.58 9.96
C GLY C 63 28.53 25.71 10.66
N HIS C 64 27.41 25.65 9.94
CA HIS C 64 26.11 25.66 10.57
C HIS C 64 25.77 24.29 11.16
N LEU C 65 24.88 24.30 12.14
CA LEU C 65 24.57 23.11 12.91
C LEU C 65 23.13 22.71 12.64
N TRP C 66 22.93 21.45 12.30
CA TRP C 66 21.59 20.91 12.06
C TRP C 66 21.41 19.63 12.86
N LEU C 67 20.16 19.40 13.26
CA LEU C 67 19.73 18.12 13.81
C LEU C 67 18.34 17.82 13.25
N PHE C 68 17.89 16.58 13.40
CA PHE C 68 16.70 16.11 12.70
C PHE C 68 15.81 15.30 13.63
N ARG C 69 14.50 15.52 13.49
CA ARG C 69 13.51 14.94 14.38
C ARG C 69 12.29 14.48 13.60
N ASP C 70 11.56 13.54 14.22
CA ASP C 70 10.20 13.23 13.78
C ASP C 70 9.32 14.45 14.04
N ALA C 71 8.68 14.96 12.98
CA ALA C 71 7.96 16.21 13.11
C ALA C 71 6.76 16.08 14.05
N GLY C 72 6.18 14.88 14.15
CA GLY C 72 4.99 14.70 14.95
C GLY C 72 5.27 14.37 16.40
N THR C 73 6.36 13.63 16.67
CA THR C 73 6.64 13.16 18.01
C THR C 73 7.91 13.73 18.60
N HIS C 74 8.78 14.33 17.78
CA HIS C 74 10.07 14.84 18.19
C HIS C 74 11.05 13.73 18.60
N ASP C 75 10.76 12.47 18.26
CA ASP C 75 11.74 11.39 18.34
C ASP C 75 13.04 11.79 17.65
N GLY C 76 14.17 11.38 18.23
CA GLY C 76 15.45 11.72 17.66
C GLY C 76 15.75 10.90 16.41
N LEU C 77 16.42 11.54 15.45
CA LEU C 77 16.86 10.88 14.23
C LEU C 77 18.35 11.09 14.04
N LEU C 78 18.95 10.26 13.19
CA LEU C 78 20.36 10.40 12.86
C LEU C 78 20.54 11.02 11.48
N VAL C 79 21.65 11.72 11.31
CA VAL C 79 22.02 12.27 10.01
C VAL C 79 23.46 11.87 9.76
N ASN C 80 23.70 11.17 8.67
CA ASN C 80 25.01 10.57 8.39
C ASN C 80 25.57 9.82 9.60
N GLN C 81 24.72 9.02 10.25
CA GLN C 81 25.08 8.10 11.34
C GLN C 81 25.36 8.81 12.65
N THR C 82 25.04 10.09 12.76
CA THR C 82 25.29 10.80 13.99
C THR C 82 24.15 11.77 14.29
N GLU C 83 24.33 12.51 15.38
CA GLU C 83 23.27 13.35 15.91
C GLU C 83 23.14 14.68 15.17
N LEU C 84 24.29 15.31 14.89
CA LEU C 84 24.40 16.65 14.34
C LEU C 84 25.02 16.62 12.96
N PHE C 85 24.55 17.49 12.08
CA PHE C 85 25.08 17.64 10.73
C PHE C 85 25.66 19.02 10.53
N VAL C 86 26.91 19.07 10.06
CA VAL C 86 27.59 20.33 9.78
C VAL C 86 27.93 20.38 8.29
N PRO C 87 27.32 21.27 7.50
CA PRO C 87 27.70 21.35 6.09
C PRO C 87 29.19 21.62 5.95
N SER C 88 29.80 20.96 4.97
CA SER C 88 31.22 21.10 4.75
C SER C 88 31.47 21.72 3.39
N LEU C 89 32.71 21.76 2.98
CA LEU C 89 32.99 22.28 1.64
C LEU C 89 32.51 21.34 0.52
N ASN C 90 31.82 21.93 -0.44
CA ASN C 90 31.39 21.30 -1.69
C ASN C 90 32.57 21.19 -2.65
N VAL C 91 33.00 19.97 -2.92
CA VAL C 91 34.15 19.68 -3.76
C VAL C 91 33.67 19.60 -5.20
N ASP C 92 34.24 20.44 -6.07
CA ASP C 92 33.85 20.53 -7.48
C ASP C 92 32.37 20.86 -7.61
N GLY C 93 31.87 21.73 -6.73
CA GLY C 93 30.49 22.16 -6.75
C GLY C 93 29.51 21.08 -6.35
N GLN C 94 29.97 19.92 -5.94
CA GLN C 94 29.07 18.84 -5.60
C GLN C 94 28.41 19.15 -4.26
N PRO C 95 27.09 19.04 -4.15
CA PRO C 95 26.44 19.29 -2.86
C PRO C 95 26.73 18.19 -1.84
N ILE C 96 26.64 18.57 -0.57
CA ILE C 96 26.90 17.64 0.54
C ILE C 96 25.63 16.85 0.78
N PHE C 97 25.76 15.54 0.86
CA PHE C 97 24.60 14.70 1.11
C PHE C 97 24.35 14.54 2.60
N ALA C 98 23.14 14.87 3.07
CA ALA C 98 22.71 14.63 4.45
C ALA C 98 21.65 13.50 4.56
N ASN C 99 22.09 12.29 4.91
CA ASN C 99 21.22 11.11 4.99
C ASN C 99 20.58 10.98 6.37
N ILE C 100 19.28 11.22 6.43
CA ILE C 100 18.51 11.21 7.67
C ILE C 100 17.98 9.80 7.82
N THR C 101 18.25 9.13 8.95
CA THR C 101 17.83 7.75 9.07
C THR C 101 17.23 7.57 10.45
N LEU C 102 16.47 6.49 10.63
CA LEU C 102 16.16 6.07 11.98
C LEU C 102 17.45 5.67 12.70
N PRO C 103 17.59 5.98 13.97
CA PRO C 103 18.57 5.27 14.80
C PRO C 103 18.09 3.87 15.12
N VAL C 104 19.02 3.04 15.62
CA VAL C 104 18.61 1.84 16.34
C VAL C 104 18.16 2.27 17.73
N TYR C 105 16.85 2.46 17.88
CA TYR C 105 16.31 2.77 19.19
C TYR C 105 16.56 1.61 20.15
N THR C 106 16.63 1.94 21.43
CA THR C 106 16.54 0.87 22.40
C THR C 106 15.16 0.23 22.27
N LEU C 107 15.07 -1.04 22.67
CA LEU C 107 13.77 -1.68 22.66
C LEU C 107 12.79 -0.93 23.55
N LYS C 108 13.25 -0.51 24.75
CA LYS C 108 12.39 0.27 25.65
C LYS C 108 11.88 1.55 25.00
N GLU C 109 12.78 2.31 24.36
CA GLU C 109 12.32 3.57 23.76
C GLU C 109 11.36 3.28 22.62
N ARG C 110 11.65 2.25 21.83
CA ARG C 110 10.76 1.89 20.75
C ARG C 110 9.37 1.53 21.28
N CYS C 111 9.31 0.78 22.39
CA CYS C 111 8.03 0.49 23.04
C CYS C 111 7.34 1.77 23.52
N LEU C 112 8.09 2.69 24.13
CA LEU C 112 7.50 3.95 24.55
C LEU C 112 6.90 4.72 23.38
N GLN C 113 7.57 4.69 22.23
CA GLN C 113 7.02 5.37 21.08
C GLN C 113 5.67 4.78 20.70
N VAL C 114 5.61 3.45 20.64
CA VAL C 114 4.37 2.81 20.21
C VAL C 114 3.25 3.07 21.20
N VAL C 115 3.54 2.98 22.49
CA VAL C 115 2.53 3.23 23.50
C VAL C 115 2.09 4.69 23.49
N ARG C 116 3.05 5.61 23.39
CA ARG C 116 2.69 7.01 23.26
C ARG C 116 1.78 7.24 22.08
N SER C 117 2.04 6.55 20.97
CA SER C 117 1.24 6.72 19.78
C SER C 117 -0.17 6.15 19.91
N LEU C 118 -0.42 5.32 20.92
CA LEU C 118 -1.71 4.67 21.05
C LEU C 118 -2.56 5.18 22.22
N VAL C 119 -1.95 5.83 23.19
CA VAL C 119 -2.65 6.20 24.42
C VAL C 119 -2.56 7.71 24.58
N LYS C 120 -3.72 8.35 24.76
CA LYS C 120 -3.75 9.77 25.06
C LYS C 120 -3.00 10.04 26.37
N PRO C 121 -2.25 11.13 26.44
CA PRO C 121 -1.46 11.41 27.66
C PRO C 121 -2.27 11.43 28.94
N GLU C 122 -3.56 11.79 28.89
CA GLU C 122 -4.37 11.73 30.09
C GLU C 122 -4.44 10.33 30.69
N ASN C 123 -4.34 9.30 29.86
CA ASN C 123 -4.56 7.93 30.32
C ASN C 123 -3.29 7.15 30.58
N TYR C 124 -2.11 7.78 30.51
CA TYR C 124 -0.92 7.02 30.83
C TYR C 124 -1.06 6.45 32.23
N ARG C 125 -1.60 7.24 33.15
CA ARG C 125 -1.74 6.80 34.53
C ARG C 125 -2.74 5.66 34.66
N ARG C 126 -3.61 5.44 33.67
CA ARG C 126 -4.56 4.35 33.77
C ARG C 126 -4.00 3.01 33.32
N LEU C 127 -2.74 2.97 32.88
CA LEU C 127 -2.11 1.71 32.50
C LEU C 127 -1.53 1.02 33.72
N ASP C 128 -1.58 -0.32 33.72
CA ASP C 128 -1.11 -1.11 34.87
C ASP C 128 0.38 -1.39 34.72
N ILE C 129 1.18 -0.35 35.02
CA ILE C 129 2.63 -0.39 34.87
C ILE C 129 3.24 0.39 36.03
N VAL C 130 4.49 0.07 36.36
CA VAL C 130 5.16 0.72 37.48
C VAL C 130 5.29 2.23 37.28
N ARG C 131 5.37 2.96 38.41
CA ARG C 131 5.34 4.42 38.41
C ARG C 131 6.46 4.98 37.56
N SER C 132 7.64 4.35 37.60
CA SER C 132 8.77 4.83 36.82
C SER C 132 8.48 4.82 35.32
N LEU C 133 7.62 3.92 34.85
CA LEU C 133 7.31 3.89 33.42
C LEU C 133 6.34 5.00 33.03
N TYR C 134 5.41 5.36 33.93
CA TYR C 134 4.62 6.57 33.75
C TYR C 134 5.51 7.74 33.43
N GLU C 135 6.52 7.94 34.26
CA GLU C 135 7.39 9.08 34.06
C GLU C 135 8.16 8.92 32.76
N ASP C 136 8.56 7.67 32.42
CA ASP C 136 9.22 7.43 31.15
C ASP C 136 8.32 7.78 29.97
N LEU C 137 7.04 7.39 30.04
CA LEU C 137 6.07 7.73 29.01
C LEU C 137 5.87 9.24 28.93
N GLU C 138 5.72 9.86 30.10
CA GLU C 138 5.41 11.28 30.21
C GLU C 138 6.56 12.14 29.69
N ASP C 139 7.79 11.62 29.73
CA ASP C 139 8.98 12.38 29.31
C ASP C 139 9.12 12.31 27.80
N HIS C 140 8.26 13.07 27.13
N HIS C 140 8.26 13.06 27.12
CA HIS C 140 8.27 13.09 25.67
CA HIS C 140 8.27 13.01 25.66
C HIS C 140 9.55 13.74 25.15
C HIS C 140 9.51 13.73 25.13
N PRO C 141 10.10 13.23 24.05
CA PRO C 141 11.25 13.88 23.44
C PRO C 141 11.06 15.36 23.15
N ASN C 142 12.12 16.12 23.33
CA ASN C 142 12.12 17.57 23.25
C ASN C 142 13.56 17.88 22.90
N VAL C 143 13.75 18.77 21.93
CA VAL C 143 15.10 19.07 21.44
C VAL C 143 15.95 19.72 22.52
N GLN C 144 15.38 20.65 23.28
CA GLN C 144 16.17 21.38 24.27
C GLN C 144 16.79 20.48 25.33
N LYS C 145 16.09 19.45 25.81
CA LYS C 145 16.76 18.61 26.81
C LYS C 145 17.90 17.86 26.15
N ASP C 146 17.71 17.45 24.88
CA ASP C 146 18.79 16.76 24.18
C ASP C 146 19.95 17.71 23.94
N LEU C 147 19.64 18.97 23.64
CA LEU C 147 20.69 19.97 23.48
C LEU C 147 21.44 20.18 24.80
N GLU C 148 20.71 20.19 25.92
CA GLU C 148 21.39 20.28 27.23
C GLU C 148 22.25 19.06 27.50
N ARG C 149 21.73 17.87 27.22
CA ARG C 149 22.53 16.65 27.41
C ARG C 149 23.77 16.70 26.53
N LEU C 150 23.58 17.00 25.24
CA LEU C 150 24.72 17.06 24.31
C LEU C 150 25.73 18.09 24.79
N THR C 151 25.25 19.20 25.34
CA THR C 151 26.18 20.22 25.83
C THR C 151 27.07 19.64 26.93
N GLN C 152 26.50 18.87 27.87
CA GLN C 152 27.36 18.31 28.92
C GLN C 152 28.32 17.29 28.34
N GLU C 153 27.84 16.41 27.45
CA GLU C 153 28.66 15.46 26.70
C GLU C 153 30.00 16.07 26.28
N ARG C 154 30.00 17.36 25.96
CA ARG C 154 31.23 18.06 25.61
C ARG C 154 32.09 18.37 26.85
N ILE C 155 31.45 18.70 27.97
CA ILE C 155 32.18 19.06 29.19
C ILE C 155 32.97 17.88 29.74
N MET D 1 -18.82 5.36 2.47
CA MET D 1 -19.80 5.78 3.48
C MET D 1 -20.22 4.78 4.53
N ASP D 2 -20.09 5.23 5.78
CA ASP D 2 -20.61 4.50 6.93
C ASP D 2 -22.14 4.55 6.95
N VAL D 3 -22.73 3.40 7.27
CA VAL D 3 -24.14 3.28 7.58
C VAL D 3 -24.30 2.84 9.02
N PHE D 4 -25.38 3.31 9.65
CA PHE D 4 -25.61 3.14 11.08
C PHE D 4 -26.83 2.25 11.33
N LEU D 5 -26.65 1.23 12.16
CA LEU D 5 -27.58 0.12 12.23
C LEU D 5 -27.99 -0.13 13.67
N MET D 6 -29.18 -0.70 13.82
CA MET D 6 -29.60 -1.39 15.03
C MET D 6 -29.82 -2.86 14.71
N ILE D 7 -29.00 -3.74 15.32
CA ILE D 7 -29.18 -5.18 15.21
C ILE D 7 -29.98 -5.68 16.39
N ARG D 8 -31.17 -6.22 16.12
CA ARG D 8 -32.17 -6.44 17.16
C ARG D 8 -32.62 -7.90 17.15
N ARG D 9 -32.65 -8.51 18.34
CA ARG D 9 -33.16 -9.87 18.53
C ARG D 9 -33.76 -9.92 19.91
N HIS D 10 -35.02 -10.38 20.01
CA HIS D 10 -35.72 -10.48 21.28
C HIS D 10 -35.67 -9.14 22.01
N LYS D 11 -35.01 -9.07 23.18
CA LYS D 11 -34.85 -7.77 23.83
C LYS D 11 -33.42 -7.25 23.74
N THR D 12 -32.68 -7.69 22.74
CA THR D 12 -31.30 -7.29 22.54
C THR D 12 -31.27 -6.35 21.34
N THR D 13 -30.56 -5.24 21.47
CA THR D 13 -30.41 -4.28 20.38
C THR D 13 -28.95 -3.85 20.38
N ILE D 14 -28.26 -4.10 19.28
CA ILE D 14 -26.88 -3.68 19.10
C ILE D 14 -26.82 -2.43 18.23
N PHE D 15 -26.17 -1.39 18.74
CA PHE D 15 -25.87 -0.22 17.95
C PHE D 15 -24.48 -0.39 17.36
N THR D 16 -24.37 -0.32 16.04
CA THR D 16 -23.07 -0.43 15.41
C THR D 16 -23.14 0.24 14.05
N ASP D 17 -21.97 0.47 13.49
CA ASP D 17 -21.81 1.02 12.15
C ASP D 17 -20.99 0.10 11.26
N ALA D 18 -21.12 0.31 9.96
CA ALA D 18 -20.37 -0.47 8.99
C ALA D 18 -20.28 0.32 7.71
N LYS D 19 -19.43 -0.15 6.81
CA LYS D 19 -19.35 0.42 5.50
C LYS D 19 -20.50 -0.06 4.62
N GLU D 20 -21.06 0.89 3.84
CA GLU D 20 -22.04 0.53 2.84
C GLU D 20 -21.52 -0.57 1.91
N SER D 21 -20.20 -0.57 1.64
CA SER D 21 -19.60 -1.58 0.77
C SER D 21 -19.29 -2.88 1.50
N SER D 22 -19.44 -2.92 2.83
CA SER D 22 -19.20 -4.15 3.56
C SER D 22 -20.34 -5.15 3.36
N THR D 23 -20.08 -6.42 3.67
CA THR D 23 -21.05 -7.45 3.32
C THR D 23 -21.90 -7.82 4.53
N VAL D 24 -23.04 -8.45 4.24
CA VAL D 24 -23.90 -9.02 5.27
C VAL D 24 -23.10 -9.96 6.16
N PHE D 25 -22.28 -10.83 5.55
CA PHE D 25 -21.48 -11.76 6.35
C PHE D 25 -20.52 -11.01 7.27
N GLU D 26 -19.90 -9.94 6.78
CA GLU D 26 -19.00 -9.18 7.62
C GLU D 26 -19.75 -8.57 8.81
N LEU D 27 -21.00 -8.21 8.61
CA LEU D 27 -21.80 -7.75 9.74
C LEU D 27 -22.03 -8.88 10.74
N LYS D 28 -22.17 -10.11 10.26
CA LYS D 28 -22.28 -11.26 11.16
C LYS D 28 -21.02 -11.46 11.99
N ARG D 29 -19.84 -11.16 11.45
CA ARG D 29 -18.63 -11.28 12.25
C ARG D 29 -18.65 -10.29 13.41
N ILE D 30 -19.20 -9.09 13.19
CA ILE D 30 -19.35 -8.15 14.29
C ILE D 30 -20.25 -8.73 15.36
N VAL D 31 -21.40 -9.29 14.97
CA VAL D 31 -22.29 -9.87 15.97
C VAL D 31 -21.57 -10.99 16.72
N GLU D 32 -20.76 -11.78 16.01
CA GLU D 32 -20.08 -12.89 16.68
C GLU D 32 -19.15 -12.37 17.78
N GLY D 33 -18.44 -11.28 17.50
CA GLY D 33 -17.57 -10.70 18.52
C GLY D 33 -18.32 -10.22 19.76
N ILE D 34 -19.56 -9.82 19.60
CA ILE D 34 -20.34 -9.26 20.70
C ILE D 34 -21.15 -10.33 21.40
N LEU D 35 -21.89 -11.11 20.62
CA LEU D 35 -22.83 -12.09 21.15
C LEU D 35 -22.32 -13.52 21.12
N LYS D 36 -21.10 -13.76 20.62
CA LYS D 36 -20.44 -15.06 20.73
C LYS D 36 -21.25 -16.16 20.00
N ARG D 37 -21.69 -15.85 18.79
CA ARG D 37 -22.43 -16.86 18.05
C ARG D 37 -21.89 -16.76 16.62
N PRO D 38 -21.42 -17.86 16.04
CA PRO D 38 -20.76 -17.79 14.73
C PRO D 38 -21.75 -17.42 13.64
N PRO D 39 -21.26 -16.91 12.51
CA PRO D 39 -22.17 -16.50 11.42
C PRO D 39 -23.08 -17.62 10.93
N ASP D 40 -22.61 -18.88 10.91
CA ASP D 40 -23.54 -19.91 10.42
C ASP D 40 -24.65 -20.24 11.40
N GLU D 41 -24.66 -19.63 12.60
CA GLU D 41 -25.77 -19.71 13.51
C GLU D 41 -26.60 -18.43 13.52
N GLN D 42 -26.36 -17.52 12.57
CA GLN D 42 -27.03 -16.24 12.53
C GLN D 42 -27.79 -16.13 11.22
N ARG D 43 -28.95 -15.50 11.28
CA ARG D 43 -29.69 -15.08 10.11
C ARG D 43 -29.94 -13.58 10.25
N LEU D 44 -29.65 -12.79 9.22
CA LEU D 44 -29.88 -11.34 9.29
C LEU D 44 -31.04 -10.95 8.40
N TYR D 45 -31.82 -9.98 8.83
CA TYR D 45 -33.05 -9.61 8.15
C TYR D 45 -33.13 -8.11 7.92
N LYS D 46 -33.77 -7.74 6.82
CA LYS D 46 -34.33 -6.42 6.61
C LYS D 46 -35.84 -6.60 6.55
N ASP D 47 -36.55 -6.00 7.51
CA ASP D 47 -37.97 -6.28 7.74
C ASP D 47 -38.08 -7.79 7.93
N ASP D 48 -38.92 -8.49 7.19
CA ASP D 48 -39.11 -9.93 7.34
C ASP D 48 -38.25 -10.74 6.38
N GLN D 49 -37.27 -10.09 5.75
CA GLN D 49 -36.45 -10.67 4.69
C GLN D 49 -35.08 -11.16 5.11
N LEU D 50 -34.84 -12.44 4.85
CA LEU D 50 -33.52 -12.99 5.06
C LEU D 50 -32.56 -12.32 4.08
N LEU D 51 -31.40 -11.94 4.57
CA LEU D 51 -30.39 -11.26 3.77
C LEU D 51 -29.34 -12.25 3.32
N ASP D 52 -28.88 -12.09 2.09
CA ASP D 52 -27.87 -12.98 1.56
C ASP D 52 -26.49 -12.61 2.06
N ASP D 53 -25.72 -13.63 2.47
CA ASP D 53 -24.41 -13.41 3.08
C ASP D 53 -23.47 -12.60 2.20
N GLY D 54 -23.50 -12.83 0.89
CA GLY D 54 -22.57 -12.21 -0.01
C GLY D 54 -22.92 -10.79 -0.45
N LYS D 55 -24.12 -10.31 -0.13
CA LYS D 55 -24.54 -8.98 -0.54
C LYS D 55 -23.95 -7.91 0.36
N THR D 56 -23.69 -6.75 -0.25
CA THR D 56 -23.25 -5.61 0.52
C THR D 56 -24.45 -5.00 1.22
N LEU D 57 -24.18 -4.25 2.27
CA LEU D 57 -25.26 -3.61 3.02
C LEU D 57 -26.02 -2.64 2.12
N GLY D 58 -25.31 -1.91 1.25
CA GLY D 58 -25.99 -1.02 0.31
C GLY D 58 -26.92 -1.75 -0.63
N GLU D 59 -26.49 -2.92 -1.13
CA GLU D 59 -27.37 -3.73 -1.95
C GLU D 59 -28.58 -4.20 -1.18
N CYS D 60 -28.44 -4.37 0.13
CA CYS D 60 -29.57 -4.72 0.98
C CYS D 60 -30.41 -3.51 1.37
N GLY D 61 -30.09 -2.32 0.87
CA GLY D 61 -30.89 -1.16 1.17
C GLY D 61 -30.48 -0.36 2.39
N PHE D 62 -29.29 -0.61 2.93
CA PHE D 62 -28.76 0.19 4.04
C PHE D 62 -27.83 1.19 3.39
N THR D 63 -28.30 2.43 3.28
CA THR D 63 -27.60 3.50 2.60
C THR D 63 -27.48 4.69 3.54
N SER D 64 -26.61 5.62 3.14
CA SER D 64 -26.42 6.83 3.92
C SER D 64 -27.73 7.61 4.08
N GLN D 65 -28.62 7.54 3.11
CA GLN D 65 -29.87 8.28 3.23
C GLN D 65 -30.77 7.68 4.30
N THR D 66 -30.65 6.38 4.56
CA THR D 66 -31.60 5.71 5.43
C THR D 66 -31.01 5.09 6.68
N ALA D 67 -29.69 5.18 6.91
CA ALA D 67 -29.11 4.55 8.06
C ALA D 67 -28.14 5.55 8.69
N ARG D 68 -28.69 6.54 9.30
CA ARG D 68 -28.05 7.72 9.83
C ARG D 68 -27.80 7.59 11.32
N PRO D 69 -26.79 8.28 11.86
CA PRO D 69 -26.53 8.19 13.31
C PRO D 69 -27.76 8.46 14.18
N GLN D 70 -28.54 9.49 13.86
CA GLN D 70 -29.64 9.82 14.75
C GLN D 70 -30.90 9.01 14.49
N ALA D 71 -30.89 8.16 13.48
CA ALA D 71 -32.05 7.35 13.17
C ALA D 71 -31.60 6.11 12.40
N PRO D 72 -30.99 5.15 13.08
CA PRO D 72 -30.40 4.00 12.38
C PRO D 72 -31.44 3.05 11.82
N ALA D 73 -31.03 2.31 10.80
CA ALA D 73 -31.88 1.29 10.21
C ALA D 73 -31.77 0.01 11.03
N THR D 74 -32.87 -0.75 11.06
CA THR D 74 -32.94 -1.96 11.88
C THR D 74 -32.62 -3.21 11.07
N VAL D 75 -31.73 -4.04 11.62
CA VAL D 75 -31.42 -5.37 11.11
C VAL D 75 -31.90 -6.42 12.11
N GLY D 76 -32.79 -7.31 11.64
CA GLY D 76 -33.22 -8.42 12.47
C GLY D 76 -32.18 -9.53 12.52
N LEU D 77 -32.11 -10.22 13.66
CA LEU D 77 -31.12 -11.27 13.86
C LEU D 77 -31.85 -12.48 14.43
N ALA D 78 -31.58 -13.67 13.86
CA ALA D 78 -32.15 -14.91 14.39
C ALA D 78 -31.05 -15.94 14.58
N PHE D 79 -31.17 -16.70 15.67
CA PHE D 79 -30.21 -17.74 16.07
C PHE D 79 -30.69 -19.17 15.78
N ARG D 80 -29.71 -20.05 15.52
CA ARG D 80 -29.94 -21.50 15.39
C ARG D 80 -29.80 -22.14 16.77
N ALA D 81 -30.92 -22.62 17.33
CA ALA D 81 -30.85 -23.27 18.63
C ALA D 81 -30.04 -24.56 18.55
N ASP D 82 -30.47 -25.51 17.71
CA ASP D 82 -29.80 -26.77 17.42
C ASP D 82 -29.62 -26.82 15.92
N ASP D 83 -30.31 -27.78 15.30
CA ASP D 83 -30.20 -28.02 13.88
C ASP D 83 -30.62 -26.75 13.15
N THR D 84 -31.83 -26.26 13.43
CA THR D 84 -32.60 -25.33 12.61
C THR D 84 -32.84 -24.02 13.37
N PHE D 85 -33.22 -23.00 12.59
CA PHE D 85 -33.41 -21.65 13.10
C PHE D 85 -34.75 -21.35 13.78
N GLU D 86 -34.66 -20.59 14.87
CA GLU D 86 -35.81 -19.97 15.51
C GLU D 86 -36.43 -18.95 14.55
N ALA D 87 -37.71 -18.66 14.74
CA ALA D 87 -38.33 -17.58 14.00
C ALA D 87 -37.72 -16.24 14.39
N LEU D 88 -37.68 -15.32 13.42
CA LEU D 88 -37.16 -13.97 13.67
C LEU D 88 -38.02 -13.35 14.75
N ILE D 90 -38.48 -9.98 17.51
CA ILE D 90 -38.15 -8.67 18.09
C ILE D 90 -39.19 -8.01 19.00
N GLU D 91 -38.81 -7.88 20.26
CA GLU D 91 -39.68 -7.22 21.22
C GLU D 91 -39.76 -5.74 20.94
N PRO D 92 -40.96 -5.19 20.82
CA PRO D 92 -41.09 -3.76 20.58
C PRO D 92 -40.62 -3.00 21.80
N PHE D 93 -40.19 -1.76 21.58
CA PHE D 93 -39.91 -0.91 22.72
C PHE D 93 -41.18 -0.58 23.48
N SER D 94 -41.00 -0.03 24.67
CA SER D 94 -42.11 0.37 25.51
C SER D 94 -42.90 1.49 24.84
N SER D 95 -44.13 1.68 25.33
CA SER D 95 -45.03 2.68 24.79
C SER D 95 -44.91 3.98 25.58
N PRO D 96 -44.85 5.10 24.86
CA PRO D 96 -44.82 6.40 25.54
C PRO D 96 -46.14 6.68 26.24
N PRO D 97 -46.13 7.51 27.28
CA PRO D 97 -47.39 7.91 27.92
C PRO D 97 -48.20 8.83 27.03
N GLU D 98 -49.45 9.04 27.41
CA GLU D 98 -50.29 10.00 26.72
C GLU D 98 -49.71 11.40 26.85
N LEU D 99 -49.79 12.15 25.75
CA LEU D 99 -49.39 13.55 25.75
C LEU D 99 -50.08 14.30 26.89
N PRO D 100 -49.36 15.00 27.75
CA PRO D 100 -50.03 15.84 28.74
C PRO D 100 -50.90 16.90 28.05
N ASP D 101 -51.90 17.38 28.79
CA ASP D 101 -52.83 18.35 28.20
C ASP D 101 -52.08 19.56 27.66
N VAL D 102 -51.13 20.08 28.45
CA VAL D 102 -50.42 21.31 28.15
C VAL D 102 -49.55 21.18 26.89
N MET D 103 -49.38 19.97 26.36
CA MET D 103 -48.73 19.77 25.08
C MET D 103 -49.70 19.44 23.95
N LYS D 104 -50.87 18.89 24.25
CA LYS D 104 -51.85 18.52 23.21
C LYS D 104 -52.48 19.75 22.54
N MET E 1 -15.13 -5.39 26.71
CA MET E 1 -14.32 -4.22 26.98
C MET E 1 -14.48 -3.14 25.90
N MET E 2 -14.86 -3.51 24.68
CA MET E 2 -15.11 -2.47 23.68
C MET E 2 -16.57 -2.03 23.68
N TYR E 3 -17.49 -2.91 24.06
CA TYR E 3 -18.90 -2.59 24.07
C TYR E 3 -19.38 -2.66 25.51
N VAL E 4 -20.50 -1.99 25.79
CA VAL E 4 -21.17 -2.11 27.08
C VAL E 4 -22.64 -2.41 26.85
N LYS E 5 -23.26 -2.96 27.88
CA LYS E 5 -24.67 -3.31 27.87
C LYS E 5 -25.41 -2.34 28.79
N LEU E 6 -26.42 -1.66 28.24
CA LEU E 6 -27.28 -0.74 28.99
C LEU E 6 -28.69 -1.32 29.02
N ILE E 7 -29.22 -1.54 30.21
CA ILE E 7 -30.47 -2.28 30.37
C ILE E 7 -31.55 -1.33 30.86
N SER E 8 -32.65 -1.26 30.12
CA SER E 8 -33.75 -0.37 30.44
C SER E 8 -34.57 -0.94 31.59
N SER E 9 -35.52 -0.13 32.05
CA SER E 9 -36.37 -0.56 33.17
C SER E 9 -37.26 -1.73 32.77
N ASP E 10 -37.66 -1.82 31.50
CA ASP E 10 -38.46 -2.94 31.01
C ASP E 10 -37.63 -4.09 30.48
N GLY E 11 -36.32 -4.09 30.72
CA GLY E 11 -35.48 -5.23 30.44
C GLY E 11 -34.85 -5.30 29.06
N HIS E 12 -35.01 -4.27 28.24
CA HIS E 12 -34.29 -4.25 26.97
C HIS E 12 -32.81 -4.01 27.21
N GLU E 13 -31.99 -4.77 26.50
CA GLU E 13 -30.54 -4.69 26.62
C GLU E 13 -29.98 -4.01 25.39
N PHE E 14 -29.34 -2.86 25.58
CA PHE E 14 -28.77 -2.08 24.49
C PHE E 14 -27.26 -2.21 24.55
N ILE E 15 -26.67 -2.72 23.47
CA ILE E 15 -25.24 -2.93 23.37
C ILE E 15 -24.66 -1.85 22.46
N VAL E 16 -23.80 -0.99 23.02
CA VAL E 16 -23.24 0.14 22.30
C VAL E 16 -21.73 0.20 22.55
N LYS E 17 -21.01 0.85 21.62
CA LYS E 17 -19.58 1.05 21.81
C LYS E 17 -19.35 1.76 23.13
N ARG E 18 -18.40 1.26 23.91
CA ARG E 18 -18.13 1.85 25.22
C ARG E 18 -17.79 3.33 25.09
N GLU E 19 -16.91 3.69 24.13
CA GLU E 19 -16.59 5.10 23.94
C GLU E 19 -17.85 5.93 23.70
N HIS E 20 -18.83 5.38 22.99
CA HIS E 20 -20.05 6.14 22.76
C HIS E 20 -20.81 6.34 24.07
N ALA E 21 -20.93 5.29 24.87
CA ALA E 21 -21.64 5.45 26.13
C ALA E 21 -20.93 6.43 27.05
N LEU E 22 -19.60 6.50 27.00
CA LEU E 22 -18.85 7.43 27.86
C LEU E 22 -19.14 8.89 27.54
N THR E 23 -19.94 9.14 26.51
CA THR E 23 -20.52 10.46 26.32
C THR E 23 -21.25 10.97 27.57
N SER E 24 -21.89 10.08 28.31
CA SER E 24 -22.59 10.44 29.53
C SER E 24 -21.60 10.26 30.68
N GLY E 25 -21.33 11.34 31.42
CA GLY E 25 -20.51 11.20 32.61
C GLY E 25 -21.12 10.33 33.69
N THR E 26 -22.45 10.31 33.78
CA THR E 26 -23.09 9.42 34.74
C THR E 26 -22.78 7.96 34.44
N ILE E 27 -22.90 7.57 33.18
CA ILE E 27 -22.58 6.19 32.78
C ILE E 27 -21.10 5.92 33.01
N LYS E 28 -20.26 6.91 32.69
CA LYS E 28 -18.82 6.76 32.90
C LYS E 28 -18.53 6.40 34.36
N ALA E 29 -19.24 7.02 35.29
CA ALA E 29 -19.02 6.68 36.69
C ALA E 29 -19.54 5.29 37.02
N MET E 30 -20.73 4.94 36.53
CA MET E 30 -21.32 3.63 36.78
C MET E 30 -20.51 2.47 36.19
N LEU E 31 -19.68 2.70 35.18
CA LEU E 31 -18.93 1.59 34.63
C LEU E 31 -17.60 1.34 35.33
N SER E 32 -16.97 2.39 35.85
CA SER E 32 -15.69 2.27 36.56
C SER E 32 -15.84 3.02 37.88
N GLY E 33 -16.47 2.37 38.86
CA GLY E 33 -16.75 3.00 40.13
C GLY E 33 -15.52 3.45 40.89
N GLU E 41 -13.52 -3.81 36.16
CA GLU E 41 -14.61 -2.85 35.96
C GLU E 41 -15.97 -3.55 35.81
N THR E 42 -16.86 -2.92 35.04
CA THR E 42 -18.21 -3.41 34.78
C THR E 42 -18.51 -3.23 33.30
N ASN E 43 -19.18 -4.19 32.66
CA ASN E 43 -19.74 -3.87 31.34
C ASN E 43 -21.26 -3.87 31.29
N GLU E 44 -21.96 -3.94 32.42
CA GLU E 44 -23.41 -3.79 32.39
C GLU E 44 -23.85 -2.63 33.28
N VAL E 45 -24.87 -1.91 32.81
CA VAL E 45 -25.52 -0.87 33.60
C VAL E 45 -27.03 -1.06 33.53
N ASN E 46 -27.69 -1.11 34.68
CA ASN E 46 -29.15 -1.19 34.73
C ASN E 46 -29.74 0.18 35.01
N PHE E 47 -30.75 0.58 34.25
CA PHE E 47 -31.41 1.86 34.46
C PHE E 47 -32.85 1.55 34.87
N ARG E 48 -33.09 1.50 36.19
CA ARG E 48 -34.41 1.17 36.71
C ARG E 48 -35.47 2.22 36.40
N GLU E 49 -35.08 3.41 35.93
CA GLU E 49 -36.00 4.52 35.71
C GLU E 49 -36.18 4.87 34.25
N ILE E 50 -35.40 4.27 33.36
CA ILE E 50 -35.38 4.64 31.95
C ILE E 50 -36.01 3.51 31.14
N PRO E 51 -37.20 3.71 30.59
CA PRO E 51 -37.81 2.68 29.76
C PRO E 51 -37.16 2.62 28.39
N SER E 52 -37.44 1.53 27.67
CA SER E 52 -36.69 1.27 26.44
C SER E 52 -36.96 2.30 25.35
N HIS E 53 -38.17 2.87 25.27
CA HIS E 53 -38.44 3.89 24.26
C HIS E 53 -37.69 5.18 24.52
N VAL E 54 -37.11 5.35 25.70
CA VAL E 54 -36.25 6.49 25.99
C VAL E 54 -34.79 6.11 25.79
N LEU E 55 -34.36 4.98 26.35
CA LEU E 55 -32.96 4.62 26.29
C LEU E 55 -32.52 4.34 24.84
N SER E 56 -33.43 3.84 23.99
CA SER E 56 -33.06 3.66 22.60
C SER E 56 -32.68 4.99 21.96
N LYS E 57 -33.44 6.05 22.26
CA LYS E 57 -33.17 7.37 21.71
C LYS E 57 -31.87 7.95 22.27
N VAL E 58 -31.59 7.68 23.55
CA VAL E 58 -30.33 8.08 24.17
C VAL E 58 -29.15 7.47 23.43
N CYS E 59 -29.23 6.18 23.09
CA CYS E 59 -28.17 5.54 22.33
C CYS E 59 -28.01 6.17 20.96
N MET E 60 -29.13 6.49 20.31
CA MET E 60 -29.05 7.20 19.05
C MET E 60 -28.34 8.53 19.22
N TYR E 61 -28.60 9.20 20.34
CA TYR E 61 -27.90 10.46 20.60
C TYR E 61 -26.40 10.26 20.73
N PHE E 62 -25.97 9.21 21.45
CA PHE E 62 -24.53 8.93 21.55
C PHE E 62 -23.90 8.82 20.16
N THR E 63 -24.50 8.03 19.27
CA THR E 63 -23.98 7.88 17.92
C THR E 63 -23.97 9.22 17.20
N TYR E 64 -25.07 9.96 17.32
CA TYR E 64 -25.18 11.26 16.66
C TYR E 64 -24.13 12.24 17.18
N LYS E 65 -23.95 12.32 18.48
CA LYS E 65 -22.98 13.28 19.02
C LYS E 65 -21.57 12.94 18.56
N VAL E 66 -21.19 11.65 18.67
CA VAL E 66 -19.84 11.28 18.29
C VAL E 66 -19.62 11.53 16.80
N ARG E 67 -20.63 11.26 15.96
CA ARG E 67 -20.43 11.47 14.53
C ARG E 67 -20.28 12.95 14.17
N TYR E 68 -21.08 13.82 14.77
CA TYR E 68 -21.14 15.17 14.25
C TYR E 68 -20.38 16.18 15.07
N THR E 69 -19.86 15.77 16.21
CA THR E 69 -19.03 16.66 16.99
C THR E 69 -17.72 16.88 16.24
N ASN E 70 -17.26 18.13 16.13
CA ASN E 70 -16.04 18.47 15.38
C ASN E 70 -16.08 18.03 13.91
N SER E 71 -17.20 18.29 13.25
CA SER E 71 -17.38 18.02 11.83
C SER E 71 -17.76 19.30 11.09
N SER E 72 -17.34 19.39 9.83
CA SER E 72 -17.68 20.56 9.03
C SER E 72 -18.80 20.28 8.04
N THR E 73 -19.16 19.01 7.86
CA THR E 73 -20.39 18.59 7.23
C THR E 73 -21.61 19.18 7.94
N GLU E 74 -22.57 19.69 7.17
CA GLU E 74 -23.73 20.33 7.76
C GLU E 74 -24.42 19.38 8.72
N ILE E 75 -24.79 19.90 9.89
CA ILE E 75 -25.23 19.09 11.03
C ILE E 75 -26.76 18.93 10.94
N PRO E 76 -27.30 17.73 10.95
CA PRO E 76 -28.76 17.60 10.97
C PRO E 76 -29.34 17.72 12.37
N GLU E 77 -30.61 18.12 12.39
CA GLU E 77 -31.33 18.25 13.66
C GLU E 77 -31.49 16.88 14.31
N PHE E 78 -31.29 16.81 15.62
CA PHE E 78 -31.57 15.58 16.33
C PHE E 78 -33.08 15.50 16.59
N PRO E 79 -33.77 14.50 16.06
CA PRO E 79 -35.25 14.50 16.14
C PRO E 79 -35.74 13.96 17.47
N ILE E 80 -36.77 14.57 18.02
CA ILE E 80 -37.37 14.14 19.28
C ILE E 80 -38.88 14.23 19.18
N ALA E 81 -39.55 13.09 19.22
CA ALA E 81 -41.00 13.13 19.23
C ALA E 81 -41.50 13.80 20.50
N PRO E 82 -42.54 14.63 20.41
CA PRO E 82 -43.10 15.28 21.62
C PRO E 82 -43.44 14.31 22.72
N GLU E 83 -43.85 13.10 22.33
CA GLU E 83 -44.42 12.10 23.22
C GLU E 83 -43.39 11.54 24.19
N ILE E 84 -42.12 11.61 23.85
CA ILE E 84 -41.02 11.12 24.67
C ILE E 84 -40.21 12.26 25.24
N ALA E 85 -40.58 13.50 24.89
CA ALA E 85 -39.75 14.66 25.22
C ALA E 85 -39.57 14.78 26.72
N LEU E 86 -40.63 14.55 27.49
CA LEU E 86 -40.55 14.78 28.91
C LEU E 86 -39.63 13.73 29.55
N GLU E 87 -39.79 12.46 29.17
CA GLU E 87 -38.94 11.41 29.72
C GLU E 87 -37.51 11.55 29.24
N LEU E 88 -37.32 11.89 27.98
CA LEU E 88 -35.95 12.09 27.48
C LEU E 88 -35.26 13.25 28.18
N LEU E 89 -36.01 14.33 28.47
CA LEU E 89 -35.41 15.46 29.19
C LEU E 89 -34.95 15.03 30.57
N MET E 90 -35.78 14.28 31.28
CA MET E 90 -35.36 13.79 32.57
C MET E 90 -34.19 12.82 32.45
N ALA E 91 -34.23 11.93 31.45
CA ALA E 91 -33.11 11.01 31.26
C ALA E 91 -31.82 11.78 30.95
N ALA E 92 -31.91 12.74 30.03
CA ALA E 92 -30.72 13.51 29.68
C ALA E 92 -30.17 14.26 30.89
N ASN E 93 -31.05 14.84 31.69
CA ASN E 93 -30.60 15.51 32.90
C ASN E 93 -29.87 14.55 33.82
N PHE E 94 -30.42 13.35 34.01
CA PHE E 94 -29.78 12.36 34.88
C PHE E 94 -28.43 11.92 34.32
N LEU E 95 -28.35 11.72 33.01
CA LEU E 95 -27.15 11.19 32.38
C LEU E 95 -26.08 12.24 32.10
N ASP E 96 -26.40 13.53 32.23
CA ASP E 96 -25.44 14.61 31.96
C ASP E 96 -24.84 14.50 30.55
N CYS E 97 -25.73 14.51 29.57
CA CYS E 97 -25.25 14.50 28.20
C CYS E 97 -26.10 15.42 27.32
N VAL F 11 -16.87 45.23 26.09
CA VAL F 11 -15.61 44.57 25.74
C VAL F 11 -15.72 44.02 24.32
N LEU F 12 -16.78 43.24 24.07
CA LEU F 12 -17.00 42.50 22.83
C LEU F 12 -17.66 43.47 21.86
N ARG F 13 -16.87 44.08 20.97
CA ARG F 13 -17.44 45.04 20.02
C ARG F 13 -16.76 44.98 18.66
N SER F 14 -17.51 45.44 17.65
CA SER F 14 -16.92 45.60 16.33
C SER F 14 -15.95 46.77 16.32
N VAL F 15 -14.89 46.62 15.55
CA VAL F 15 -13.95 47.70 15.26
C VAL F 15 -14.47 48.53 14.09
N ASN F 16 -14.46 49.85 14.25
CA ASN F 16 -14.94 50.79 13.23
C ASN F 16 -13.85 51.09 12.19
N SER F 17 -13.54 50.08 11.39
CA SER F 17 -12.47 50.16 10.38
C SER F 17 -12.86 51.01 9.18
N ARG F 18 -14.14 51.05 8.83
CA ARG F 18 -14.65 51.64 7.60
C ARG F 18 -14.03 51.00 6.35
N GLU F 19 -13.58 49.75 6.45
CA GLU F 19 -13.11 49.04 5.26
C GLU F 19 -14.14 47.99 4.84
N PRO F 20 -14.85 48.18 3.74
CA PRO F 20 -15.94 47.26 3.39
C PRO F 20 -15.44 45.84 3.20
N SER F 21 -16.28 44.88 3.59
CA SER F 21 -16.01 43.46 3.44
C SER F 21 -17.32 42.81 3.05
N GLN F 22 -17.35 42.25 1.85
CA GLN F 22 -18.56 41.63 1.34
C GLN F 22 -18.66 40.18 1.85
N VAL F 23 -19.85 39.77 2.31
CA VAL F 23 -20.03 38.49 2.97
C VAL F 23 -21.28 37.78 2.44
N ILE F 24 -21.22 36.45 2.33
CA ILE F 24 -22.40 35.62 2.12
C ILE F 24 -22.78 34.92 3.42
N PHE F 25 -23.95 35.28 3.95
CA PHE F 25 -24.58 34.54 5.03
C PHE F 25 -25.27 33.31 4.44
N ASN F 27 -27.17 30.01 5.26
CA ASN F 27 -27.88 29.32 6.34
C ASN F 27 -27.96 27.81 5.99
N ARG F 28 -27.01 26.98 6.42
CA ARG F 28 -27.12 25.54 6.20
C ARG F 28 -27.75 24.89 7.43
N SER F 29 -28.83 25.45 7.96
CA SER F 29 -29.51 24.93 9.13
C SER F 29 -30.99 24.86 8.80
N PRO F 30 -31.77 24.08 9.55
CA PRO F 30 -33.23 24.07 9.32
C PRO F 30 -34.00 25.13 10.10
N ARG F 31 -33.31 26.01 10.80
CA ARG F 31 -33.96 27.06 11.58
C ARG F 31 -34.01 28.33 10.74
N VAL F 32 -34.98 29.19 11.05
CA VAL F 32 -34.89 30.58 10.63
C VAL F 32 -33.81 31.27 11.43
N VAL F 33 -32.87 31.90 10.73
CA VAL F 33 -31.65 32.42 11.35
C VAL F 33 -31.78 33.93 11.52
N LEU F 34 -31.48 34.40 12.75
CA LEU F 34 -31.35 35.82 13.06
C LEU F 34 -29.89 36.21 13.12
N PRO F 35 -29.37 36.97 12.15
CA PRO F 35 -28.02 37.52 12.29
C PRO F 35 -28.01 38.69 13.26
N VAL F 36 -26.98 38.74 14.09
CA VAL F 36 -26.85 39.75 15.11
C VAL F 36 -25.49 40.42 14.98
N TRP F 37 -25.49 41.71 14.73
CA TRP F 37 -24.29 42.53 14.68
C TRP F 37 -24.07 43.19 16.03
N LEU F 38 -22.88 43.03 16.60
CA LEU F 38 -22.50 43.75 17.81
C LEU F 38 -21.94 45.09 17.37
N ASN F 39 -22.64 46.17 17.73
CA ASN F 39 -22.31 47.50 17.24
C ASN F 39 -21.13 48.10 18.02
N PHE F 40 -20.81 49.36 17.72
CA PHE F 40 -19.62 49.97 18.28
C PHE F 40 -19.74 50.19 19.78
N ASP F 41 -20.95 50.18 20.33
CA ASP F 41 -21.13 50.20 21.77
C ASP F 41 -21.22 48.81 22.39
N GLY F 42 -21.24 47.75 21.58
CA GLY F 42 -21.43 46.42 22.12
C GLY F 42 -22.86 45.96 22.21
N GLU F 43 -23.82 46.75 21.72
CA GLU F 43 -25.22 46.35 21.75
C GLU F 43 -25.50 45.35 20.63
N PRO F 44 -26.20 44.26 20.92
CA PRO F 44 -26.57 43.33 19.85
C PRO F 44 -27.63 44.00 18.97
N GLN F 45 -27.35 44.05 17.67
CA GLN F 45 -28.24 44.69 16.71
C GLN F 45 -28.83 43.66 15.76
N PRO F 46 -30.11 43.36 15.85
CA PRO F 46 -30.69 42.32 14.98
C PRO F 46 -30.82 42.80 13.54
N TYR F 47 -30.64 41.86 12.60
CA TYR F 47 -30.71 42.11 11.17
C TYR F 47 -31.78 41.23 10.52
N PRO F 48 -32.17 41.46 9.26
CA PRO F 48 -33.25 40.64 8.67
C PRO F 48 -32.94 39.16 8.70
N THR F 49 -34.00 38.35 8.85
CA THR F 49 -33.82 36.93 9.06
C THR F 49 -33.58 36.19 7.76
N LEU F 50 -32.98 35.01 7.87
CA LEU F 50 -32.74 34.12 6.74
C LEU F 50 -33.58 32.85 6.89
N PRO F 51 -34.45 32.53 5.96
CA PRO F 51 -35.15 31.22 5.98
C PRO F 51 -34.20 30.04 5.88
N PRO F 52 -34.63 28.87 6.34
CA PRO F 52 -33.77 27.67 6.23
C PRO F 52 -33.26 27.44 4.81
N GLY F 53 -31.98 27.09 4.73
CA GLY F 53 -31.42 26.73 3.45
C GLY F 53 -31.20 27.89 2.49
N THR F 54 -31.37 29.14 2.93
CA THR F 54 -31.26 30.30 2.07
C THR F 54 -29.98 31.09 2.35
N GLY F 55 -29.62 31.94 1.40
CA GLY F 55 -28.45 32.77 1.54
C GLY F 55 -28.71 34.21 1.17
N ARG F 56 -27.87 35.08 1.72
CA ARG F 56 -27.93 36.50 1.43
C ARG F 56 -26.53 37.03 1.24
N ARG F 57 -26.36 37.87 0.22
CA ARG F 57 -25.12 38.61 0.02
C ARG F 57 -25.27 39.96 0.70
N ILE F 58 -24.47 40.18 1.74
CA ILE F 58 -24.60 41.38 2.55
C ILE F 58 -23.30 42.16 2.53
N HIS F 59 -23.42 43.46 2.78
CA HIS F 59 -22.28 44.37 2.83
C HIS F 59 -21.95 44.63 4.29
N SER F 60 -20.76 44.22 4.71
CA SER F 60 -20.30 44.48 6.07
C SER F 60 -18.91 45.12 6.00
N TYR F 61 -18.14 44.98 7.08
CA TYR F 61 -16.88 45.69 7.17
C TYR F 61 -15.89 44.82 7.90
N ARG F 62 -14.61 44.99 7.55
CA ARG F 62 -13.53 44.28 8.23
C ARG F 62 -13.51 44.62 9.72
N GLY F 63 -13.33 43.60 10.55
CA GLY F 63 -13.24 43.79 11.97
C GLY F 63 -14.57 43.87 12.69
N HIS F 64 -15.69 43.75 11.98
CA HIS F 64 -17.00 43.75 12.59
C HIS F 64 -17.32 42.39 13.19
N LEU F 65 -18.22 42.38 14.16
CA LEU F 65 -18.53 41.17 14.91
C LEU F 65 -19.98 40.74 14.66
N TRP F 66 -20.16 39.46 14.29
CA TRP F 66 -21.49 38.89 14.05
C TRP F 66 -21.66 37.61 14.84
N LEU F 67 -22.90 37.34 15.24
CA LEU F 67 -23.25 36.04 15.77
C LEU F 67 -24.64 35.70 15.25
N PHE F 68 -25.03 34.44 15.38
CA PHE F 68 -26.25 33.98 14.71
C PHE F 68 -27.08 33.13 15.64
N ARG F 69 -28.40 33.32 15.56
CA ARG F 69 -29.36 32.71 16.46
C ARG F 69 -30.60 32.26 15.67
N ASP F 70 -31.31 31.30 16.25
CA ASP F 70 -32.65 30.93 15.79
C ASP F 70 -33.59 32.10 16.03
N ALA F 71 -34.25 32.58 14.97
CA ALA F 71 -35.02 33.81 15.09
C ALA F 71 -36.23 33.66 16.01
N GLY F 72 -36.76 32.45 16.15
CA GLY F 72 -37.96 32.24 16.93
C GLY F 72 -37.70 31.95 18.41
N THR F 73 -36.61 31.24 18.69
CA THR F 73 -36.31 30.77 20.03
C THR F 73 -35.04 31.35 20.62
N HIS F 74 -34.21 31.98 19.80
CA HIS F 74 -32.90 32.50 20.20
C HIS F 74 -31.89 31.41 20.56
N ASP F 75 -32.16 30.14 20.21
CA ASP F 75 -31.14 29.10 20.31
C ASP F 75 -29.87 29.54 19.61
N GLY F 76 -28.71 29.22 20.22
CA GLY F 76 -27.44 29.62 19.63
C GLY F 76 -27.06 28.75 18.44
N LEU F 77 -26.46 29.39 17.44
CA LEU F 77 -25.98 28.69 16.25
C LEU F 77 -24.52 28.99 16.03
N LEU F 78 -23.86 28.17 15.23
CA LEU F 78 -22.46 28.40 14.86
C LEU F 78 -22.33 28.95 13.46
N VAL F 79 -21.25 29.67 13.26
CA VAL F 79 -20.89 30.20 11.96
C VAL F 79 -19.42 29.85 11.74
N ASN F 80 -19.16 29.15 10.64
CA ASN F 80 -17.85 28.57 10.37
C ASN F 80 -17.31 27.82 11.59
N GLN F 81 -18.20 27.07 12.26
CA GLN F 81 -17.90 26.16 13.37
C GLN F 81 -17.57 26.88 14.67
N THR F 82 -17.83 28.17 14.78
CA THR F 82 -17.52 28.84 16.02
C THR F 82 -18.65 29.80 16.37
N GLU F 83 -18.47 30.55 17.46
CA GLU F 83 -19.57 31.37 17.94
C GLU F 83 -19.67 32.70 17.20
N LEU F 84 -18.53 33.34 16.94
CA LEU F 84 -18.47 34.68 16.39
C LEU F 84 -17.87 34.68 14.99
N PHE F 85 -18.40 35.55 14.13
CA PHE F 85 -17.93 35.73 12.76
C PHE F 85 -17.41 37.14 12.50
N VAL F 86 -16.18 37.23 11.97
CA VAL F 86 -15.54 38.50 11.61
C VAL F 86 -15.21 38.55 10.13
N PRO F 87 -15.84 39.43 9.38
CA PRO F 87 -15.49 39.58 7.97
C PRO F 87 -14.03 39.94 7.86
N SER F 88 -13.35 39.35 6.88
CA SER F 88 -11.93 39.56 6.69
C SER F 88 -11.71 40.20 5.33
N LEU F 89 -10.46 40.28 4.90
CA LEU F 89 -10.20 40.86 3.59
C LEU F 89 -10.71 39.99 2.44
N ASN F 90 -11.45 40.62 1.53
CA ASN F 90 -11.91 39.96 0.32
C ASN F 90 -10.74 39.81 -0.64
N VAL F 91 -10.38 38.56 -0.92
CA VAL F 91 -9.25 38.27 -1.80
C VAL F 91 -9.76 38.20 -3.23
N ASP F 92 -9.27 39.10 -4.09
CA ASP F 92 -9.67 39.14 -5.50
C ASP F 92 -11.18 39.33 -5.67
N GLY F 93 -11.78 40.20 -4.85
CA GLY F 93 -13.19 40.48 -4.96
C GLY F 93 -14.13 39.38 -4.55
N GLN F 94 -13.61 38.25 -4.06
CA GLN F 94 -14.44 37.12 -3.69
C GLN F 94 -15.15 37.41 -2.38
N PRO F 95 -16.45 37.11 -2.27
CA PRO F 95 -17.14 37.33 -1.00
C PRO F 95 -16.66 36.35 0.04
N ILE F 96 -16.74 36.77 1.29
CA ILE F 96 -16.32 35.95 2.42
C ILE F 96 -17.51 35.10 2.84
N PHE F 97 -17.30 33.80 3.05
CA PHE F 97 -18.42 32.88 3.29
C PHE F 97 -18.58 32.60 4.79
N ALA F 98 -19.79 32.88 5.30
CA ALA F 98 -20.21 32.62 6.69
C ALA F 98 -21.18 31.45 6.71
N ASN F 99 -20.70 30.27 7.08
CA ASN F 99 -21.51 29.05 7.08
C ASN F 99 -22.24 28.91 8.41
N ILE F 100 -23.55 29.12 8.40
CA ILE F 100 -24.34 29.03 9.63
C ILE F 100 -24.90 27.63 9.75
N THR F 101 -24.63 26.96 10.87
CA THR F 101 -25.02 25.58 11.06
C THR F 101 -25.55 25.38 12.48
N LEU F 102 -26.29 24.28 12.65
CA LEU F 102 -26.62 23.82 14.00
C LEU F 102 -25.35 23.38 14.72
N PRO F 103 -25.22 23.70 16.01
CA PRO F 103 -24.25 22.99 16.84
C PRO F 103 -24.77 21.60 17.14
N VAL F 104 -23.88 20.75 17.65
CA VAL F 104 -24.35 19.53 18.31
C VAL F 104 -24.80 19.96 19.70
N TYR F 105 -26.10 20.23 19.88
CA TYR F 105 -26.60 20.53 21.21
C TYR F 105 -26.43 19.36 22.16
N THR F 106 -26.30 19.64 23.44
CA THR F 106 -26.43 18.54 24.39
C THR F 106 -27.83 17.94 24.27
N LEU F 107 -27.94 16.67 24.65
CA LEU F 107 -29.26 16.06 24.63
C LEU F 107 -30.23 16.85 25.52
N LYS F 108 -29.77 17.24 26.72
CA LYS F 108 -30.58 18.03 27.64
C LYS F 108 -31.04 19.35 27.03
N GLU F 109 -30.12 20.09 26.42
CA GLU F 109 -30.51 21.39 25.87
C GLU F 109 -31.50 21.19 24.73
N ARG F 110 -31.25 20.18 23.90
CA ARG F 110 -32.16 19.85 22.80
C ARG F 110 -33.55 19.49 23.30
N CYS F 111 -33.64 18.69 24.37
CA CYS F 111 -34.94 18.39 24.96
C CYS F 111 -35.62 19.65 25.44
N LEU F 112 -34.88 20.52 26.12
CA LEU F 112 -35.47 21.77 26.57
C LEU F 112 -36.04 22.56 25.39
N GLN F 113 -35.36 22.55 24.24
CA GLN F 113 -35.88 23.26 23.08
C GLN F 113 -37.23 22.69 22.67
N VAL F 114 -37.31 21.37 22.59
CA VAL F 114 -38.53 20.73 22.11
C VAL F 114 -39.68 21.00 23.09
N VAL F 115 -39.42 20.89 24.39
CA VAL F 115 -40.45 21.13 25.40
C VAL F 115 -40.91 22.58 25.38
N ARG F 116 -39.97 23.52 25.27
CA ARG F 116 -40.33 24.93 25.15
C ARG F 116 -41.23 25.15 23.96
N SER F 117 -40.96 24.46 22.85
CA SER F 117 -41.74 24.62 21.64
C SER F 117 -43.14 24.07 21.74
N LEU F 118 -43.44 23.25 22.76
CA LEU F 118 -44.74 22.62 22.91
C LEU F 118 -45.58 23.17 24.05
N VAL F 119 -44.98 23.87 25.01
CA VAL F 119 -45.68 24.29 26.22
C VAL F 119 -45.62 25.80 26.37
N LYS F 120 -46.78 26.44 26.54
CA LYS F 120 -46.81 27.86 26.85
C LYS F 120 -46.05 28.14 28.14
N PRO F 121 -45.29 29.21 28.23
CA PRO F 121 -44.49 29.47 29.44
C PRO F 121 -45.31 29.45 30.72
N GLU F 122 -46.58 29.87 30.67
CA GLU F 122 -47.42 29.81 31.86
C GLU F 122 -47.61 28.36 32.33
N ASN F 123 -47.56 27.40 31.40
CA ASN F 123 -47.93 26.04 31.71
C ASN F 123 -46.74 25.13 31.99
N TYR F 124 -45.52 25.69 32.05
CA TYR F 124 -44.35 24.88 32.44
C TYR F 124 -44.57 24.27 33.83
N ARG F 125 -45.17 25.05 34.74
CA ARG F 125 -45.40 24.63 36.12
C ARG F 125 -46.38 23.48 36.27
N ARG F 126 -47.20 23.20 35.25
CA ARG F 126 -48.16 22.11 35.35
C ARG F 126 -47.53 20.76 35.00
N LEU F 127 -46.26 20.75 34.62
CA LEU F 127 -45.52 19.53 34.28
C LEU F 127 -44.93 18.84 35.51
N ASP F 128 -44.92 17.50 35.51
CA ASP F 128 -44.42 16.74 36.66
C ASP F 128 -42.91 16.48 36.53
N ILE F 129 -42.11 17.51 36.84
CA ILE F 129 -40.65 17.44 36.71
C ILE F 129 -40.10 18.22 37.89
N VAL F 130 -38.85 17.91 38.28
CA VAL F 130 -38.23 18.60 39.39
C VAL F 130 -38.10 20.11 39.16
N ARG F 131 -38.07 20.84 40.28
CA ARG F 131 -38.06 22.30 40.24
C ARG F 131 -36.88 22.80 39.43
N SER F 132 -35.77 22.08 39.52
CA SER F 132 -34.54 22.48 38.82
C SER F 132 -34.75 22.53 37.32
N LEU F 133 -35.66 21.72 36.77
CA LEU F 133 -35.90 21.76 35.34
C LEU F 133 -36.77 22.93 34.93
N TYR F 134 -37.72 23.33 35.77
CA TYR F 134 -38.39 24.60 35.54
C TYR F 134 -37.40 25.73 35.32
N GLU F 135 -36.40 25.88 36.20
CA GLU F 135 -35.52 27.02 36.01
C GLU F 135 -34.81 26.83 34.66
N ASP F 136 -34.50 25.56 34.35
CA ASP F 136 -33.91 25.23 33.06
C ASP F 136 -34.84 25.57 31.91
N LEU F 137 -36.14 25.24 32.04
CA LEU F 137 -37.10 25.60 30.99
C LEU F 137 -37.22 27.12 30.87
N GLU F 138 -37.40 27.78 32.01
CA GLU F 138 -37.65 29.21 32.10
C GLU F 138 -36.46 30.04 31.67
N ASP F 139 -35.25 29.48 31.75
CA ASP F 139 -34.04 30.21 31.38
C ASP F 139 -33.88 30.11 29.87
N HIS F 140 -34.70 30.92 29.19
CA HIS F 140 -34.67 30.99 27.74
C HIS F 140 -33.31 31.48 27.25
N PRO F 141 -32.79 30.95 26.15
CA PRO F 141 -31.60 31.52 25.54
C PRO F 141 -31.75 33.02 25.35
N ASN F 142 -30.66 33.76 25.49
CA ASN F 142 -30.77 35.20 25.36
C ASN F 142 -29.40 35.75 25.00
N VAL F 143 -29.43 36.66 24.04
CA VAL F 143 -28.21 37.18 23.44
C VAL F 143 -27.38 37.98 24.45
N GLN F 144 -28.03 38.90 25.19
CA GLN F 144 -27.22 39.73 26.06
C GLN F 144 -26.70 38.95 27.25
N LYS F 145 -27.37 37.89 27.67
CA LYS F 145 -26.80 37.23 28.82
C LYS F 145 -25.79 36.17 28.42
N ASP F 146 -25.79 35.75 27.15
CA ASP F 146 -24.62 35.06 26.61
C ASP F 146 -23.42 36.00 26.49
N LEU F 147 -23.66 37.21 25.99
CA LEU F 147 -22.61 38.20 25.87
C LEU F 147 -22.03 38.61 27.22
N GLU F 148 -22.89 38.77 28.23
CA GLU F 148 -22.42 39.05 29.57
C GLU F 148 -21.61 37.88 30.12
N ARG F 149 -22.10 36.66 29.90
CA ARG F 149 -21.38 35.48 30.33
C ARG F 149 -20.00 35.43 29.68
N LEU F 150 -19.96 35.62 28.35
CA LEU F 150 -18.69 35.58 27.65
C LEU F 150 -17.73 36.65 28.17
N THR F 151 -18.25 37.83 28.52
CA THR F 151 -17.38 38.87 29.05
C THR F 151 -16.75 38.40 30.36
N GLN F 152 -17.58 37.76 31.21
CA GLN F 152 -17.13 37.24 32.50
C GLN F 152 -16.11 36.12 32.33
N GLU F 153 -16.33 35.24 31.37
CA GLU F 153 -15.32 34.21 31.05
C GLU F 153 -13.94 34.80 30.81
N ARG F 154 -13.85 35.90 30.05
CA ARG F 154 -12.53 36.35 29.59
C ARG F 154 -11.70 36.96 30.72
N ILE F 155 -12.33 37.53 31.74
CA ILE F 155 -11.60 38.17 32.84
C ILE F 155 -10.89 37.12 33.68
N MET G 1 10.45 -19.05 -15.15
CA MET G 1 9.39 -19.86 -14.55
C MET G 1 8.12 -19.07 -14.26
N ASP G 2 6.98 -19.70 -14.53
CA ASP G 2 5.69 -19.23 -14.06
C ASP G 2 5.55 -19.49 -12.56
N VAL G 3 5.00 -18.52 -11.84
CA VAL G 3 4.59 -18.74 -10.46
C VAL G 3 3.08 -18.64 -10.35
N PHE G 4 2.53 -19.42 -9.44
CA PHE G 4 1.08 -19.58 -9.31
C PHE G 4 0.62 -19.09 -7.95
N LEU G 5 -0.38 -18.21 -7.96
CA LEU G 5 -0.71 -17.43 -6.79
C LEU G 5 -2.17 -17.56 -6.43
N MET G 6 -2.44 -17.36 -5.17
CA MET G 6 -3.76 -17.08 -4.62
C MET G 6 -3.74 -15.69 -4.02
N ILE G 7 -4.53 -14.79 -4.60
CA ILE G 7 -4.69 -13.44 -4.08
C ILE G 7 -5.95 -13.42 -3.24
N ARG G 8 -5.81 -13.15 -1.94
CA ARG G 8 -6.88 -13.41 -0.98
C ARG G 8 -7.19 -12.16 -0.16
N ARG G 9 -8.48 -11.85 -0.06
CA ARG G 9 -8.96 -10.78 0.81
C ARG G 9 -10.30 -11.21 1.34
N HIS G 10 -10.44 -11.21 2.68
CA HIS G 10 -11.68 -11.61 3.33
C HIS G 10 -12.12 -12.98 2.83
N LYS G 11 -13.25 -13.06 2.14
CA LYS G 11 -13.73 -14.32 1.58
C LYS G 11 -13.56 -14.36 0.07
N THR G 12 -12.65 -13.57 -0.46
CA THR G 12 -12.37 -13.53 -1.89
C THR G 12 -11.00 -14.14 -2.12
N THR G 13 -10.89 -15.04 -3.08
CA THR G 13 -9.62 -15.64 -3.46
C THR G 13 -9.49 -15.65 -4.97
N ILE G 14 -8.49 -14.98 -5.48
CA ILE G 14 -8.19 -15.00 -6.92
C ILE G 14 -7.07 -15.97 -7.20
N PHE G 15 -7.33 -16.91 -8.10
CA PHE G 15 -6.31 -17.79 -8.63
C PHE G 15 -5.76 -17.18 -9.90
N THR G 16 -4.45 -16.96 -9.93
CA THR G 16 -3.82 -16.41 -11.12
C THR G 16 -2.37 -16.86 -11.13
N ASP G 17 -1.75 -16.69 -12.28
CA ASP G 17 -0.33 -16.96 -12.45
C ASP G 17 0.38 -15.72 -12.96
N ALA G 18 1.70 -15.75 -12.82
CA ALA G 18 2.54 -14.66 -13.29
C ALA G 18 3.95 -15.18 -13.50
N LYS G 19 4.75 -14.36 -14.16
CA LYS G 19 6.16 -14.66 -14.34
C LYS G 19 6.91 -14.34 -13.04
N GLU G 20 7.86 -15.20 -12.67
CA GLU G 20 8.74 -14.86 -11.56
C GLU G 20 9.37 -13.49 -11.74
N SER G 21 9.63 -13.09 -12.99
CA SER G 21 10.23 -11.79 -13.29
C SER G 21 9.22 -10.65 -13.30
N SER G 22 7.93 -10.94 -13.28
CA SER G 22 6.97 -9.85 -13.28
C SER G 22 6.93 -9.22 -11.90
N THR G 23 6.40 -8.00 -11.83
CA THR G 23 6.48 -7.23 -10.62
C THR G 23 5.16 -7.27 -9.84
N VAL G 24 5.25 -6.85 -8.58
CA VAL G 24 4.09 -6.68 -7.71
C VAL G 24 3.04 -5.79 -8.37
N PHE G 25 3.46 -4.68 -9.00
CA PHE G 25 2.50 -3.78 -9.64
C PHE G 25 1.73 -4.46 -10.75
N GLU G 26 2.40 -5.27 -11.57
CA GLU G 26 1.67 -5.97 -12.62
C GLU G 26 0.63 -6.89 -12.02
N LEU G 27 0.91 -7.44 -10.84
CA LEU G 27 -0.11 -8.23 -10.17
C LEU G 27 -1.30 -7.38 -9.77
N LYS G 28 -1.06 -6.13 -9.35
CA LYS G 28 -2.15 -5.23 -9.02
C LYS G 28 -3.01 -4.89 -10.23
N ARG G 29 -2.44 -4.86 -11.44
CA ARG G 29 -3.27 -4.64 -12.62
C ARG G 29 -4.25 -5.80 -12.83
N ILE G 30 -3.81 -7.04 -12.53
CA ILE G 30 -4.74 -8.17 -12.59
C ILE G 30 -5.88 -7.99 -11.61
N VAL G 31 -5.58 -7.63 -10.36
CA VAL G 31 -6.66 -7.45 -9.40
C VAL G 31 -7.60 -6.35 -9.84
N GLU G 32 -7.07 -5.26 -10.39
CA GLU G 32 -7.94 -4.19 -10.88
C GLU G 32 -8.90 -4.71 -11.96
N GLY G 33 -8.41 -5.55 -12.88
CA GLY G 33 -9.28 -6.11 -13.91
C GLY G 33 -10.43 -6.96 -13.38
N ILE G 34 -10.25 -7.61 -12.23
CA ILE G 34 -11.28 -8.48 -11.67
C ILE G 34 -12.16 -7.72 -10.68
N LEU G 35 -11.52 -7.01 -9.75
CA LEU G 35 -12.23 -6.35 -8.65
C LEU G 35 -12.43 -4.86 -8.88
N LYS G 36 -11.99 -4.32 -10.03
CA LYS G 36 -12.31 -2.95 -10.42
C LYS G 36 -11.78 -1.97 -9.38
N ARG G 37 -10.52 -2.12 -9.01
CA ARG G 37 -9.93 -1.22 -8.04
C ARG G 37 -8.52 -0.85 -8.47
N PRO G 38 -8.20 0.43 -8.56
CA PRO G 38 -6.89 0.83 -9.08
C PRO G 38 -5.77 0.40 -8.15
N PRO G 39 -4.56 0.27 -8.68
CA PRO G 39 -3.42 -0.14 -7.85
C PRO G 39 -3.16 0.74 -6.64
N ASP G 40 -3.38 2.06 -6.73
CA ASP G 40 -3.12 2.89 -5.56
C ASP G 40 -4.17 2.73 -4.49
N GLU G 41 -5.20 1.93 -4.73
CA GLU G 41 -6.17 1.56 -3.71
C GLU G 41 -5.96 0.15 -3.21
N GLN G 42 -4.87 -0.51 -3.58
CA GLN G 42 -4.58 -1.89 -3.20
C GLN G 42 -3.27 -1.93 -2.43
N ARG G 43 -3.20 -2.79 -1.42
CA ARG G 43 -1.96 -3.15 -0.77
C ARG G 43 -1.82 -4.67 -0.86
N LEU G 44 -0.64 -5.15 -1.28
CA LEU G 44 -0.37 -6.58 -1.36
C LEU G 44 0.61 -7.02 -0.29
N TYR G 45 0.38 -8.20 0.27
CA TYR G 45 1.16 -8.71 1.40
C TYR G 45 1.65 -10.11 1.12
N LYS G 46 2.82 -10.47 1.64
CA LYS G 46 3.13 -11.89 1.85
C LYS G 46 3.19 -12.06 3.36
N ASP G 47 2.25 -12.85 3.91
CA ASP G 47 1.97 -12.95 5.37
C ASP G 47 1.72 -11.52 5.84
N ASP G 48 2.35 -11.03 6.87
CA ASP G 48 2.01 -9.67 7.30
C ASP G 48 2.87 -8.60 6.67
N GLN G 49 3.67 -8.92 5.65
CA GLN G 49 4.65 -7.97 5.13
C GLN G 49 4.14 -7.33 3.85
N LEU G 50 4.03 -6.01 3.86
CA LEU G 50 3.69 -5.23 2.68
C LEU G 50 4.79 -5.30 1.63
N LEU G 51 4.41 -5.53 0.38
CA LEU G 51 5.32 -5.70 -0.73
C LEU G 51 5.44 -4.42 -1.54
N ASP G 52 6.66 -4.10 -1.96
CA ASP G 52 6.89 -2.90 -2.76
C ASP G 52 6.48 -3.15 -4.20
N ASP G 53 5.81 -2.16 -4.83
CA ASP G 53 5.29 -2.32 -6.19
C ASP G 53 6.36 -2.73 -7.19
N GLY G 54 7.56 -2.17 -7.04
CA GLY G 54 8.63 -2.36 -8.00
C GLY G 54 9.37 -3.66 -7.87
N LYS G 55 9.11 -4.42 -6.83
CA LYS G 55 9.81 -5.67 -6.65
C LYS G 55 9.20 -6.76 -7.53
N THR G 56 10.05 -7.69 -7.98
CA THR G 56 9.58 -8.85 -8.71
C THR G 56 9.03 -9.88 -7.75
N LEU G 57 8.19 -10.75 -8.29
CA LEU G 57 7.61 -11.79 -7.45
C LEU G 57 8.69 -12.70 -6.91
N GLY G 58 9.70 -12.99 -7.73
CA GLY G 58 10.81 -13.79 -7.24
C GLY G 58 11.55 -13.09 -6.13
N GLU G 59 11.74 -11.78 -6.24
CA GLU G 59 12.38 -11.04 -5.16
C GLU G 59 11.55 -11.07 -3.89
N CYS G 60 10.22 -11.13 -4.04
CA CYS G 60 9.35 -11.24 -2.88
C CYS G 60 9.24 -12.68 -2.38
N GLY G 61 9.99 -13.61 -2.97
CA GLY G 61 9.96 -14.98 -2.50
C GLY G 61 8.95 -15.88 -3.15
N PHE G 62 8.39 -15.47 -4.28
CA PHE G 62 7.50 -16.31 -5.06
C PHE G 62 8.33 -16.97 -6.17
N THR G 63 8.62 -18.25 -6.01
CA THR G 63 9.50 -18.99 -6.90
C THR G 63 8.76 -20.22 -7.40
N SER G 64 9.31 -20.84 -8.46
CA SER G 64 8.68 -22.04 -8.99
C SER G 64 8.58 -23.15 -7.96
N GLN G 65 9.53 -23.24 -7.04
CA GLN G 65 9.48 -24.29 -6.01
C GLN G 65 8.41 -24.01 -4.95
N THR G 66 8.01 -22.75 -4.77
CA THR G 66 7.06 -22.39 -3.72
C THR G 66 5.75 -21.81 -4.25
N ALA G 67 5.57 -21.72 -5.56
CA ALA G 67 4.34 -21.18 -6.13
C ALA G 67 3.96 -22.11 -7.28
N ARG G 68 3.45 -23.30 -6.90
CA ARG G 68 3.19 -24.37 -7.84
C ARG G 68 1.72 -24.43 -8.22
N PRO G 69 1.42 -24.95 -9.42
CA PRO G 69 0.00 -25.03 -9.82
C PRO G 69 -0.85 -25.78 -8.82
N GLN G 70 -0.37 -26.90 -8.28
CA GLN G 70 -1.15 -27.71 -7.36
C GLN G 70 -1.03 -27.21 -5.92
N ALA G 71 -0.23 -26.16 -5.67
CA ALA G 71 -0.06 -25.58 -4.35
C ALA G 71 0.42 -24.14 -4.45
N PRO G 72 -0.44 -23.21 -4.84
CA PRO G 72 0.00 -21.85 -5.08
C PRO G 72 0.31 -21.10 -3.78
N ALA G 73 1.13 -20.07 -3.90
CA ALA G 73 1.47 -19.24 -2.76
C ALA G 73 0.37 -18.20 -2.54
N THR G 74 0.21 -17.79 -1.28
CA THR G 74 -0.87 -16.88 -0.94
C THR G 74 -0.34 -15.45 -0.88
N VAL G 75 -1.01 -14.55 -1.59
CA VAL G 75 -0.78 -13.12 -1.51
C VAL G 75 -1.99 -12.47 -0.84
N GLY G 76 -1.74 -11.77 0.26
CA GLY G 76 -2.80 -11.00 0.91
C GLY G 76 -3.08 -9.68 0.22
N LEU G 77 -4.34 -9.26 0.26
CA LEU G 77 -4.80 -8.04 -0.40
C LEU G 77 -5.64 -7.21 0.56
N ALA G 78 -5.36 -5.91 0.64
CA ALA G 78 -6.17 -4.99 1.42
C ALA G 78 -6.52 -3.78 0.57
N PHE G 79 -7.76 -3.32 0.73
CA PHE G 79 -8.33 -2.21 -0.02
C PHE G 79 -8.38 -0.95 0.84
N ARG G 80 -8.30 0.20 0.17
CA ARG G 80 -8.49 1.48 0.82
C ARG G 80 -9.99 1.77 0.83
N ALA G 81 -10.54 2.03 2.01
CA ALA G 81 -11.96 2.31 2.18
C ALA G 81 -12.12 3.75 2.64
N ASP G 82 -12.77 4.56 1.80
CA ASP G 82 -12.75 6.01 1.95
C ASP G 82 -11.34 6.49 2.27
N ASP G 83 -11.16 7.13 3.42
CA ASP G 83 -9.87 7.71 3.75
C ASP G 83 -8.73 6.67 3.87
N THR G 84 -8.86 5.64 4.73
CA THR G 84 -7.59 4.98 5.11
C THR G 84 -7.76 3.55 4.66
N PHE G 85 -6.66 2.81 4.64
CA PHE G 85 -6.68 1.41 4.26
C PHE G 85 -7.21 0.52 5.38
N GLU G 86 -8.03 -0.47 5.02
CA GLU G 86 -8.43 -1.53 5.94
C GLU G 86 -7.25 -2.40 6.36
N ALA G 87 -7.40 -3.05 7.52
CA ALA G 87 -6.43 -4.06 7.93
C ALA G 87 -6.52 -5.26 7.00
N LEU G 88 -5.38 -5.91 6.77
CA LEU G 88 -5.39 -7.13 5.96
C LEU G 88 -6.20 -8.20 6.69
N ILE G 90 -7.98 -12.06 5.97
CA ILE G 90 -8.15 -13.18 5.06
C ILE G 90 -8.93 -14.22 5.82
N GLU G 91 -10.16 -14.50 5.40
CA GLU G 91 -10.94 -15.51 6.08
C GLU G 91 -10.39 -16.90 5.78
N PRO G 92 -10.14 -17.73 6.79
CA PRO G 92 -9.67 -19.10 6.51
C PRO G 92 -10.75 -19.93 5.83
N PHE G 93 -10.33 -20.93 5.07
CA PHE G 93 -11.29 -21.90 4.56
C PHE G 93 -11.92 -22.71 5.70
N SER G 94 -13.00 -23.41 5.35
CA SER G 94 -13.70 -24.24 6.31
C SER G 94 -12.83 -25.40 6.81
N SER G 95 -13.22 -25.95 7.95
CA SER G 95 -12.44 -27.06 8.49
C SER G 95 -13.00 -28.40 8.02
N PRO G 96 -12.13 -29.31 7.64
CA PRO G 96 -12.58 -30.65 7.26
C PRO G 96 -13.13 -31.41 8.45
N PRO G 97 -14.06 -32.33 8.25
CA PRO G 97 -14.57 -33.15 9.35
C PRO G 97 -13.53 -34.13 9.87
N GLU G 98 -13.87 -34.73 11.01
CA GLU G 98 -13.04 -35.76 11.60
C GLU G 98 -12.97 -36.96 10.66
N LEU G 99 -11.79 -37.53 10.57
CA LEU G 99 -11.65 -38.76 9.81
C LEU G 99 -12.68 -39.80 10.24
N PRO G 100 -13.48 -40.33 9.30
CA PRO G 100 -14.38 -41.46 9.59
C PRO G 100 -13.66 -42.73 10.06
N ASP G 101 -14.41 -43.61 10.75
CA ASP G 101 -13.79 -44.82 11.28
C ASP G 101 -13.04 -45.64 10.22
N VAL G 102 -13.66 -45.94 9.07
CA VAL G 102 -12.96 -46.77 8.07
C VAL G 102 -11.79 -46.13 7.38
N MET G 103 -11.65 -44.86 7.61
CA MET G 103 -10.56 -44.05 7.18
C MET G 103 -9.56 -43.71 8.27
N LYS G 104 -9.97 -43.71 9.53
CA LYS G 104 -9.06 -43.57 10.65
C LYS G 104 -8.22 -44.85 10.82
N MET H 1 -8.52 -11.36 -20.56
CA MET H 1 -8.79 -12.64 -19.89
C MET H 1 -10.13 -12.59 -19.17
N MET H 2 -11.01 -13.53 -19.48
CA MET H 2 -12.28 -13.59 -18.78
C MET H 2 -12.10 -14.46 -17.53
N TYR H 3 -12.77 -14.06 -16.46
CA TYR H 3 -12.78 -14.82 -15.22
C TYR H 3 -14.19 -15.27 -14.89
N VAL H 4 -14.31 -16.30 -14.05
CA VAL H 4 -15.59 -16.71 -13.53
C VAL H 4 -15.48 -16.80 -12.01
N LYS H 5 -16.62 -16.72 -11.34
CA LYS H 5 -16.72 -16.77 -9.88
C LYS H 5 -17.37 -18.07 -9.42
N LEU H 6 -16.68 -18.79 -8.55
CA LEU H 6 -17.19 -20.03 -7.96
C LEU H 6 -17.35 -19.78 -6.48
N ILE H 7 -18.57 -19.96 -5.97
CA ILE H 7 -18.89 -19.58 -4.61
C ILE H 7 -19.16 -20.88 -3.87
N SER H 8 -18.42 -21.11 -2.78
CA SER H 8 -18.57 -22.32 -2.01
C SER H 8 -19.81 -22.25 -1.12
N SER H 9 -20.10 -23.36 -0.44
CA SER H 9 -21.28 -23.43 0.41
C SER H 9 -21.15 -22.52 1.61
N ASP H 10 -19.94 -22.30 2.09
CA ASP H 10 -19.73 -21.36 3.19
C ASP H 10 -19.47 -19.93 2.71
N GLY H 11 -19.70 -19.66 1.43
CA GLY H 11 -19.70 -18.30 0.95
C GLY H 11 -18.36 -17.76 0.49
N HIS H 12 -17.32 -18.59 0.45
CA HIS H 12 -16.07 -18.15 -0.12
C HIS H 12 -16.21 -18.00 -1.63
N GLU H 13 -15.63 -16.93 -2.16
CA GLU H 13 -15.72 -16.61 -3.58
C GLU H 13 -14.36 -16.90 -4.23
N PHE H 14 -14.35 -17.81 -5.17
CA PHE H 14 -13.12 -18.16 -5.88
C PHE H 14 -13.21 -17.67 -7.32
N ILE H 15 -12.28 -16.80 -7.71
CA ILE H 15 -12.21 -16.27 -9.06
C ILE H 15 -11.03 -16.90 -9.76
N VAL H 16 -11.32 -17.61 -10.86
CA VAL H 16 -10.35 -18.37 -11.61
C VAL H 16 -10.50 -18.02 -13.08
N LYS H 17 -9.43 -18.21 -13.85
CA LYS H 17 -9.51 -17.98 -15.29
C LYS H 17 -10.62 -18.85 -15.87
N ARG H 18 -11.44 -18.25 -16.77
CA ARG H 18 -12.54 -19.00 -17.39
C ARG H 18 -12.02 -20.25 -18.12
N GLU H 19 -10.94 -20.10 -18.90
CA GLU H 19 -10.39 -21.26 -19.61
C GLU H 19 -10.09 -22.40 -18.64
N HIS H 20 -9.62 -22.06 -17.44
CA HIS H 20 -9.33 -23.08 -16.45
C HIS H 20 -10.61 -23.73 -15.94
N ALA H 21 -11.64 -22.93 -15.71
CA ALA H 21 -12.89 -23.49 -15.23
C ALA H 21 -13.49 -24.44 -16.26
N LEU H 22 -13.30 -24.17 -17.55
CA LEU H 22 -13.85 -25.06 -18.56
C LEU H 22 -13.21 -26.44 -18.54
N THR H 23 -12.18 -26.65 -17.73
CA THR H 23 -11.70 -28.01 -17.43
C THR H 23 -12.83 -28.88 -16.93
N SER H 24 -13.76 -28.31 -16.18
CA SER H 24 -14.90 -29.07 -15.72
C SER H 24 -15.98 -28.99 -16.81
N GLY H 25 -16.34 -30.14 -17.37
CA GLY H 25 -17.44 -30.19 -18.32
C GLY H 25 -18.77 -29.76 -17.74
N THR H 26 -18.97 -30.03 -16.45
CA THR H 26 -20.19 -29.58 -15.79
C THR H 26 -20.29 -28.07 -15.80
N ILE H 27 -19.21 -27.39 -15.43
CA ILE H 27 -19.16 -25.93 -15.47
C ILE H 27 -19.27 -25.42 -16.89
N LYS H 28 -18.58 -26.08 -17.83
CA LYS H 28 -18.59 -25.67 -19.24
C LYS H 28 -20.01 -25.58 -19.80
N ALA H 29 -20.88 -26.51 -19.41
CA ALA H 29 -22.25 -26.47 -19.89
C ALA H 29 -23.03 -25.31 -19.27
N MET H 30 -22.79 -25.03 -17.99
CA MET H 30 -23.50 -23.92 -17.35
C MET H 30 -23.20 -22.58 -17.99
N LEU H 31 -21.99 -22.40 -18.52
CA LEU H 31 -21.66 -21.14 -19.15
C LEU H 31 -21.94 -21.15 -20.64
N SER H 32 -21.81 -22.31 -21.29
CA SER H 32 -21.99 -22.41 -22.73
C SER H 32 -23.28 -23.17 -23.05
N ASN H 40 -25.43 -17.66 -19.78
CA ASN H 40 -25.06 -17.19 -18.45
C ASN H 40 -24.44 -15.79 -18.51
N GLU H 41 -25.26 -14.78 -18.20
CA GLU H 41 -24.85 -13.40 -18.25
C GLU H 41 -24.21 -12.89 -16.95
N THR H 42 -24.13 -13.74 -15.92
CA THR H 42 -23.69 -13.31 -14.59
C THR H 42 -22.29 -13.74 -14.22
N ASN H 43 -21.85 -14.92 -14.67
CA ASN H 43 -20.46 -15.34 -14.67
C ASN H 43 -20.14 -15.88 -13.29
N GLU H 44 -21.17 -16.12 -12.46
CA GLU H 44 -21.05 -16.71 -11.14
C GLU H 44 -21.75 -18.05 -11.01
N VAL H 45 -21.13 -18.98 -10.28
CA VAL H 45 -21.71 -20.29 -9.98
C VAL H 45 -21.66 -20.52 -8.47
N ASN H 46 -22.80 -20.89 -7.90
CA ASN H 46 -22.87 -21.23 -6.48
C ASN H 46 -22.89 -22.74 -6.33
N PHE H 47 -22.06 -23.25 -5.43
CA PHE H 47 -22.03 -24.68 -5.13
C PHE H 47 -22.44 -24.83 -3.67
N ARG H 48 -23.74 -24.99 -3.43
CA ARG H 48 -24.27 -25.05 -2.08
C ARG H 48 -23.80 -26.29 -1.30
N GLU H 49 -23.17 -27.27 -1.95
CA GLU H 49 -22.78 -28.52 -1.29
C GLU H 49 -21.27 -28.69 -1.18
N ILE H 50 -20.48 -27.77 -1.74
CA ILE H 50 -19.04 -27.93 -1.79
C ILE H 50 -18.44 -26.89 -0.85
N PRO H 51 -17.89 -27.28 0.29
CA PRO H 51 -17.31 -26.31 1.20
C PRO H 51 -15.99 -25.77 0.67
N SER H 52 -15.56 -24.65 1.28
CA SER H 52 -14.43 -23.90 0.74
C SER H 52 -13.14 -24.71 0.79
N HIS H 53 -12.98 -25.57 1.80
CA HIS H 53 -11.79 -26.41 1.89
C HIS H 53 -11.75 -27.48 0.80
N VAL H 54 -12.84 -27.68 0.06
CA VAL H 54 -12.83 -28.54 -1.12
C VAL H 54 -12.70 -27.74 -2.41
N LEU H 55 -13.49 -26.68 -2.55
CA LEU H 55 -13.49 -25.93 -3.80
C LEU H 55 -12.14 -25.24 -4.03
N SER H 56 -11.45 -24.84 -2.96
CA SER H 56 -10.12 -24.29 -3.15
C SER H 56 -9.21 -25.32 -3.81
N LYS H 57 -9.32 -26.58 -3.39
CA LYS H 57 -8.52 -27.65 -3.97
C LYS H 57 -8.93 -27.93 -5.41
N VAL H 58 -10.24 -27.87 -5.69
CA VAL H 58 -10.72 -28.03 -7.06
C VAL H 58 -10.12 -26.97 -7.96
N CYS H 59 -10.09 -25.72 -7.49
CA CYS H 59 -9.46 -24.67 -8.28
C CYS H 59 -7.98 -24.95 -8.48
N MET H 60 -7.30 -25.46 -7.44
CA MET H 60 -5.91 -25.82 -7.63
C MET H 60 -5.79 -26.89 -8.71
N TYR H 61 -6.73 -27.85 -8.74
CA TYR H 61 -6.71 -28.89 -9.77
C TYR H 61 -6.84 -28.29 -11.18
N PHE H 62 -7.76 -27.33 -11.38
CA PHE H 62 -7.87 -26.73 -12.70
C PHE H 62 -6.52 -26.21 -13.18
N THR H 63 -5.82 -25.46 -12.31
CA THR H 63 -4.50 -24.95 -12.64
C THR H 63 -3.56 -26.08 -12.98
N TYR H 64 -3.56 -27.12 -12.15
CA TYR H 64 -2.68 -28.27 -12.37
C TYR H 64 -2.95 -28.89 -13.73
N LYS H 65 -4.22 -29.08 -14.08
CA LYS H 65 -4.52 -29.73 -15.35
C LYS H 65 -4.04 -28.88 -16.52
N VAL H 66 -4.32 -27.58 -16.50
CA VAL H 66 -3.90 -26.75 -17.63
C VAL H 66 -2.38 -26.70 -17.73
N ARG H 67 -1.68 -26.61 -16.60
CA ARG H 67 -0.23 -26.49 -16.71
C ARG H 67 0.42 -27.76 -17.27
N TYR H 68 -0.01 -28.93 -16.79
CA TYR H 68 0.73 -30.15 -17.07
C TYR H 68 0.14 -31.06 -18.13
N THR H 69 -1.06 -30.77 -18.64
CA THR H 69 -1.60 -31.57 -19.72
C THR H 69 -0.84 -31.35 -21.03
N ASN H 70 -0.48 -32.44 -21.70
CA ASN H 70 0.28 -32.41 -22.96
C ASN H 70 1.59 -31.62 -22.89
N SER H 71 2.32 -31.82 -21.82
CA SER H 71 3.65 -31.25 -21.59
C SER H 71 4.56 -32.44 -21.33
N SER H 72 5.83 -32.32 -21.72
CA SER H 72 6.75 -33.42 -21.47
C SER H 72 7.70 -33.14 -20.30
N THR H 73 7.68 -31.93 -19.76
CA THR H 73 8.25 -31.67 -18.45
C THR H 73 7.61 -32.58 -17.39
N GLU H 74 8.45 -33.15 -16.53
CA GLU H 74 8.05 -34.18 -15.59
C GLU H 74 6.89 -33.72 -14.70
N ILE H 75 5.88 -34.58 -14.56
CA ILE H 75 4.62 -34.23 -13.92
C ILE H 75 4.69 -34.55 -12.44
N PRO H 76 4.45 -33.59 -11.55
CA PRO H 76 4.42 -33.91 -10.12
C PRO H 76 3.07 -34.45 -9.69
N GLU H 77 3.05 -35.13 -8.54
CA GLU H 77 1.81 -35.62 -7.97
C GLU H 77 0.85 -34.51 -7.54
N PHE H 78 -0.44 -34.72 -7.79
CA PHE H 78 -1.44 -33.82 -7.24
C PHE H 78 -1.74 -34.25 -5.81
N PRO H 79 -1.48 -33.41 -4.81
CA PRO H 79 -1.61 -33.85 -3.42
C PRO H 79 -3.04 -33.71 -2.92
N ILE H 80 -3.48 -34.69 -2.12
CA ILE H 80 -4.82 -34.65 -1.54
C ILE H 80 -4.72 -35.07 -0.08
N ALA H 81 -4.97 -34.14 0.83
CA ALA H 81 -4.97 -34.46 2.24
C ALA H 81 -6.08 -35.47 2.55
N PRO H 82 -5.81 -36.46 3.40
CA PRO H 82 -6.84 -37.44 3.77
C PRO H 82 -8.12 -36.81 4.29
N GLU H 83 -8.03 -35.66 4.94
CA GLU H 83 -9.21 -35.09 5.59
C GLU H 83 -10.23 -34.62 4.57
N ILE H 84 -9.78 -34.39 3.33
CA ILE H 84 -10.63 -33.87 2.27
C ILE H 84 -10.91 -34.86 1.16
N ALA H 85 -10.32 -36.06 1.17
CA ALA H 85 -10.43 -36.95 0.01
C ALA H 85 -11.87 -37.30 -0.33
N LEU H 86 -12.71 -37.59 0.67
CA LEU H 86 -14.09 -37.99 0.37
C LEU H 86 -14.92 -36.85 -0.18
N GLU H 87 -14.82 -35.68 0.43
CA GLU H 87 -15.58 -34.56 -0.07
C GLU H 87 -15.07 -34.16 -1.44
N LEU H 88 -13.76 -34.21 -1.63
CA LEU H 88 -13.24 -33.88 -2.95
C LEU H 88 -13.73 -34.90 -3.99
N LEU H 89 -13.85 -36.19 -3.61
CA LEU H 89 -14.34 -37.19 -4.55
C LEU H 89 -15.76 -36.89 -5.02
N MET H 90 -16.66 -36.51 -4.11
CA MET H 90 -18.00 -36.13 -4.51
C MET H 90 -17.97 -34.87 -5.39
N ALA H 91 -17.14 -33.90 -5.02
CA ALA H 91 -17.02 -32.71 -5.86
C ALA H 91 -16.53 -33.10 -7.25
N ALA H 92 -15.50 -33.94 -7.31
CA ALA H 92 -14.97 -34.35 -8.60
C ALA H 92 -16.03 -35.06 -9.43
N ASN H 93 -16.85 -35.90 -8.79
CA ASN H 93 -17.91 -36.61 -9.50
C ASN H 93 -18.88 -35.63 -10.16
N PHE H 94 -19.35 -34.64 -9.40
CA PHE H 94 -20.33 -33.72 -9.94
C PHE H 94 -19.72 -32.87 -11.05
N LEU H 95 -18.46 -32.45 -10.87
CA LEU H 95 -17.83 -31.53 -11.82
C LEU H 95 -17.28 -32.20 -13.07
N ASP H 96 -17.22 -33.54 -13.10
CA ASP H 96 -16.76 -34.29 -14.27
C ASP H 96 -15.37 -33.84 -14.70
N CYS H 97 -14.43 -33.90 -13.76
CA CYS H 97 -13.06 -33.57 -14.10
C CYS H 97 -12.02 -34.42 -13.37
N VAL I 11 -4.40 -60.33 -29.34
CA VAL I 11 -4.06 -59.22 -30.22
C VAL I 11 -2.85 -58.46 -29.71
N LEU I 12 -2.88 -58.03 -28.44
CA LEU I 12 -1.86 -57.16 -27.86
C LEU I 12 -0.78 -58.12 -27.36
N ARG I 13 0.25 -58.36 -28.17
CA ARG I 13 1.32 -59.26 -27.75
C ARG I 13 2.66 -58.91 -28.37
N SER I 14 3.72 -59.40 -27.73
CA SER I 14 5.06 -59.19 -28.29
C SER I 14 5.30 -60.09 -29.49
N VAL I 15 6.03 -59.55 -30.45
CA VAL I 15 6.55 -60.28 -31.59
C VAL I 15 7.86 -60.95 -31.20
N ASN I 16 8.01 -62.23 -31.55
CA ASN I 16 9.23 -63.00 -31.27
C ASN I 16 10.31 -62.74 -32.31
N SER I 17 10.83 -61.51 -32.32
CA SER I 17 11.84 -61.13 -33.30
C SER I 17 13.19 -61.77 -33.03
N ARG I 18 13.49 -62.03 -31.76
CA ARG I 18 14.79 -62.48 -31.30
C ARG I 18 15.88 -61.49 -31.73
N GLU I 19 15.53 -60.23 -31.92
CA GLU I 19 16.48 -59.18 -32.26
C GLU I 19 16.72 -58.28 -31.05
N PRO I 20 17.89 -58.32 -30.41
CA PRO I 20 18.11 -57.53 -29.20
C PRO I 20 17.96 -56.03 -29.43
N SER I 21 17.41 -55.37 -28.42
CA SER I 21 17.19 -53.93 -28.37
C SER I 21 17.46 -53.45 -26.96
N GLN I 22 18.41 -52.54 -26.82
CA GLN I 22 18.81 -52.02 -25.53
C GLN I 22 17.95 -50.82 -25.12
N VAL I 23 17.49 -50.81 -23.87
CA VAL I 23 16.50 -49.85 -23.40
C VAL I 23 16.97 -49.25 -22.06
N ILE I 24 16.68 -47.97 -21.84
CA ILE I 24 16.84 -47.36 -20.52
C ILE I 24 15.44 -47.18 -19.93
N PHE I 25 15.13 -47.95 -18.90
CA PHE I 25 13.94 -47.70 -18.08
C PHE I 25 14.20 -46.55 -17.13
N ASN I 27 12.61 -43.87 -14.56
CA ASN I 27 11.43 -43.57 -13.75
C ASN I 27 11.38 -42.11 -13.33
N ARG I 28 10.73 -41.29 -14.16
CA ARG I 28 10.56 -39.88 -13.88
C ARG I 28 9.22 -39.61 -13.21
N SER I 29 8.87 -40.44 -12.25
CA SER I 29 7.62 -40.34 -11.52
C SER I 29 7.94 -40.50 -10.04
N PRO I 30 7.03 -40.12 -9.15
CA PRO I 30 7.24 -40.34 -7.71
C PRO I 30 6.74 -41.67 -7.19
N ARG I 31 6.28 -42.57 -8.05
CA ARG I 31 5.79 -43.89 -7.68
C ARG I 31 6.92 -44.91 -7.81
N VAL I 32 6.82 -45.99 -7.02
CA VAL I 32 7.58 -47.20 -7.35
C VAL I 32 6.94 -47.83 -8.59
N VAL I 33 7.74 -48.04 -9.64
CA VAL I 33 7.23 -48.43 -10.95
C VAL I 33 7.43 -49.92 -11.14
N LEU I 34 6.37 -50.60 -11.59
CA LEU I 34 6.41 -51.99 -12.01
C LEU I 34 6.41 -52.09 -13.53
N PRO I 35 7.51 -52.51 -14.15
CA PRO I 35 7.46 -52.81 -15.59
C PRO I 35 6.75 -54.13 -15.84
N VAL I 36 5.94 -54.14 -16.88
CA VAL I 36 5.14 -55.30 -17.22
C VAL I 36 5.37 -55.60 -18.70
N TRP I 37 5.92 -56.76 -18.99
CA TRP I 37 6.12 -57.21 -20.36
C TRP I 37 4.95 -58.08 -20.79
N LEU I 38 4.37 -57.77 -21.95
CA LEU I 38 3.36 -58.64 -22.56
C LEU I 38 4.07 -59.73 -23.34
N ASN I 39 3.88 -60.98 -22.91
CA ASN I 39 4.61 -62.07 -23.51
C ASN I 39 3.99 -62.49 -24.83
N PHE I 40 4.53 -63.56 -25.41
CA PHE I 40 4.16 -63.94 -26.76
C PHE I 40 2.73 -64.44 -26.85
N ASP I 41 2.11 -64.81 -25.72
CA ASP I 41 0.70 -65.13 -25.68
C ASP I 41 -0.18 -63.94 -25.32
N GLY I 42 0.42 -62.80 -24.99
CA GLY I 42 -0.34 -61.65 -24.54
C GLY I 42 -0.53 -61.57 -23.03
N GLU I 43 0.06 -62.49 -22.26
CA GLU I 43 -0.05 -62.48 -20.81
C GLU I 43 0.86 -61.42 -20.21
N PRO I 44 0.36 -60.62 -19.26
CA PRO I 44 1.25 -59.66 -18.59
C PRO I 44 2.28 -60.38 -17.72
N GLN I 45 3.53 -60.00 -17.87
CA GLN I 45 4.61 -60.59 -17.08
C GLN I 45 5.26 -59.51 -16.22
N PRO I 46 5.25 -59.63 -14.89
CA PRO I 46 5.84 -58.57 -14.08
C PRO I 46 7.35 -58.69 -14.03
N TYR I 47 8.00 -57.52 -13.97
CA TYR I 47 9.45 -57.44 -13.92
C TYR I 47 9.89 -56.68 -12.66
N PRO I 48 11.18 -56.69 -12.31
CA PRO I 48 11.60 -56.03 -11.06
C PRO I 48 11.23 -54.55 -11.03
N THR I 49 10.93 -54.05 -9.83
CA THR I 49 10.41 -52.70 -9.69
C THR I 49 11.53 -51.67 -9.71
N LEU I 50 11.16 -50.44 -10.04
CA LEU I 50 12.07 -49.29 -10.08
C LEU I 50 11.68 -48.26 -9.02
N PRO I 51 12.58 -47.95 -8.09
CA PRO I 51 12.32 -46.87 -7.12
C PRO I 51 12.11 -45.55 -7.79
N PRO I 52 11.37 -44.63 -7.16
CA PRO I 52 11.18 -43.30 -7.76
C PRO I 52 12.52 -42.64 -8.05
N GLY I 53 12.60 -42.01 -9.22
CA GLY I 53 13.76 -41.24 -9.63
C GLY I 53 14.96 -42.05 -10.07
N THR I 54 14.84 -43.35 -10.23
CA THR I 54 15.97 -44.18 -10.61
C THR I 54 15.80 -44.74 -12.02
N GLY I 55 16.90 -45.14 -12.61
CA GLY I 55 16.89 -45.70 -13.94
C GLY I 55 17.72 -46.97 -14.01
N ARG I 56 17.33 -47.85 -14.94
CA ARG I 56 18.06 -49.09 -15.17
C ARG I 56 18.13 -49.34 -16.66
N ARG I 57 19.29 -49.84 -17.11
CA ARG I 57 19.50 -50.25 -18.48
C ARG I 57 19.20 -51.74 -18.62
N ILE I 58 18.22 -52.07 -19.44
CA ILE I 58 17.80 -53.45 -19.60
C ILE I 58 17.86 -53.87 -21.06
N HIS I 59 17.99 -55.19 -21.26
CA HIS I 59 18.03 -55.80 -22.60
C HIS I 59 16.66 -56.37 -22.90
N SER I 60 16.06 -55.86 -23.97
CA SER I 60 14.78 -56.36 -24.44
C SER I 60 14.98 -56.71 -25.91
N TYR I 61 13.90 -56.72 -26.66
CA TYR I 61 13.95 -57.20 -28.04
C TYR I 61 13.06 -56.33 -28.91
N ARG I 62 13.45 -56.24 -30.18
CA ARG I 62 12.67 -55.48 -31.14
C ARG I 62 11.28 -56.07 -31.22
N GLY I 63 10.26 -55.20 -31.20
CA GLY I 63 8.90 -55.67 -31.33
C GLY I 63 8.24 -56.14 -30.05
N HIS I 64 8.94 -56.13 -28.91
CA HIS I 64 8.32 -56.50 -27.65
C HIS I 64 7.46 -55.37 -27.09
N LEU I 65 6.51 -55.75 -26.24
CA LEU I 65 5.52 -54.81 -25.73
C LEU I 65 5.68 -54.64 -24.23
N TRP I 66 5.73 -53.38 -23.78
CA TRP I 66 5.87 -53.04 -22.36
C TRP I 66 4.81 -52.03 -21.95
N LEU I 67 4.38 -52.13 -20.69
CA LEU I 67 3.61 -51.07 -20.07
C LEU I 67 4.07 -50.93 -18.62
N PHE I 68 3.66 -49.86 -17.97
CA PHE I 68 4.23 -49.53 -16.68
C PHE I 68 3.14 -49.14 -15.69
N ARG I 69 3.30 -49.60 -14.45
CA ARG I 69 2.28 -49.48 -13.43
C ARG I 69 2.91 -49.15 -12.09
N ASP I 70 2.10 -48.53 -11.22
CA ASP I 70 2.45 -48.38 -9.82
C ASP I 70 2.53 -49.77 -9.18
N ALA I 71 3.68 -50.09 -8.59
CA ALA I 71 3.89 -51.43 -8.09
C ALA I 71 2.97 -51.75 -6.90
N GLY I 72 2.53 -50.74 -6.17
CA GLY I 72 1.72 -51.03 -5.02
C GLY I 72 0.22 -51.04 -5.29
N THR I 73 -0.24 -50.17 -6.17
CA THR I 73 -1.66 -49.98 -6.43
C THR I 73 -2.10 -50.36 -7.83
N HIS I 74 -1.17 -50.56 -8.75
CA HIS I 74 -1.43 -50.83 -10.16
C HIS I 74 -2.04 -49.66 -10.91
N ASP I 75 -2.00 -48.45 -10.35
CA ASP I 75 -2.34 -47.25 -11.11
C ASP I 75 -1.58 -47.21 -12.43
N GLY I 76 -2.25 -46.73 -13.48
CA GLY I 76 -1.61 -46.68 -14.78
C GLY I 76 -0.62 -45.52 -14.90
N LEU I 77 0.48 -45.78 -15.61
CA LEU I 77 1.51 -44.79 -15.86
C LEU I 77 1.74 -44.64 -17.37
N LEU I 78 2.39 -43.55 -17.75
CA LEU I 78 2.75 -43.30 -19.13
C LEU I 78 4.23 -43.62 -19.36
N VAL I 79 4.54 -44.03 -20.59
CA VAL I 79 5.92 -44.23 -21.00
C VAL I 79 6.10 -43.53 -22.34
N ASN I 80 7.06 -42.62 -22.40
CA ASN I 80 7.22 -41.75 -23.56
C ASN I 80 5.86 -41.14 -23.93
N GLN I 81 5.11 -40.72 -22.92
CA GLN I 81 3.84 -40.00 -23.03
C GLN I 81 2.68 -40.85 -23.54
N THR I 82 2.83 -42.16 -23.64
CA THR I 82 1.73 -42.97 -24.14
C THR I 82 1.61 -44.26 -23.30
N GLU I 83 0.72 -45.14 -23.74
CA GLU I 83 0.36 -46.30 -22.91
C GLU I 83 1.39 -47.41 -23.03
N LEU I 84 1.86 -47.69 -24.24
CA LEU I 84 2.70 -48.83 -24.55
C LEU I 84 4.07 -48.39 -25.06
N PHE I 85 5.10 -49.16 -24.70
CA PHE I 85 6.46 -48.93 -25.19
C PHE I 85 6.91 -50.16 -25.98
N VAL I 86 7.39 -49.95 -27.20
CA VAL I 86 7.92 -51.02 -28.05
C VAL I 86 9.39 -50.75 -28.39
N PRO I 87 10.33 -51.55 -27.90
CA PRO I 87 11.75 -51.35 -28.28
C PRO I 87 11.96 -51.43 -29.78
N SER I 88 12.83 -50.56 -30.29
CA SER I 88 13.16 -50.46 -31.71
C SER I 88 14.66 -50.71 -31.96
N LEU I 89 15.10 -50.43 -33.19
CA LEU I 89 16.51 -50.57 -33.54
C LEU I 89 17.38 -49.55 -32.82
N ASN I 90 18.44 -50.06 -32.21
CA ASN I 90 19.48 -49.23 -31.63
C ASN I 90 20.37 -48.68 -32.74
N VAL I 91 20.37 -47.37 -32.91
CA VAL I 91 21.17 -46.72 -33.94
C VAL I 91 22.50 -46.38 -33.30
N ASP I 92 23.58 -46.95 -33.85
CA ASP I 92 24.94 -46.73 -33.37
C ASP I 92 25.08 -47.11 -31.91
N GLY I 93 24.48 -48.22 -31.52
CA GLY I 93 24.68 -48.66 -30.16
C GLY I 93 24.00 -47.79 -29.12
N GLN I 94 23.25 -46.80 -29.55
CA GLN I 94 22.59 -45.91 -28.61
C GLN I 94 21.33 -46.61 -28.09
N PRO I 95 21.15 -46.69 -26.77
CA PRO I 95 19.92 -47.26 -26.22
C PRO I 95 18.71 -46.36 -26.33
N ILE I 96 17.55 -47.03 -26.32
CA ILE I 96 16.25 -46.39 -26.41
C ILE I 96 15.75 -45.99 -25.03
N PHE I 97 15.33 -44.74 -24.89
CA PHE I 97 14.79 -44.22 -23.64
C PHE I 97 13.29 -44.43 -23.53
N ALA I 98 12.88 -45.07 -22.44
CA ALA I 98 11.49 -45.22 -22.04
C ALA I 98 11.25 -44.36 -20.79
N ASN I 99 10.74 -43.15 -20.96
CA ASN I 99 10.56 -42.23 -19.84
C ASN I 99 9.21 -42.49 -19.17
N ILE I 100 9.23 -43.00 -17.95
CA ILE I 100 8.02 -43.32 -17.22
C ILE I 100 7.65 -42.13 -16.34
N THR I 101 6.44 -41.61 -16.52
CA THR I 101 5.97 -40.42 -15.82
C THR I 101 4.56 -40.63 -15.33
N LEU I 102 4.16 -39.80 -14.35
CA LEU I 102 2.75 -39.73 -14.00
C LEU I 102 1.95 -39.15 -15.15
N PRO I 103 0.76 -39.68 -15.42
CA PRO I 103 -0.22 -38.94 -16.22
C PRO I 103 -0.84 -37.84 -15.39
N VAL I 104 -1.48 -36.92 -16.10
CA VAL I 104 -2.41 -36.04 -15.44
C VAL I 104 -3.69 -36.83 -15.18
N TYR I 105 -3.82 -37.44 -14.01
CA TYR I 105 -5.06 -38.13 -13.71
C TYR I 105 -6.19 -37.11 -13.65
N THR I 106 -7.41 -37.57 -13.94
CA THR I 106 -8.56 -36.77 -13.60
C THR I 106 -8.62 -36.60 -12.09
N LEU I 107 -9.25 -35.51 -11.66
CA LEU I 107 -9.40 -35.31 -10.21
C LEU I 107 -10.16 -36.49 -9.60
N LYS I 108 -11.23 -36.94 -10.25
CA LYS I 108 -12.00 -38.09 -9.76
C LYS I 108 -11.12 -39.31 -9.59
N GLU I 109 -10.32 -39.63 -10.60
CA GLU I 109 -9.48 -40.83 -10.51
C GLU I 109 -8.44 -40.66 -9.42
N ARG I 110 -7.85 -39.47 -9.33
CA ARG I 110 -6.88 -39.18 -8.28
C ARG I 110 -7.51 -39.30 -6.89
N CYS I 111 -8.73 -38.79 -6.74
CA CYS I 111 -9.47 -38.95 -5.49
C CYS I 111 -9.71 -40.42 -5.18
N LEU I 112 -10.14 -41.19 -6.19
CA LEU I 112 -10.37 -42.62 -5.99
C LEU I 112 -9.10 -43.29 -5.48
N GLN I 113 -7.94 -42.88 -6.01
CA GLN I 113 -6.68 -43.47 -5.56
C GLN I 113 -6.47 -43.22 -4.08
N VAL I 114 -6.66 -41.96 -3.65
CA VAL I 114 -6.42 -41.61 -2.26
C VAL I 114 -7.41 -42.32 -1.34
N VAL I 115 -8.69 -42.35 -1.72
CA VAL I 115 -9.69 -43.03 -0.90
C VAL I 115 -9.41 -44.52 -0.82
N ARG I 116 -9.08 -45.15 -1.96
CA ARG I 116 -8.72 -46.57 -1.95
C ARG I 116 -7.58 -46.84 -0.99
N SER I 117 -6.61 -45.93 -0.93
CA SER I 117 -5.44 -46.12 -0.09
C SER I 117 -5.77 -46.00 1.39
N LEU I 118 -6.96 -45.48 1.73
CA LEU I 118 -7.32 -45.23 3.10
C LEU I 118 -8.41 -46.16 3.64
N VAL I 119 -9.12 -46.87 2.78
CA VAL I 119 -10.28 -47.66 3.16
C VAL I 119 -10.09 -49.11 2.73
N LYS I 120 -10.25 -50.05 3.68
CA LYS I 120 -10.22 -51.46 3.33
C LYS I 120 -11.34 -51.78 2.33
N PRO I 121 -11.08 -52.62 1.33
CA PRO I 121 -12.11 -52.88 0.30
C PRO I 121 -13.42 -53.38 0.83
N GLU I 122 -13.41 -54.07 1.96
CA GLU I 122 -14.65 -54.49 2.61
C GLU I 122 -15.50 -53.29 3.01
N ASN I 123 -14.85 -52.20 3.36
CA ASN I 123 -15.51 -51.08 3.99
C ASN I 123 -15.84 -49.95 3.06
N TYR I 124 -15.61 -50.10 1.75
CA TYR I 124 -16.02 -49.05 0.83
C TYR I 124 -17.50 -48.77 1.00
N ARG I 125 -18.29 -49.82 1.22
CA ARG I 125 -19.73 -49.71 1.32
C ARG I 125 -20.21 -48.91 2.52
N ARG I 126 -19.38 -48.73 3.54
CA ARG I 126 -19.77 -47.94 4.71
C ARG I 126 -19.50 -46.45 4.52
N LEU I 127 -19.01 -46.02 3.36
CA LEU I 127 -18.80 -44.60 3.08
C LEU I 127 -20.08 -43.90 2.59
N ASP I 128 -20.25 -42.64 3.00
CA ASP I 128 -21.45 -41.85 2.70
C ASP I 128 -21.28 -41.09 1.38
N ILE I 129 -21.40 -41.83 0.29
CA ILE I 129 -21.20 -41.31 -1.05
C ILE I 129 -22.23 -41.99 -1.95
N VAL I 130 -22.55 -41.35 -3.07
CA VAL I 130 -23.58 -41.90 -3.94
C VAL I 130 -23.15 -43.30 -4.43
N ARG I 131 -24.15 -44.12 -4.75
CA ARG I 131 -23.96 -45.53 -5.07
C ARG I 131 -23.01 -45.74 -6.25
N SER I 132 -23.08 -44.87 -7.27
CA SER I 132 -22.23 -45.00 -8.45
C SER I 132 -20.74 -44.94 -8.08
N LEU I 133 -20.40 -44.22 -7.02
CA LEU I 133 -19.01 -44.12 -6.57
C LEU I 133 -18.55 -45.39 -5.88
N TYR I 134 -19.45 -46.11 -5.21
CA TYR I 134 -19.10 -47.45 -4.76
C TYR I 134 -18.51 -48.29 -5.89
N GLU I 135 -19.18 -48.37 -7.05
CA GLU I 135 -18.61 -49.23 -8.09
C GLU I 135 -17.31 -48.64 -8.62
N ASP I 136 -17.21 -47.31 -8.71
CA ASP I 136 -15.95 -46.69 -9.11
C ASP I 136 -14.84 -47.02 -8.11
N LEU I 137 -15.16 -47.03 -6.81
CA LEU I 137 -14.16 -47.38 -5.80
C LEU I 137 -13.72 -48.83 -5.98
N GLU I 138 -14.69 -49.73 -6.19
CA GLU I 138 -14.42 -51.17 -6.30
C GLU I 138 -13.63 -51.52 -7.53
N ASP I 139 -13.67 -50.69 -8.57
CA ASP I 139 -12.98 -50.97 -9.82
C ASP I 139 -11.51 -50.63 -9.64
N HIS I 140 -10.82 -51.52 -8.92
CA HIS I 140 -9.41 -51.30 -8.69
C HIS I 140 -8.66 -51.36 -10.01
N PRO I 141 -7.66 -50.52 -10.21
CA PRO I 141 -6.90 -50.56 -11.46
C PRO I 141 -6.41 -51.96 -11.72
N ASN I 142 -6.44 -52.38 -12.98
CA ASN I 142 -6.26 -53.79 -13.27
C ASN I 142 -5.65 -53.86 -14.66
N VAL I 143 -4.51 -54.53 -14.76
CA VAL I 143 -3.76 -54.60 -16.01
C VAL I 143 -4.55 -55.38 -17.05
N GLN I 144 -5.12 -56.53 -16.65
CA GLN I 144 -5.89 -57.34 -17.58
C GLN I 144 -7.12 -56.64 -18.10
N LYS I 145 -7.83 -55.90 -17.23
CA LYS I 145 -8.99 -55.17 -17.69
C LYS I 145 -8.61 -54.05 -18.64
N ASP I 146 -7.47 -53.41 -18.37
CA ASP I 146 -6.95 -52.36 -19.21
C ASP I 146 -6.50 -52.89 -20.58
N LEU I 147 -5.93 -54.09 -20.62
CA LEU I 147 -5.55 -54.68 -21.89
C LEU I 147 -6.78 -54.95 -22.74
N GLU I 148 -7.85 -55.40 -22.10
CA GLU I 148 -9.13 -55.56 -22.79
C GLU I 148 -9.61 -54.23 -23.33
N ARG I 149 -9.49 -53.17 -22.52
CA ARG I 149 -9.89 -51.87 -23.03
C ARG I 149 -9.06 -51.52 -24.26
N LEU I 150 -7.74 -51.64 -24.17
CA LEU I 150 -6.88 -51.29 -25.30
C LEU I 150 -7.21 -52.13 -26.54
N THR I 151 -7.51 -53.43 -26.35
CA THR I 151 -7.88 -54.29 -27.49
C THR I 151 -9.15 -53.82 -28.17
N GLN I 152 -10.16 -53.42 -27.39
CA GLN I 152 -11.41 -52.95 -27.95
C GLN I 152 -11.25 -51.64 -28.71
N GLU I 153 -10.42 -50.71 -28.20
CA GLU I 153 -10.20 -49.44 -28.90
C GLU I 153 -9.57 -49.65 -30.28
N ARG I 154 -8.66 -50.61 -30.41
CA ARG I 154 -8.06 -50.85 -31.72
C ARG I 154 -9.07 -51.42 -32.72
N ILE I 155 -10.16 -52.03 -32.25
CA ILE I 155 -11.21 -52.52 -33.14
C ILE I 155 -11.92 -51.37 -33.84
N ALA I 156 -11.98 -50.20 -33.21
CA ALA I 156 -12.74 -49.08 -33.77
C ALA I 156 -12.23 -48.67 -35.14
N HIS I 157 -10.94 -48.89 -35.41
CA HIS I 157 -10.35 -48.52 -36.70
C HIS I 157 -11.00 -49.27 -37.85
N MET J 1 23.38 10.75 -39.31
CA MET J 1 22.67 11.36 -38.20
C MET J 1 22.63 10.43 -36.98
N ASP J 2 22.78 10.99 -35.79
CA ASP J 2 22.22 10.39 -34.59
C ASP J 2 20.71 10.51 -34.55
N VAL J 3 20.05 9.45 -34.12
CA VAL J 3 18.65 9.48 -33.71
C VAL J 3 18.54 9.13 -32.24
N PHE J 4 17.52 9.69 -31.59
CA PHE J 4 17.32 9.58 -30.16
C PHE J 4 16.02 8.84 -29.91
N LEU J 5 16.09 7.78 -29.11
CA LEU J 5 15.01 6.80 -29.02
C LEU J 5 14.62 6.60 -27.57
N MET J 6 13.37 6.21 -27.36
CA MET J 6 12.95 5.57 -26.12
C MET J 6 12.54 4.15 -26.44
N ILE J 7 13.23 3.18 -25.87
CA ILE J 7 12.83 1.80 -26.00
C ILE J 7 12.01 1.43 -24.75
N ARG J 8 10.74 1.10 -24.99
CA ARG J 8 9.74 1.01 -23.94
C ARG J 8 9.03 -0.34 -23.97
N ARG J 9 8.93 -0.98 -22.80
CA ARG J 9 8.14 -2.19 -22.69
C ARG J 9 7.57 -2.13 -21.28
N HIS J 10 6.27 -2.31 -21.14
CA HIS J 10 5.56 -2.30 -19.85
C HIS J 10 5.87 -1.00 -19.13
N LYS J 11 6.53 -1.01 -17.97
CA LYS J 11 6.88 0.19 -17.24
C LYS J 11 8.38 0.51 -17.31
N THR J 12 9.07 0.01 -18.31
CA THR J 12 10.50 0.23 -18.46
C THR J 12 10.69 1.14 -19.66
N THR J 13 11.51 2.16 -19.51
CA THR J 13 11.80 3.05 -20.63
C THR J 13 13.31 3.29 -20.69
N ILE J 14 13.94 2.89 -21.79
CA ILE J 14 15.35 3.14 -22.02
C ILE J 14 15.52 4.32 -22.97
N PHE J 15 16.27 5.32 -22.51
CA PHE J 15 16.69 6.43 -23.34
C PHE J 15 18.04 6.10 -23.95
N THR J 16 18.11 6.10 -25.27
CA THR J 16 19.36 5.84 -25.94
C THR J 16 19.37 6.53 -27.28
N ASP J 17 20.56 6.64 -27.83
CA ASP J 17 20.74 7.15 -29.17
C ASP J 17 21.48 6.15 -30.02
N ALA J 18 21.34 6.34 -31.32
CA ALA J 18 22.00 5.51 -32.31
C ALA J 18 22.05 6.30 -33.59
N LYS J 19 22.89 5.79 -34.47
CA LYS J 19 22.99 6.31 -35.82
C LYS J 19 21.85 5.80 -36.73
N GLU J 20 21.36 6.70 -37.57
CA GLU J 20 20.39 6.33 -38.61
C GLU J 20 20.84 5.15 -39.45
N SER J 21 22.14 5.00 -39.64
CA SER J 21 22.67 3.89 -40.43
C SER J 21 22.81 2.59 -39.66
N SER J 22 22.65 2.59 -38.34
CA SER J 22 22.78 1.34 -37.59
C SER J 22 21.52 0.48 -37.80
N THR J 23 21.62 -0.81 -37.44
CA THR J 23 20.55 -1.73 -37.80
C THR J 23 19.65 -1.95 -36.59
N VAL J 24 18.44 -2.45 -36.87
CA VAL J 24 17.53 -2.89 -35.80
C VAL J 24 18.21 -3.91 -34.89
N PHE J 25 18.90 -4.89 -35.47
CA PHE J 25 19.58 -5.91 -34.67
C PHE J 25 20.62 -5.25 -33.77
N GLU J 26 21.31 -4.24 -34.30
CA GLU J 26 22.35 -3.57 -33.54
C GLU J 26 21.77 -2.90 -32.31
N LEU J 27 20.53 -2.44 -32.40
CA LEU J 27 19.83 -1.90 -31.24
C LEU J 27 19.50 -2.98 -30.20
N LYS J 28 19.16 -4.19 -30.66
CA LYS J 28 18.90 -5.31 -29.77
C LYS J 28 20.12 -5.69 -28.93
N ARG J 29 21.32 -5.55 -29.51
CA ARG J 29 22.55 -5.76 -28.76
C ARG J 29 22.68 -4.71 -27.67
N ILE J 30 22.27 -3.48 -27.96
CA ILE J 30 22.28 -2.42 -26.97
C ILE J 30 21.37 -2.78 -25.79
N VAL J 31 20.14 -3.22 -26.09
CA VAL J 31 19.20 -3.63 -25.05
C VAL J 31 19.76 -4.79 -24.23
N GLU J 32 20.45 -5.72 -24.89
CA GLU J 32 21.01 -6.87 -24.19
C GLU J 32 21.99 -6.41 -23.13
N GLY J 33 22.80 -5.40 -23.45
CA GLY J 33 23.73 -4.88 -22.49
C GLY J 33 23.05 -4.28 -21.27
N ILE J 34 21.83 -3.76 -21.44
CA ILE J 34 21.12 -3.08 -20.33
C ILE J 34 20.19 -4.04 -19.59
N LEU J 35 19.31 -4.77 -20.30
CA LEU J 35 18.31 -5.60 -19.65
C LEU J 35 18.67 -7.08 -19.64
N LYS J 36 19.82 -7.47 -20.17
CA LYS J 36 20.36 -8.82 -20.01
C LYS J 36 19.44 -9.91 -20.61
N ARG J 37 19.01 -9.70 -21.87
CA ARG J 37 18.17 -10.59 -22.70
C ARG J 37 18.75 -10.57 -24.12
N PRO J 38 19.06 -11.74 -24.67
CA PRO J 38 19.71 -11.82 -25.98
C PRO J 38 18.81 -11.31 -27.08
N PRO J 39 19.37 -10.94 -28.23
CA PRO J 39 18.52 -10.42 -29.31
C PRO J 39 17.41 -11.36 -29.75
N ASP J 40 17.63 -12.68 -29.75
CA ASP J 40 16.57 -13.59 -30.17
C ASP J 40 15.45 -13.74 -29.15
N GLU J 41 15.55 -13.12 -27.98
CA GLU J 41 14.46 -13.09 -27.02
C GLU J 41 13.69 -11.78 -27.05
N GLN J 42 13.98 -10.92 -28.03
CA GLN J 42 13.41 -9.59 -28.14
C GLN J 42 12.69 -9.38 -29.47
N ARG J 43 11.60 -8.62 -29.40
CA ARG J 43 10.96 -8.04 -30.57
C ARG J 43 10.90 -6.53 -30.40
N LEU J 44 11.33 -5.80 -31.41
CA LEU J 44 11.25 -4.35 -31.40
C LEU J 44 10.18 -3.92 -32.39
N TYR J 45 9.42 -2.89 -32.03
CA TYR J 45 8.29 -2.46 -32.82
C TYR J 45 8.43 -0.97 -33.06
N LYS J 46 7.94 -0.52 -34.21
CA LYS J 46 7.60 0.88 -34.42
C LYS J 46 6.10 0.94 -34.55
N ASP J 47 5.48 1.64 -33.62
CA ASP J 47 4.03 1.62 -33.42
C ASP J 47 3.67 0.14 -33.24
N ASP J 48 2.70 -0.40 -33.96
CA ASP J 48 2.35 -1.80 -33.81
C ASP J 48 3.04 -2.70 -34.82
N GLN J 49 4.05 -2.19 -35.54
CA GLN J 49 4.63 -2.89 -36.68
C GLN J 49 5.98 -3.49 -36.28
N LEU J 50 6.11 -4.80 -36.43
CA LEU J 50 7.38 -5.48 -36.19
C LEU J 50 8.43 -5.01 -37.19
N LEU J 51 9.64 -4.77 -36.69
CA LEU J 51 10.73 -4.26 -37.51
C LEU J 51 11.65 -5.42 -37.88
N ASP J 52 12.15 -5.41 -39.11
CA ASP J 52 13.06 -6.48 -39.51
C ASP J 52 14.45 -6.14 -39.02
N ASP J 53 15.12 -7.19 -38.52
CA ASP J 53 16.43 -7.07 -37.92
C ASP J 53 17.45 -6.40 -38.84
N GLY J 54 17.39 -6.72 -40.13
CA GLY J 54 18.40 -6.23 -41.06
C GLY J 54 18.18 -4.82 -41.56
N LYS J 55 17.02 -4.24 -41.29
CA LYS J 55 16.74 -2.91 -41.75
C LYS J 55 17.45 -1.92 -40.84
N THR J 56 17.91 -0.81 -41.41
CA THR J 56 18.47 0.27 -40.64
C THR J 56 17.37 1.14 -40.03
N LEU J 57 17.77 1.88 -39.00
CA LEU J 57 16.83 2.75 -38.30
C LEU J 57 16.25 3.79 -39.23
N GLY J 58 17.09 4.35 -40.10
CA GLY J 58 16.58 5.31 -41.07
C GLY J 58 15.57 4.70 -42.02
N GLU J 59 15.79 3.45 -42.43
CA GLU J 59 14.82 2.74 -43.26
C GLU J 59 13.50 2.51 -42.54
N CYS J 60 13.52 2.33 -41.23
CA CYS J 60 12.30 2.16 -40.45
C CYS J 60 11.58 3.45 -40.09
N GLY J 61 12.02 4.60 -40.59
CA GLY J 61 11.34 5.85 -40.30
C GLY J 61 11.84 6.61 -39.10
N PHE J 62 13.02 6.26 -38.59
CA PHE J 62 13.67 6.97 -37.49
C PHE J 62 14.73 7.92 -38.04
N THR J 63 14.44 9.22 -38.01
CA THR J 63 15.32 10.21 -38.62
C THR J 63 15.59 11.31 -37.59
N SER J 64 16.59 12.14 -37.91
CA SER J 64 16.90 13.31 -37.08
C SER J 64 15.71 14.23 -36.90
N GLN J 65 14.83 14.29 -37.90
CA GLN J 65 13.65 15.16 -37.82
C GLN J 65 12.59 14.59 -36.89
N THR J 66 12.56 13.27 -36.68
CA THR J 66 11.50 12.61 -35.93
C THR J 66 11.99 11.95 -34.65
N ALA J 67 13.30 11.93 -34.39
CA ALA J 67 13.85 11.23 -33.24
C ALA J 67 14.87 12.18 -32.63
N ARG J 68 14.37 13.16 -31.95
CA ARG J 68 15.07 14.32 -31.44
C ARG J 68 15.42 14.15 -29.96
N PRO J 69 16.51 14.75 -29.47
CA PRO J 69 16.84 14.61 -28.04
C PRO J 69 15.68 15.02 -27.12
N GLN J 70 15.04 16.15 -27.41
CA GLN J 70 13.97 16.69 -26.58
C GLN J 70 12.63 16.07 -26.92
N ALA J 71 12.59 15.19 -27.90
CA ALA J 71 11.37 14.53 -28.32
C ALA J 71 11.76 13.23 -28.99
N PRO J 72 12.20 12.24 -28.22
CA PRO J 72 12.73 11.01 -28.84
C PRO J 72 11.61 10.16 -29.43
N ALA J 73 11.97 9.35 -30.42
CA ALA J 73 11.00 8.45 -31.02
C ALA J 73 10.91 7.19 -30.17
N THR J 74 9.73 6.56 -30.18
CA THR J 74 9.48 5.40 -29.34
C THR J 74 9.63 4.10 -30.10
N VAL J 75 10.42 3.19 -29.53
CA VAL J 75 10.56 1.81 -29.99
C VAL J 75 9.95 0.89 -28.96
N GLY J 76 8.98 0.07 -29.39
CA GLY J 76 8.38 -0.92 -28.53
C GLY J 76 9.28 -2.15 -28.41
N LEU J 77 9.20 -2.79 -27.24
CA LEU J 77 10.05 -3.94 -26.91
C LEU J 77 9.17 -5.05 -26.34
N ALA J 78 9.36 -6.27 -26.84
CA ALA J 78 8.66 -7.43 -26.29
C ALA J 78 9.65 -8.56 -26.04
N PHE J 79 9.46 -9.26 -24.92
CA PHE J 79 10.31 -10.38 -24.50
C PHE J 79 9.65 -11.72 -24.79
N ARG J 80 10.49 -12.74 -24.94
CA ARG J 80 10.06 -14.13 -25.07
C ARG J 80 9.79 -14.81 -23.72
N ASP J 82 9.19 -17.51 -21.58
CA ASP J 82 9.50 -18.93 -21.82
C ASP J 82 9.55 -19.26 -23.31
N ASP J 83 8.62 -20.11 -23.75
CA ASP J 83 8.57 -20.57 -25.14
C ASP J 83 8.35 -19.41 -26.08
N THR J 84 7.26 -18.66 -25.91
CA THR J 84 6.72 -17.83 -26.98
C THR J 84 6.76 -16.37 -26.53
N PHE J 85 6.57 -15.47 -27.48
CA PHE J 85 6.61 -14.04 -27.21
C PHE J 85 5.29 -13.53 -26.62
N GLU J 86 5.38 -12.71 -25.58
CA GLU J 86 4.24 -11.95 -25.08
C GLU J 86 3.75 -10.92 -26.09
N ALA J 87 2.48 -10.52 -25.95
CA ALA J 87 2.00 -9.39 -26.71
C ALA J 87 2.72 -8.12 -26.26
N LEU J 88 2.92 -7.20 -27.19
CA LEU J 88 3.51 -5.90 -26.86
C LEU J 88 2.66 -5.10 -25.88
N ILE J 90 2.98 -1.46 -23.35
CA ILE J 90 3.63 -0.24 -22.87
C ILE J 90 2.68 0.54 -21.98
N GLU J 91 3.07 0.66 -20.70
CA GLU J 91 2.28 1.43 -19.76
C GLU J 91 2.44 2.92 -20.05
N PRO J 92 1.33 3.64 -20.14
CA PRO J 92 1.42 5.09 -20.33
C PRO J 92 2.01 5.72 -19.09
N PHE J 93 2.63 6.89 -19.30
CA PHE J 93 3.06 7.71 -18.18
C PHE J 93 1.82 8.23 -17.42
N SER J 94 2.05 8.75 -16.22
CA SER J 94 0.95 9.29 -15.44
C SER J 94 0.29 10.48 -16.13
N SER J 95 -0.93 10.77 -15.71
CA SER J 95 -1.69 11.89 -16.26
C SER J 95 -1.44 13.14 -15.44
N PRO J 96 -1.18 14.28 -16.08
CA PRO J 96 -1.01 15.51 -15.32
C PRO J 96 -2.29 15.96 -14.66
N PRO J 97 -2.21 16.70 -13.57
CA PRO J 97 -3.41 17.24 -12.93
C PRO J 97 -4.05 18.32 -13.79
N GLU J 98 -5.25 18.69 -13.40
CA GLU J 98 -5.96 19.79 -14.04
C GLU J 98 -5.18 21.09 -13.87
N LEU J 99 -5.20 21.88 -14.93
CA LEU J 99 -4.64 23.21 -14.82
C LEU J 99 -5.24 23.95 -13.62
N PRO J 100 -4.40 24.47 -12.73
CA PRO J 100 -4.87 25.32 -11.64
C PRO J 100 -5.60 26.56 -12.13
N ASP J 101 -6.36 27.10 -11.18
CA ASP J 101 -7.17 28.28 -11.41
C ASP J 101 -6.35 29.42 -11.96
N VAL J 102 -5.19 29.67 -11.36
CA VAL J 102 -4.43 30.83 -11.77
C VAL J 102 -3.89 30.77 -13.20
N MET J 103 -3.91 29.63 -13.91
CA MET J 103 -3.59 29.60 -15.34
C MET J 103 -4.78 29.36 -16.26
N LYS J 104 -5.87 28.78 -15.77
CA LYS J 104 -6.95 28.46 -16.73
C LYS J 104 -7.59 29.75 -17.25
N MET K 1 29.84 2.84 -22.08
CA MET K 1 29.08 3.62 -21.08
C MET K 1 27.90 2.87 -20.44
N MET K 2 27.81 2.82 -19.10
CA MET K 2 26.69 2.23 -18.40
C MET K 2 25.56 3.23 -18.26
N TYR K 3 24.54 2.69 -17.66
CA TYR K 3 23.27 3.28 -17.36
C TYR K 3 22.99 3.36 -15.87
N VAL K 4 22.03 4.21 -15.53
CA VAL K 4 21.49 4.30 -14.18
C VAL K 4 19.99 4.15 -14.32
N LYS K 5 19.36 3.73 -13.24
CA LYS K 5 17.92 3.53 -13.22
C LYS K 5 17.27 4.61 -12.37
N LEU K 6 16.32 5.32 -12.96
CA LEU K 6 15.52 6.33 -12.26
C LEU K 6 14.07 5.86 -12.18
N ILE K 7 13.55 5.75 -10.98
CA ILE K 7 12.23 5.18 -10.75
C ILE K 7 11.32 6.30 -10.28
N SER K 8 10.23 6.52 -10.99
CA SER K 8 9.30 7.59 -10.67
C SER K 8 8.45 7.18 -9.47
N SER K 9 7.63 8.12 -9.00
CA SER K 9 6.78 7.84 -7.85
C SER K 9 5.74 6.79 -8.15
N ASP K 10 5.26 6.74 -9.40
CA ASP K 10 4.28 5.74 -9.81
C ASP K 10 4.94 4.48 -10.35
N GLY K 11 6.26 4.33 -10.20
CA GLY K 11 6.90 3.08 -10.50
C GLY K 11 7.42 2.92 -11.92
N HIS K 12 7.35 3.96 -12.77
CA HIS K 12 8.00 3.86 -14.07
C HIS K 12 9.50 3.84 -13.90
N GLU K 13 10.15 2.95 -14.65
CA GLU K 13 11.57 2.74 -14.51
C GLU K 13 12.24 3.36 -15.73
N PHE K 14 13.07 4.38 -15.52
CA PHE K 14 13.76 5.07 -16.61
C PHE K 14 15.25 4.73 -16.60
N ILE K 15 15.77 4.16 -17.68
CA ILE K 15 17.19 3.81 -17.76
C ILE K 15 17.89 4.75 -18.74
N VAL K 16 18.85 5.53 -18.24
CA VAL K 16 19.55 6.56 -19.01
C VAL K 16 21.06 6.40 -18.82
N LYS K 17 21.81 6.87 -19.81
CA LYS K 17 23.27 6.83 -19.72
C LYS K 17 23.75 7.55 -18.47
N ARG K 18 24.74 6.95 -17.79
CA ARG K 18 25.26 7.56 -16.57
C ARG K 18 25.74 8.99 -16.82
N GLU K 19 26.55 9.20 -17.87
CA GLU K 19 27.06 10.52 -18.18
C GLU K 19 25.93 11.53 -18.33
N HIS K 20 24.81 11.13 -18.93
CA HIS K 20 23.69 12.04 -19.08
C HIS K 20 23.08 12.38 -17.72
N ALA K 21 22.92 11.38 -16.86
CA ALA K 21 22.34 11.60 -15.54
C ALA K 21 23.21 12.54 -14.72
N LEU K 22 24.54 12.48 -14.91
CA LEU K 22 25.46 13.34 -14.18
C LEU K 22 25.32 14.82 -14.51
N THR K 23 24.45 15.15 -15.47
CA THR K 23 24.03 16.53 -15.67
C THR K 23 23.43 17.12 -14.40
N SER K 24 22.73 16.30 -13.63
CA SER K 24 22.14 16.75 -12.39
C SER K 24 23.17 16.67 -11.28
N GLY K 25 23.48 17.80 -10.67
CA GLY K 25 24.37 17.81 -9.52
C GLY K 25 23.85 16.97 -8.37
N THR K 26 22.53 16.94 -8.21
CA THR K 26 21.94 16.13 -7.15
C THR K 26 22.25 14.66 -7.37
N ILE K 27 22.01 14.19 -8.59
CA ILE K 27 22.29 12.79 -8.95
C ILE K 27 23.78 12.50 -8.84
N LYS K 28 24.62 13.44 -9.27
CA LYS K 28 26.07 13.23 -9.23
C LYS K 28 26.55 12.89 -7.82
N ALA K 29 26.00 13.55 -6.80
CA ALA K 29 26.40 13.25 -5.42
C ALA K 29 25.83 11.91 -4.98
N MET K 30 24.61 11.62 -5.42
CA MET K 30 23.93 10.36 -5.10
C MET K 30 24.72 9.16 -5.60
N LEU K 31 25.45 9.32 -6.69
CA LEU K 31 26.22 8.27 -7.33
C LEU K 31 27.67 8.19 -6.86
N SER K 32 28.24 9.30 -6.39
CA SER K 32 29.66 9.29 -6.07
C SER K 32 29.94 9.07 -4.61
N GLY K 33 28.94 9.21 -3.74
CA GLY K 33 29.10 8.93 -2.33
C GLY K 33 28.05 7.97 -1.81
N ASN K 43 23.03 2.31 -8.35
CA ASN K 43 22.62 2.50 -9.74
C ASN K 43 21.11 2.53 -9.95
N GLU K 44 20.37 2.54 -8.85
CA GLU K 44 18.93 2.76 -8.87
C GLU K 44 18.72 4.00 -8.01
N VAL K 45 17.80 4.85 -8.45
CA VAL K 45 17.39 6.04 -7.73
C VAL K 45 15.88 6.06 -7.65
N ASN K 46 15.38 6.27 -6.44
CA ASN K 46 13.95 6.41 -6.20
C ASN K 46 13.67 7.91 -6.13
N PHE K 47 12.65 8.36 -6.86
CA PHE K 47 12.22 9.76 -6.86
C PHE K 47 10.82 9.68 -6.30
N ARG K 48 10.78 9.75 -4.97
CA ARG K 48 9.47 9.53 -4.39
C ARG K 48 8.44 10.58 -4.66
N GLU K 49 8.78 11.74 -5.21
CA GLU K 49 7.82 12.81 -5.39
C GLU K 49 7.53 13.14 -6.85
N ILE K 50 8.25 12.53 -7.79
CA ILE K 50 8.22 12.88 -9.20
C ILE K 50 7.53 11.78 -10.00
N PRO K 51 6.33 12.06 -10.52
CA PRO K 51 5.59 11.08 -11.32
C PRO K 51 6.21 10.93 -12.70
N SER K 52 5.78 9.88 -13.40
CA SER K 52 6.42 9.47 -14.64
C SER K 52 6.29 10.53 -15.73
N HIS K 53 5.19 11.28 -15.72
CA HIS K 53 5.02 12.35 -16.70
C HIS K 53 5.96 13.53 -16.46
N VAL K 54 6.62 13.60 -15.30
CA VAL K 54 7.67 14.59 -15.05
C VAL K 54 9.06 14.01 -15.27
N LEU K 55 9.31 12.82 -14.70
CA LEU K 55 10.63 12.21 -14.78
C LEU K 55 11.01 11.86 -16.22
N SER K 56 10.03 11.52 -17.07
CA SER K 56 10.35 11.26 -18.47
C SER K 56 10.93 12.51 -19.15
N LYS K 57 10.35 13.68 -18.88
CA LYS K 57 10.84 14.93 -19.45
C LYS K 57 12.19 15.35 -18.87
N VAL K 58 12.44 15.06 -17.60
CA VAL K 58 13.75 15.30 -17.02
C VAL K 58 14.79 14.53 -17.80
N CYS K 59 14.50 13.25 -18.07
CA CYS K 59 15.42 12.44 -18.86
C CYS K 59 15.61 13.02 -20.25
N MET K 60 14.54 13.50 -20.86
CA MET K 60 14.69 14.12 -22.17
C MET K 60 15.63 15.33 -22.08
N TYR K 61 15.50 16.12 -21.01
CA TYR K 61 16.37 17.29 -20.83
C TYR K 61 17.85 16.90 -20.74
N PHE K 62 18.17 15.84 -19.99
CA PHE K 62 19.54 15.36 -19.94
C PHE K 62 20.07 15.13 -21.33
N THR K 63 19.30 14.41 -22.16
CA THR K 63 19.73 14.19 -23.52
C THR K 63 19.92 15.51 -24.26
N TYR K 64 18.93 16.39 -24.13
CA TYR K 64 18.98 17.69 -24.78
C TYR K 64 20.19 18.50 -24.33
N LYS K 65 20.47 18.53 -23.03
CA LYS K 65 21.60 19.32 -22.55
C LYS K 65 22.93 18.82 -23.11
N VAL K 66 23.18 17.50 -23.05
CA VAL K 66 24.46 16.97 -23.52
C VAL K 66 24.63 17.19 -25.02
N ARG K 67 23.56 17.01 -25.79
CA ARG K 67 23.74 17.17 -27.24
C ARG K 67 24.03 18.62 -27.60
N TYR K 68 23.35 19.57 -26.95
CA TYR K 68 23.41 20.92 -27.48
C TYR K 68 24.30 21.86 -26.69
N THR K 69 24.82 21.44 -25.53
CA THR K 69 25.71 22.33 -24.80
C THR K 69 26.98 22.48 -25.63
N ASN K 70 27.47 23.71 -25.74
CA ASN K 70 28.70 23.95 -26.52
C ASN K 70 28.56 23.44 -27.94
N SER K 71 27.50 23.85 -28.62
CA SER K 71 27.36 23.54 -30.03
C SER K 71 27.26 24.80 -30.86
N SER K 72 27.70 24.70 -32.12
CA SER K 72 27.60 25.85 -33.00
C SER K 72 26.43 25.69 -33.96
N THR K 73 25.87 24.47 -34.00
CA THR K 73 24.55 24.16 -34.54
C THR K 73 23.41 24.85 -33.81
N GLU K 74 22.46 25.35 -34.60
CA GLU K 74 21.35 26.12 -34.03
C GLU K 74 20.59 25.28 -33.02
N ILE K 75 20.26 25.89 -31.88
CA ILE K 75 19.67 25.19 -30.73
C ILE K 75 18.15 25.21 -30.84
N PRO K 76 17.48 24.06 -30.75
CA PRO K 76 16.01 24.11 -30.70
C PRO K 76 15.46 24.36 -29.30
N GLU K 77 14.22 24.82 -29.26
CA GLU K 77 13.54 25.02 -28.00
C GLU K 77 13.29 23.70 -27.29
N PHE K 78 13.49 23.67 -25.98
CA PHE K 78 13.06 22.53 -25.19
C PHE K 78 11.57 22.66 -24.87
N PRO K 79 10.72 21.75 -25.31
CA PRO K 79 9.27 21.95 -25.15
C PRO K 79 8.79 21.46 -23.79
N ILE K 80 7.83 22.19 -23.21
CA ILE K 80 7.23 21.83 -21.93
C ILE K 80 5.72 22.06 -22.01
N ALA K 81 4.95 20.99 -21.95
CA ALA K 81 3.51 21.14 -21.96
C ALA K 81 3.04 21.90 -20.72
N PRO K 82 2.06 22.79 -20.85
CA PRO K 82 1.55 23.52 -19.69
C PRO K 82 1.14 22.63 -18.52
N GLU K 83 0.65 21.41 -18.79
CA GLU K 83 0.08 20.64 -17.68
C GLU K 83 1.16 20.15 -16.73
N ILE K 84 2.41 20.07 -17.20
CA ILE K 84 3.50 19.54 -16.38
C ILE K 84 4.48 20.61 -15.94
N ALA K 85 4.29 21.87 -16.36
CA ALA K 85 5.29 22.90 -16.11
C ALA K 85 5.53 23.10 -14.62
N LEU K 86 4.46 23.12 -13.83
CA LEU K 86 4.61 23.35 -12.40
C LEU K 86 5.34 22.20 -11.74
N GLU K 87 4.94 20.96 -12.05
CA GLU K 87 5.59 19.81 -11.45
C GLU K 87 7.02 19.66 -11.95
N LEU K 88 7.26 19.92 -13.23
CA LEU K 88 8.63 19.87 -13.70
C LEU K 88 9.52 20.90 -13.01
N LEU K 89 8.96 22.06 -12.68
CA LEU K 89 9.74 23.08 -11.99
C LEU K 89 10.21 22.60 -10.60
N MET K 90 9.33 21.95 -9.83
CA MET K 90 9.79 21.43 -8.54
C MET K 90 10.85 20.36 -8.74
N ALA K 91 10.66 19.46 -9.71
CA ALA K 91 11.66 18.44 -9.97
C ALA K 91 13.01 19.06 -10.35
N ALA K 92 13.00 20.02 -11.29
CA ALA K 92 14.25 20.63 -11.73
C ALA K 92 14.99 21.33 -10.59
N ASN K 93 14.24 21.98 -9.70
CA ASN K 93 14.85 22.61 -8.53
C ASN K 93 15.60 21.59 -7.69
N PHE K 94 14.99 20.44 -7.42
CA PHE K 94 15.63 19.45 -6.57
C PHE K 94 16.88 18.87 -7.22
N LEU K 95 16.83 18.63 -8.54
CA LEU K 95 17.94 17.99 -9.24
C LEU K 95 19.08 18.94 -9.61
N ASP K 96 18.90 20.25 -9.45
CA ASP K 96 19.96 21.22 -9.76
C ASP K 96 20.47 21.07 -11.19
N CYS K 97 19.53 21.19 -12.12
CA CYS K 97 19.87 21.14 -13.53
C CYS K 97 19.03 22.16 -14.32
N VAL L 11 31.12 51.72 -16.66
CA VAL L 11 30.92 50.30 -16.84
C VAL L 11 30.82 49.92 -18.32
N LEU L 12 29.73 49.23 -18.62
CA LEU L 12 29.41 48.60 -19.90
C LEU L 12 28.77 49.61 -20.85
N ARG L 13 29.55 50.19 -21.76
CA ARG L 13 28.99 51.11 -22.74
C ARG L 13 29.75 51.01 -24.04
N SER L 14 29.07 51.49 -25.09
CA SER L 14 29.68 51.58 -26.42
C SER L 14 30.72 52.69 -26.47
N VAL L 15 31.77 52.44 -27.23
CA VAL L 15 32.76 53.44 -27.56
C VAL L 15 32.29 54.26 -28.74
N ASN L 16 32.47 55.58 -28.66
CA ASN L 16 32.07 56.47 -29.74
C ASN L 16 33.20 56.52 -30.79
N SER L 17 33.38 55.39 -31.47
CA SER L 17 34.46 55.29 -32.44
C SER L 17 34.18 56.09 -33.69
N ARG L 18 32.90 56.21 -34.07
CA ARG L 18 32.47 56.79 -35.35
C ARG L 18 33.09 56.02 -36.54
N GLU L 19 33.42 54.75 -36.34
CA GLU L 19 33.90 53.95 -37.46
C GLU L 19 32.77 53.00 -37.86
N PRO L 20 32.14 53.21 -39.01
CA PRO L 20 30.99 52.37 -39.38
C PRO L 20 31.38 50.91 -39.47
N SER L 21 30.45 50.05 -39.07
CA SER L 21 30.63 48.60 -39.17
C SER L 21 29.31 47.98 -39.56
N GLN L 22 29.29 47.30 -40.69
CA GLN L 22 28.09 46.67 -41.20
C GLN L 22 27.95 45.27 -40.60
N VAL L 23 26.74 44.93 -40.15
CA VAL L 23 26.50 43.73 -39.37
C VAL L 23 25.28 43.01 -39.95
N ILE L 24 25.29 41.69 -39.88
CA ILE L 24 24.10 40.91 -40.16
C ILE L 24 23.57 40.34 -38.86
N PHE L 25 22.40 40.83 -38.44
CA PHE L 25 21.64 40.23 -37.35
C PHE L 25 20.91 38.99 -37.86
N ASN L 27 18.77 35.87 -36.86
CA ASN L 27 18.00 35.23 -35.80
C ASN L 27 17.81 33.74 -36.04
N ARG L 28 18.71 32.94 -35.49
CA ARG L 28 18.63 31.47 -35.57
C ARG L 28 17.99 30.88 -34.34
N SER L 29 16.91 31.48 -33.87
CA SER L 29 16.18 31.02 -32.70
C SER L 29 14.70 31.01 -33.03
N PRO L 30 13.89 30.33 -32.23
CA PRO L 30 12.43 30.37 -32.45
C PRO L 30 11.74 31.53 -31.76
N ARG L 31 12.49 32.44 -31.16
CA ARG L 31 11.94 33.59 -30.47
C ARG L 31 11.89 34.80 -31.41
N VAL L 32 10.94 35.70 -31.16
CA VAL L 32 11.06 37.05 -31.69
C VAL L 32 12.16 37.75 -30.92
N VAL L 33 13.16 38.28 -31.62
CA VAL L 33 14.37 38.78 -30.97
C VAL L 33 14.32 40.29 -30.87
N LEU L 34 14.61 40.82 -29.67
CA LEU L 34 14.80 42.24 -29.44
C LEU L 34 16.29 42.56 -29.38
N PRO L 35 16.84 43.26 -30.37
CA PRO L 35 18.24 43.72 -30.23
C PRO L 35 18.30 44.89 -29.27
N VAL L 36 19.34 44.91 -28.43
CA VAL L 36 19.49 45.98 -27.44
C VAL L 36 20.88 46.56 -27.57
N TRP L 37 20.95 47.85 -27.89
CA TRP L 37 22.21 48.58 -27.97
C TRP L 37 22.48 49.29 -26.66
N LEU L 38 23.68 49.10 -26.12
CA LEU L 38 24.11 49.88 -24.98
C LEU L 38 24.67 51.21 -25.47
N ASN L 39 24.00 52.31 -25.13
CA ASN L 39 24.38 53.61 -25.65
C ASN L 39 25.59 54.17 -24.91
N PHE L 40 25.98 55.41 -25.26
CA PHE L 40 27.23 55.97 -24.76
C PHE L 40 27.21 56.25 -23.26
N ASP L 41 26.04 56.30 -22.64
CA ASP L 41 25.96 56.36 -21.19
C ASP L 41 25.86 54.99 -20.56
N GLY L 42 25.72 53.95 -21.37
CA GLY L 42 25.49 52.61 -20.86
C GLY L 42 24.03 52.26 -20.72
N GLU L 43 23.12 53.13 -21.14
CA GLU L 43 21.69 52.85 -21.05
C GLU L 43 21.28 51.89 -22.16
N PRO L 44 20.54 50.83 -21.85
CA PRO L 44 20.09 49.93 -22.90
C PRO L 44 19.05 50.62 -23.78
N GLN L 45 19.25 50.53 -25.09
N GLN L 45 19.24 50.50 -25.10
CA GLN L 45 18.32 51.11 -26.06
CA GLN L 45 18.32 51.11 -26.06
C GLN L 45 17.71 50.00 -26.90
C GLN L 45 17.71 50.01 -26.92
N PRO L 46 16.40 49.79 -26.85
CA PRO L 46 15.79 48.76 -27.69
C PRO L 46 15.73 49.19 -29.16
N TYR L 47 15.85 48.19 -30.04
CA TYR L 47 15.82 48.36 -31.48
C TYR L 47 14.71 47.50 -32.09
N PRO L 48 14.37 47.67 -33.37
CA PRO L 48 13.26 46.91 -33.95
C PRO L 48 13.48 45.41 -33.83
N THR L 49 12.39 44.68 -33.68
CA THR L 49 12.48 43.26 -33.41
C THR L 49 12.71 42.47 -34.70
N LEU L 50 13.25 41.26 -34.51
CA LEU L 50 13.47 40.29 -35.59
C LEU L 50 12.58 39.08 -35.37
N PRO L 51 11.69 38.76 -36.31
CA PRO L 51 10.92 37.51 -36.25
C PRO L 51 11.84 36.30 -36.32
N PRO L 52 11.39 35.17 -35.79
CA PRO L 52 12.20 33.95 -35.85
C PRO L 52 12.61 33.63 -37.27
N GLY L 53 13.85 33.18 -37.45
CA GLY L 53 14.31 32.74 -38.75
C GLY L 53 14.60 33.82 -39.75
N THR L 54 14.60 35.09 -39.34
CA THR L 54 14.84 36.19 -40.25
C THR L 54 16.21 36.82 -40.02
N GLY L 55 16.67 37.53 -41.03
CA GLY L 55 17.94 38.24 -40.92
C GLY L 55 17.82 39.64 -41.47
N ARG L 56 18.65 40.54 -40.93
CA ARG L 56 18.72 41.93 -41.33
C ARG L 56 20.16 42.37 -41.38
N ARG L 57 20.50 43.15 -42.41
CA ARG L 57 21.77 43.84 -42.50
C ARG L 57 21.61 45.24 -41.91
N ILE L 58 22.31 45.53 -40.82
CA ILE L 58 22.17 46.80 -40.12
C ILE L 58 23.50 47.53 -40.10
N HIS L 59 23.42 48.85 -39.96
CA HIS L 59 24.59 49.72 -39.92
C HIS L 59 24.88 50.04 -38.46
N SER L 60 26.02 49.58 -37.97
CA SER L 60 26.44 49.89 -36.61
C SER L 60 27.86 50.47 -36.67
N TYR L 61 28.59 50.38 -35.58
CA TYR L 61 29.88 51.03 -35.49
C TYR L 61 30.83 50.14 -34.70
N ARG L 62 32.13 50.21 -35.04
CA ARG L 62 33.13 49.47 -34.31
C ARG L 62 33.13 49.86 -32.83
N GLY L 63 33.24 48.87 -31.96
CA GLY L 63 33.30 49.15 -30.55
C GLY L 63 31.98 49.38 -29.87
N HIS L 64 30.87 49.28 -30.59
CA HIS L 64 29.57 49.41 -29.96
C HIS L 64 29.18 48.08 -29.30
N LEU L 65 28.30 48.16 -28.31
CA LEU L 65 27.97 46.99 -27.52
C LEU L 65 26.52 46.61 -27.75
N TRP L 66 26.27 45.33 -28.05
CA TRP L 66 24.92 44.83 -28.27
C TRP L 66 24.64 43.59 -27.45
N LEU L 67 23.38 43.42 -27.08
CA LEU L 67 22.90 42.15 -26.53
C LEU L 67 21.49 41.91 -27.07
N PHE L 68 20.99 40.69 -26.86
CA PHE L 68 19.78 40.25 -27.55
C PHE L 68 18.88 39.51 -26.58
N ARG L 69 17.57 39.76 -26.70
CA ARG L 69 16.58 39.26 -25.76
C ARG L 69 15.34 38.80 -26.50
N ASP L 70 14.58 37.93 -25.84
CA ASP L 70 13.24 37.60 -26.29
C ASP L 70 12.37 38.86 -26.15
N ALA L 71 11.76 39.28 -27.26
CA ALA L 71 11.05 40.55 -27.26
C ALA L 71 9.83 40.51 -26.35
N GLY L 72 9.24 39.35 -26.13
CA GLY L 72 8.04 39.30 -25.33
C GLY L 72 8.30 39.07 -23.85
N THR L 73 9.34 38.30 -23.53
CA THR L 73 9.61 37.89 -22.15
C THR L 73 10.91 38.42 -21.58
N HIS L 74 11.81 38.94 -22.42
CA HIS L 74 13.14 39.42 -22.05
C HIS L 74 14.08 38.31 -21.60
N ASP L 75 13.73 37.04 -21.83
CA ASP L 75 14.69 35.95 -21.67
C ASP L 75 15.98 36.29 -22.40
N GLY L 76 17.12 35.99 -21.79
CA GLY L 76 18.38 36.27 -22.44
C GLY L 76 18.70 35.29 -23.57
N LEU L 77 19.35 35.82 -24.61
CA LEU L 77 19.76 35.04 -25.76
C LEU L 77 21.27 35.19 -25.96
N LEU L 78 21.84 34.30 -26.75
CA LEU L 78 23.27 34.36 -27.08
C LEU L 78 23.48 34.93 -28.47
N VAL L 79 24.63 35.57 -28.65
CA VAL L 79 25.04 36.07 -29.95
C VAL L 79 26.48 35.63 -30.19
N ASN L 80 26.72 34.89 -31.27
CA ASN L 80 27.99 34.23 -31.50
C ASN L 80 28.47 33.49 -30.27
N GLN L 81 27.54 32.77 -29.62
CA GLN L 81 27.76 31.84 -28.52
C GLN L 81 28.10 32.55 -27.22
N THR L 82 27.93 33.87 -27.13
CA THR L 82 28.22 34.57 -25.91
C THR L 82 27.11 35.60 -25.66
N GLU L 83 27.30 36.42 -24.61
CA GLU L 83 26.27 37.34 -24.14
C GLU L 83 26.24 38.62 -24.96
N LEU L 84 27.41 39.17 -25.25
CA LEU L 84 27.57 40.49 -25.82
C LEU L 84 28.20 40.39 -27.20
N PHE L 85 27.76 41.25 -28.11
CA PHE L 85 28.30 41.34 -29.46
C PHE L 85 28.88 42.72 -29.70
N VAL L 86 30.12 42.74 -30.18
CA VAL L 86 30.81 44.00 -30.49
C VAL L 86 31.18 44.02 -31.97
N PRO L 87 30.59 44.90 -32.76
CA PRO L 87 30.97 45.01 -34.17
C PRO L 87 32.46 45.27 -34.30
N SER L 88 33.06 44.66 -35.31
CA SER L 88 34.49 44.79 -35.57
C SER L 88 34.66 45.45 -36.94
N LEU L 89 35.89 45.48 -37.39
CA LEU L 89 36.19 46.02 -38.71
C LEU L 89 35.71 45.12 -39.86
N ASN L 90 34.95 45.71 -40.80
CA ASN L 90 34.61 44.97 -42.01
C ASN L 90 35.82 44.86 -42.93
N VAL L 91 36.27 43.64 -43.16
CA VAL L 91 37.42 43.38 -44.01
C VAL L 91 36.92 43.13 -45.42
N ASP L 92 37.36 43.97 -46.36
CA ASP L 92 37.04 43.84 -47.77
C ASP L 92 35.53 43.88 -48.00
N GLY L 93 34.86 44.79 -47.31
CA GLY L 93 33.44 44.97 -47.49
C GLY L 93 32.58 43.84 -46.97
N GLN L 94 33.18 42.84 -46.35
CA GLN L 94 32.39 41.74 -45.83
C GLN L 94 31.74 42.18 -44.52
N PRO L 95 30.42 42.01 -44.37
CA PRO L 95 29.78 42.27 -43.08
C PRO L 95 30.07 41.24 -42.01
N ILE L 96 29.91 41.70 -40.74
CA ILE L 96 30.05 40.85 -39.56
C ILE L 96 28.72 40.19 -39.25
N PHE L 97 28.75 38.87 -39.09
CA PHE L 97 27.56 38.11 -38.76
C PHE L 97 27.39 38.06 -37.26
N ALA L 98 26.20 38.45 -36.77
CA ALA L 98 25.80 38.27 -35.38
C ALA L 98 24.73 37.18 -35.32
N ASN L 99 25.15 35.95 -35.00
CA ASN L 99 24.25 34.79 -34.97
C ASN L 99 23.56 34.68 -33.62
N ILE L 100 22.26 34.94 -33.60
CA ILE L 100 21.48 34.94 -32.38
C ILE L 100 20.85 33.56 -32.21
N THR L 101 21.09 32.94 -31.07
CA THR L 101 20.64 31.58 -30.85
C THR L 101 20.02 31.46 -29.46
N LEU L 102 19.24 30.40 -29.29
CA LEU L 102 18.83 30.01 -27.96
C LEU L 102 20.06 29.51 -27.21
N PRO L 103 20.20 29.86 -25.94
CA PRO L 103 21.12 29.13 -25.07
C PRO L 103 20.51 27.79 -24.69
N VAL L 104 21.37 26.88 -24.23
CA VAL L 104 20.90 25.73 -23.48
C VAL L 104 20.53 26.21 -22.09
N TYR L 105 19.27 26.58 -21.89
CA TYR L 105 18.83 26.97 -20.56
C TYR L 105 18.91 25.81 -19.59
N THR L 106 19.10 26.12 -18.31
CA THR L 106 18.88 25.09 -17.31
C THR L 106 17.42 24.66 -17.34
N LEU L 107 17.17 23.41 -16.93
CA LEU L 107 15.79 22.94 -16.87
C LEU L 107 14.96 23.84 -15.97
N LYS L 108 15.50 24.19 -14.81
CA LYS L 108 14.82 25.08 -13.88
C LYS L 108 14.44 26.40 -14.55
N GLU L 109 15.39 27.02 -15.25
CA GLU L 109 15.09 28.31 -15.86
C GLU L 109 14.05 28.15 -16.95
N ARG L 110 14.17 27.09 -17.73
CA ARG L 110 13.19 26.82 -18.77
C ARG L 110 11.80 26.66 -18.17
N CYS L 111 11.71 25.92 -17.07
CA CYS L 111 10.44 25.79 -16.36
C CYS L 111 9.91 27.13 -15.88
N LEU L 112 10.75 27.96 -15.26
CA LEU L 112 10.29 29.26 -14.81
C LEU L 112 9.74 30.08 -15.96
N GLN L 113 10.33 29.94 -17.16
CA GLN L 113 9.83 30.66 -18.31
C GLN L 113 8.41 30.25 -18.63
N VAL L 114 8.16 28.94 -18.69
CA VAL L 114 6.83 28.47 -19.06
C VAL L 114 5.81 28.86 -17.99
N VAL L 115 6.19 28.71 -16.71
CA VAL L 115 5.28 29.10 -15.63
C VAL L 115 5.04 30.61 -15.62
N ARG L 116 6.09 31.42 -15.76
CA ARG L 116 5.89 32.87 -15.84
C ARG L 116 4.98 33.25 -16.99
N SER L 117 5.12 32.56 -18.11
CA SER L 117 4.32 32.92 -19.27
C SER L 117 2.86 32.58 -19.10
N LEU L 118 2.55 31.77 -18.09
CA LEU L 118 1.20 31.28 -17.86
C LEU L 118 0.53 31.83 -16.61
N VAL L 119 1.28 32.43 -15.68
CA VAL L 119 0.78 32.87 -14.38
C VAL L 119 1.04 34.36 -14.24
N LYS L 120 -0.01 35.12 -13.94
CA LYS L 120 0.16 36.53 -13.64
C LYS L 120 1.08 36.72 -12.44
N PRO L 121 1.97 37.71 -12.47
CA PRO L 121 2.91 37.89 -11.34
C PRO L 121 2.23 38.07 -10.00
N GLU L 122 0.99 38.57 -9.97
CA GLU L 122 0.27 38.64 -8.71
C GLU L 122 0.05 37.26 -8.09
N ASN L 123 -0.10 36.22 -8.91
CA ASN L 123 -0.54 34.92 -8.44
C ASN L 123 0.59 33.91 -8.26
N TYR L 124 1.86 34.30 -8.46
CA TYR L 124 2.95 33.36 -8.24
C TYR L 124 2.91 32.79 -6.83
N ARG L 125 2.62 33.64 -5.84
CA ARG L 125 2.61 33.25 -4.45
C ARG L 125 1.48 32.30 -4.11
N ARG L 126 0.43 32.23 -4.93
CA ARG L 126 -0.69 31.34 -4.71
C ARG L 126 -0.45 29.93 -5.25
N LEU L 127 0.72 29.68 -5.81
CA LEU L 127 1.09 28.35 -6.29
C LEU L 127 1.63 27.49 -5.15
N ASP L 128 1.34 26.19 -5.21
CA ASP L 128 1.72 25.25 -4.15
C ASP L 128 3.12 24.71 -4.44
N ILE L 129 4.14 25.52 -4.14
CA ILE L 129 5.53 25.21 -4.42
C ILE L 129 6.33 25.74 -3.24
N VAL L 130 7.53 25.19 -3.05
CA VAL L 130 8.35 25.64 -1.94
C VAL L 130 8.71 27.13 -2.07
N ARG L 131 8.97 27.74 -0.91
CA ARG L 131 9.15 29.20 -0.80
C ARG L 131 10.31 29.75 -1.64
N SER L 132 11.41 29.01 -1.75
CA SER L 132 12.56 29.52 -2.51
C SER L 132 12.23 29.80 -3.98
N LEU L 133 11.30 29.06 -4.57
CA LEU L 133 10.90 29.21 -5.95
C LEU L 133 10.01 30.43 -6.19
N TYR L 134 9.26 30.84 -5.16
CA TYR L 134 8.58 32.14 -5.18
C TYR L 134 9.52 33.26 -5.63
N GLU L 135 10.70 33.36 -5.02
CA GLU L 135 11.58 34.47 -5.40
C GLU L 135 12.06 34.30 -6.81
N ASP L 136 12.30 33.05 -7.20
CA ASP L 136 12.75 32.70 -8.55
C ASP L 136 11.74 33.11 -9.61
N LEU L 137 10.45 32.89 -9.36
CA LEU L 137 9.42 33.28 -10.30
C LEU L 137 9.39 34.79 -10.44
N GLU L 138 9.41 35.48 -9.29
CA GLU L 138 9.31 36.93 -9.23
C GLU L 138 10.51 37.61 -9.85
N ASP L 139 11.65 36.93 -9.93
CA ASP L 139 12.86 37.51 -10.51
C ASP L 139 12.78 37.39 -12.03
N HIS L 140 11.93 38.23 -12.61
CA HIS L 140 11.76 38.26 -14.06
C HIS L 140 13.09 38.55 -14.73
N PRO L 141 13.34 37.96 -15.89
CA PRO L 141 14.54 38.35 -16.65
C PRO L 141 14.50 39.85 -16.86
N ASN L 142 15.67 40.48 -16.75
CA ASN L 142 15.69 41.93 -16.67
C ASN L 142 17.06 42.35 -17.20
N VAL L 143 17.07 43.22 -18.22
CA VAL L 143 18.33 43.60 -18.84
C VAL L 143 19.20 44.35 -17.82
N GLN L 144 18.58 45.27 -17.07
CA GLN L 144 19.33 46.08 -16.12
C GLN L 144 19.98 45.23 -15.03
N LYS L 145 19.28 44.22 -14.52
CA LYS L 145 19.90 43.35 -13.53
C LYS L 145 21.01 42.49 -14.14
N ASP L 146 20.86 42.08 -15.40
CA ASP L 146 21.91 41.31 -16.07
C ASP L 146 23.16 42.14 -16.32
N LEU L 147 23.02 43.41 -16.70
CA LEU L 147 24.20 44.25 -16.86
C LEU L 147 24.91 44.46 -15.53
N GLU L 148 24.16 44.62 -14.45
CA GLU L 148 24.77 44.70 -13.12
C GLU L 148 25.55 43.42 -12.83
N ARG L 149 24.96 42.26 -13.15
CA ARG L 149 25.65 40.99 -12.95
C ARG L 149 26.92 40.93 -13.78
N LEU L 150 26.82 41.26 -15.08
CA LEU L 150 27.98 41.18 -15.96
C LEU L 150 29.11 42.09 -15.49
N THR L 151 28.78 43.28 -14.98
CA THR L 151 29.82 44.18 -14.49
C THR L 151 30.59 43.56 -13.34
N GLN L 152 29.90 42.87 -12.43
CA GLN L 152 30.59 42.26 -11.30
C GLN L 152 31.52 41.14 -11.75
N GLU L 153 31.08 40.30 -12.68
CA GLU L 153 31.93 39.24 -13.24
C GLU L 153 33.22 39.81 -13.82
#